data_2K5T
#
_entry.id   2K5T
#
loop_
_entity.id
_entity.type
_entity.pdbx_description
1 polymer 'Uncharacterized protein yhhK'
2 non-polymer 'COENZYME A'
#
_entity_poly.entity_id   1
_entity_poly.type   'polypeptide(L)'
_entity_poly.pdbx_seq_one_letter_code
;MKLTIIRLEKFSDQDRIDLQKIWPEYSPSSLQVDDNHRIYAARFNERLLAAVRVTLSGTEGALDSLRVREVTRRRGVGQY
LLEEVLRNNPGVSCWWMADAGVEDRGVMTAFMQALGFTTQQGGWEKCG
;
_entity_poly.pdbx_strand_id   A
#
# COMPACT_ATOMS: atom_id res chain seq x y z
N MET A 1 19.06 -4.65 6.83
CA MET A 1 17.89 -3.76 6.78
C MET A 1 16.68 -4.49 6.21
N LYS A 2 15.75 -4.87 7.07
CA LYS A 2 14.49 -5.46 6.63
C LYS A 2 13.33 -4.57 7.00
N LEU A 3 12.47 -4.30 6.03
CA LEU A 3 11.29 -3.48 6.25
C LEU A 3 10.24 -4.30 6.98
N THR A 4 9.91 -3.89 8.20
CA THR A 4 8.94 -4.61 9.00
C THR A 4 7.52 -4.19 8.61
N ILE A 5 6.86 -5.04 7.83
CA ILE A 5 5.51 -4.77 7.42
C ILE A 5 4.52 -5.39 8.42
N ILE A 6 3.80 -4.51 9.11
CA ILE A 6 2.86 -4.95 10.12
C ILE A 6 1.45 -4.79 9.60
N ARG A 7 0.54 -5.59 10.12
CA ARG A 7 -0.86 -5.48 9.75
C ARG A 7 -1.60 -4.74 10.85
N LEU A 8 -2.32 -3.69 10.49
CA LEU A 8 -3.00 -2.86 11.47
C LEU A 8 -4.31 -3.50 11.89
N GLU A 9 -4.24 -4.30 12.95
CA GLU A 9 -5.40 -4.96 13.49
C GLU A 9 -6.01 -4.12 14.59
N LYS A 10 -5.17 -3.28 15.18
CA LYS A 10 -5.58 -2.37 16.24
C LYS A 10 -4.91 -1.02 16.05
N PHE A 11 -5.66 0.05 16.29
CA PHE A 11 -5.16 1.39 16.08
C PHE A 11 -5.08 2.14 17.39
N SER A 12 -3.87 2.51 17.80
CA SER A 12 -3.71 3.34 18.97
C SER A 12 -3.85 4.80 18.54
N ASP A 13 -3.91 5.71 19.50
CA ASP A 13 -4.00 7.13 19.18
C ASP A 13 -2.64 7.62 18.69
N GLN A 14 -1.61 6.89 19.05
CA GLN A 14 -0.26 7.16 18.57
C GLN A 14 -0.17 6.83 17.09
N ASP A 15 -0.64 5.64 16.73
CA ASP A 15 -0.71 5.24 15.32
C ASP A 15 -1.64 6.18 14.58
N ARG A 16 -2.72 6.57 15.24
CA ARG A 16 -3.71 7.48 14.67
C ARG A 16 -3.06 8.76 14.16
N ILE A 17 -2.20 9.35 14.97
CA ILE A 17 -1.55 10.61 14.63
C ILE A 17 -0.59 10.42 13.45
N ASP A 18 0.25 9.41 13.51
CA ASP A 18 1.24 9.18 12.46
C ASP A 18 0.57 8.82 11.13
N LEU A 19 -0.57 8.15 11.20
CA LEU A 19 -1.34 7.85 10.00
C LEU A 19 -1.85 9.13 9.35
N GLN A 20 -2.34 10.04 10.18
CA GLN A 20 -2.82 11.34 9.68
C GLN A 20 -1.65 12.18 9.18
N LYS A 21 -0.46 11.83 9.63
CA LYS A 21 0.75 12.51 9.20
C LYS A 21 1.13 12.01 7.81
N ILE A 22 0.72 10.78 7.50
CA ILE A 22 0.93 10.21 6.18
C ILE A 22 -0.16 10.68 5.21
N TRP A 23 -1.38 10.80 5.71
CA TRP A 23 -2.49 11.30 4.90
C TRP A 23 -3.04 12.59 5.49
N PRO A 24 -2.44 13.75 5.13
CA PRO A 24 -2.81 15.05 5.71
C PRO A 24 -4.15 15.57 5.16
N GLU A 25 -4.67 14.91 4.14
CA GLU A 25 -5.93 15.32 3.53
C GLU A 25 -7.06 14.42 4.03
N TYR A 26 -6.71 13.41 4.81
CA TYR A 26 -7.68 12.44 5.27
C TYR A 26 -8.11 12.75 6.70
N SER A 27 -9.39 13.06 6.86
CA SER A 27 -9.94 13.29 8.18
C SER A 27 -10.06 11.96 8.93
N PRO A 28 -9.55 11.91 10.17
CA PRO A 28 -9.52 10.68 10.97
C PRO A 28 -10.88 10.00 11.09
N SER A 29 -11.05 8.92 10.35
CA SER A 29 -12.25 8.10 10.44
C SER A 29 -12.15 7.16 11.63
N SER A 30 -12.97 6.12 11.63
CA SER A 30 -12.96 5.14 12.72
C SER A 30 -11.68 4.31 12.68
N LEU A 31 -11.10 4.17 11.49
CA LEU A 31 -9.97 3.28 11.27
C LEU A 31 -10.37 1.86 11.66
N GLN A 32 -11.09 1.22 10.76
CA GLN A 32 -11.74 -0.03 11.06
C GLN A 32 -11.51 -1.04 9.94
N VAL A 33 -10.73 -2.07 10.24
CA VAL A 33 -10.39 -3.07 9.24
C VAL A 33 -11.19 -4.35 9.45
N ASP A 34 -11.29 -5.13 8.40
CA ASP A 34 -11.88 -6.46 8.48
C ASP A 34 -10.91 -7.43 7.81
N ASP A 35 -11.35 -8.65 7.52
CA ASP A 35 -10.45 -9.63 6.94
C ASP A 35 -10.27 -9.38 5.45
N ASN A 36 -11.11 -8.51 4.89
CA ASN A 36 -10.97 -8.09 3.50
C ASN A 36 -10.21 -6.77 3.42
N HIS A 37 -10.75 -5.73 4.06
CA HIS A 37 -10.07 -4.44 4.09
C HIS A 37 -8.89 -4.50 5.05
N ARG A 38 -7.71 -4.71 4.49
CA ARG A 38 -6.53 -4.93 5.30
C ARG A 38 -5.53 -3.80 5.08
N ILE A 39 -5.28 -3.05 6.14
CA ILE A 39 -4.34 -1.95 6.07
C ILE A 39 -3.00 -2.38 6.64
N TYR A 40 -1.98 -2.34 5.81
CA TYR A 40 -0.65 -2.76 6.21
C TYR A 40 0.25 -1.54 6.40
N ALA A 41 1.11 -1.62 7.40
CA ALA A 41 1.95 -0.50 7.76
C ALA A 41 3.42 -0.91 7.73
N ALA A 42 4.18 -0.28 6.85
CA ALA A 42 5.59 -0.60 6.71
C ALA A 42 6.41 0.28 7.62
N ARG A 43 6.81 -0.26 8.75
CA ARG A 43 7.55 0.49 9.74
C ARG A 43 9.01 0.09 9.71
N PHE A 44 9.84 1.02 9.26
CA PHE A 44 11.27 0.79 9.18
C PHE A 44 11.93 1.40 10.40
N ASN A 45 12.37 0.55 11.30
CA ASN A 45 12.95 0.96 12.58
C ASN A 45 11.90 1.74 13.38
N GLU A 46 10.84 1.03 13.76
CA GLU A 46 9.78 1.55 14.64
C GLU A 46 8.86 2.57 13.95
N ARG A 47 9.38 3.31 12.99
CA ARG A 47 8.64 4.44 12.43
C ARG A 47 8.02 4.09 11.09
N LEU A 48 6.84 4.65 10.83
CA LEU A 48 6.15 4.45 9.56
C LEU A 48 6.94 5.06 8.41
N LEU A 49 7.34 4.21 7.48
CA LEU A 49 8.05 4.67 6.30
C LEU A 49 7.14 4.59 5.09
N ALA A 50 6.17 3.68 5.14
CA ALA A 50 5.22 3.50 4.06
C ALA A 50 3.91 2.93 4.59
N ALA A 51 2.81 3.28 3.95
CA ALA A 51 1.50 2.77 4.33
C ALA A 51 0.68 2.42 3.09
N VAL A 52 0.03 1.26 3.12
CA VAL A 52 -0.74 0.79 1.98
C VAL A 52 -2.04 0.13 2.44
N ARG A 53 -3.12 0.36 1.70
CA ARG A 53 -4.39 -0.27 2.00
C ARG A 53 -4.78 -1.21 0.87
N VAL A 54 -5.00 -2.47 1.21
CA VAL A 54 -5.42 -3.46 0.22
C VAL A 54 -6.71 -4.14 0.68
N THR A 55 -7.71 -4.08 -0.17
CA THR A 55 -8.97 -4.73 0.11
C THR A 55 -9.03 -6.08 -0.59
N LEU A 56 -8.75 -7.13 0.15
CA LEU A 56 -8.80 -8.47 -0.37
C LEU A 56 -10.22 -9.02 -0.29
N SER A 57 -11.09 -8.48 -1.11
CA SER A 57 -12.47 -8.94 -1.18
C SER A 57 -12.52 -10.35 -1.74
N GLY A 58 -12.63 -11.32 -0.84
CA GLY A 58 -12.61 -12.70 -1.25
C GLY A 58 -11.19 -13.13 -1.61
N THR A 59 -11.00 -13.49 -2.87
CA THR A 59 -9.68 -13.87 -3.35
C THR A 59 -9.20 -12.84 -4.38
N GLU A 60 -9.89 -11.70 -4.40
CA GLU A 60 -9.56 -10.62 -5.30
C GLU A 60 -8.78 -9.53 -4.55
N GLY A 61 -7.71 -9.05 -5.15
CA GLY A 61 -6.87 -8.08 -4.48
C GLY A 61 -7.04 -6.68 -5.03
N ALA A 62 -7.72 -5.83 -4.28
CA ALA A 62 -7.91 -4.44 -4.67
C ALA A 62 -6.95 -3.52 -3.92
N LEU A 63 -5.97 -3.00 -4.63
CA LEU A 63 -5.01 -2.08 -4.05
C LEU A 63 -5.46 -0.64 -4.30
N ASP A 64 -5.68 0.09 -3.21
CA ASP A 64 -6.24 1.43 -3.31
C ASP A 64 -5.16 2.50 -3.22
N SER A 65 -4.66 2.72 -2.01
CA SER A 65 -3.72 3.81 -1.78
C SER A 65 -2.40 3.31 -1.19
N LEU A 66 -1.32 3.94 -1.64
CA LEU A 66 0.02 3.63 -1.18
C LEU A 66 0.83 4.91 -1.03
N ARG A 67 1.30 5.19 0.17
CA ARG A 67 2.15 6.35 0.39
C ARG A 67 3.43 5.96 1.13
N VAL A 68 4.54 6.11 0.44
CA VAL A 68 5.84 6.03 1.10
C VAL A 68 6.27 7.45 1.43
N ARG A 69 7.08 7.61 2.48
CA ARG A 69 7.56 8.93 2.87
C ARG A 69 8.23 9.62 1.69
N GLU A 70 7.99 10.93 1.56
CA GLU A 70 8.41 11.72 0.39
C GLU A 70 9.90 11.55 0.09
N VAL A 71 10.70 11.48 1.14
CA VAL A 71 12.16 11.36 0.98
C VAL A 71 12.53 10.00 0.38
N THR A 72 11.66 9.03 0.54
CA THR A 72 11.93 7.68 0.07
C THR A 72 11.42 7.52 -1.35
N ARG A 73 12.01 8.27 -2.27
CA ARG A 73 11.63 8.21 -3.68
C ARG A 73 12.53 7.24 -4.45
N ARG A 74 13.30 6.45 -3.71
CA ARG A 74 14.22 5.46 -4.29
C ARG A 74 15.05 4.82 -3.19
N ARG A 75 14.56 3.73 -2.63
CA ARG A 75 15.27 3.05 -1.56
C ARG A 75 14.84 1.58 -1.50
N GLY A 76 14.24 1.10 -2.58
CA GLY A 76 13.81 -0.29 -2.64
C GLY A 76 12.52 -0.57 -1.89
N VAL A 77 12.33 0.15 -0.77
CA VAL A 77 11.19 -0.02 0.12
C VAL A 77 9.86 -0.26 -0.61
N GLY A 78 9.54 0.61 -1.56
CA GLY A 78 8.28 0.51 -2.28
C GLY A 78 8.10 -0.83 -2.97
N GLN A 79 9.05 -1.20 -3.81
CA GLN A 79 8.97 -2.44 -4.57
C GLN A 79 9.06 -3.65 -3.64
N TYR A 80 9.94 -3.55 -2.65
CA TYR A 80 10.07 -4.58 -1.63
C TYR A 80 8.72 -4.86 -1.00
N LEU A 81 8.02 -3.81 -0.63
CA LEU A 81 6.72 -3.93 0.02
C LEU A 81 5.72 -4.60 -0.91
N LEU A 82 5.60 -4.10 -2.13
CA LEU A 82 4.66 -4.65 -3.10
C LEU A 82 4.94 -6.13 -3.36
N GLU A 83 6.20 -6.45 -3.59
CA GLU A 83 6.59 -7.85 -3.81
C GLU A 83 6.26 -8.68 -2.58
N GLU A 84 6.59 -8.15 -1.40
CA GLU A 84 6.35 -8.85 -0.13
C GLU A 84 4.87 -9.20 0.02
N VAL A 85 4.00 -8.26 -0.32
CA VAL A 85 2.56 -8.50 -0.25
C VAL A 85 2.16 -9.64 -1.18
N LEU A 86 2.66 -9.59 -2.42
CA LEU A 86 2.31 -10.59 -3.42
C LEU A 86 2.96 -11.95 -3.12
N ARG A 87 4.00 -11.94 -2.30
CA ARG A 87 4.69 -13.18 -1.94
C ARG A 87 4.05 -13.84 -0.71
N ASN A 88 3.33 -13.05 0.08
CA ASN A 88 2.69 -13.59 1.29
C ASN A 88 1.20 -13.79 1.08
N ASN A 89 0.69 -13.32 -0.05
CA ASN A 89 -0.72 -13.53 -0.37
C ASN A 89 -0.86 -14.35 -1.65
N PRO A 90 -0.83 -15.68 -1.51
CA PRO A 90 -0.95 -16.60 -2.63
C PRO A 90 -2.41 -16.86 -2.98
N GLY A 91 -2.65 -17.38 -4.17
CA GLY A 91 -4.01 -17.68 -4.58
C GLY A 91 -4.66 -16.50 -5.26
N VAL A 92 -4.51 -15.32 -4.66
CA VAL A 92 -4.98 -14.09 -5.25
C VAL A 92 -4.26 -13.84 -6.57
N SER A 93 -4.93 -14.18 -7.66
CA SER A 93 -4.31 -14.10 -8.98
C SER A 93 -4.60 -12.76 -9.63
N CYS A 94 -5.70 -12.14 -9.24
CA CYS A 94 -6.10 -10.88 -9.84
C CYS A 94 -5.76 -9.71 -8.92
N TRP A 95 -4.64 -9.05 -9.20
CA TRP A 95 -4.26 -7.86 -8.47
C TRP A 95 -4.67 -6.62 -9.25
N TRP A 96 -5.62 -5.87 -8.71
CA TRP A 96 -6.12 -4.68 -9.34
C TRP A 96 -5.73 -3.45 -8.53
N MET A 97 -5.03 -2.53 -9.16
CA MET A 97 -4.58 -1.33 -8.48
C MET A 97 -5.32 -0.10 -9.01
N ALA A 98 -5.96 0.62 -8.12
CA ALA A 98 -6.72 1.80 -8.49
C ALA A 98 -5.80 3.01 -8.65
N ASP A 99 -6.23 3.95 -9.47
CA ASP A 99 -5.45 5.17 -9.71
C ASP A 99 -5.73 6.19 -8.62
N ALA A 100 -6.94 6.10 -8.04
CA ALA A 100 -7.34 6.93 -6.89
C ALA A 100 -7.29 8.43 -7.20
N GLY A 101 -7.19 8.78 -8.47
CA GLY A 101 -7.12 10.18 -8.86
C GLY A 101 -5.78 10.81 -8.49
N VAL A 102 -4.78 9.97 -8.29
CA VAL A 102 -3.44 10.45 -7.93
C VAL A 102 -2.81 11.20 -9.10
N GLU A 103 -2.22 12.36 -8.82
CA GLU A 103 -1.60 13.19 -9.84
C GLU A 103 -0.12 12.87 -9.98
N ASP A 104 0.43 12.21 -8.97
CA ASP A 104 1.80 11.70 -9.05
C ASP A 104 1.78 10.34 -9.75
N ARG A 105 0.69 10.10 -10.47
CA ARG A 105 0.46 8.84 -11.14
C ARG A 105 1.50 8.59 -12.23
N GLY A 106 2.05 9.67 -12.78
CA GLY A 106 3.14 9.54 -13.73
C GLY A 106 4.33 8.83 -13.11
N VAL A 107 4.71 9.30 -11.92
CA VAL A 107 5.77 8.66 -11.15
C VAL A 107 5.35 7.27 -10.72
N MET A 108 4.10 7.15 -10.27
CA MET A 108 3.57 5.87 -9.81
C MET A 108 3.63 4.81 -10.91
N THR A 109 3.17 5.17 -12.11
CA THR A 109 3.17 4.23 -13.22
C THR A 109 4.60 3.83 -13.60
N ALA A 110 5.54 4.78 -13.50
CA ALA A 110 6.94 4.49 -13.75
C ALA A 110 7.45 3.41 -12.78
N PHE A 111 7.04 3.57 -11.52
CA PHE A 111 7.30 2.59 -10.48
C PHE A 111 6.62 1.26 -10.82
N MET A 112 5.38 1.34 -11.26
CA MET A 112 4.58 0.16 -11.59
C MET A 112 5.20 -0.63 -12.74
N GLN A 113 5.57 0.06 -13.80
CA GLN A 113 6.12 -0.58 -14.99
C GLN A 113 7.46 -1.25 -14.70
N ALA A 114 8.27 -0.60 -13.88
CA ALA A 114 9.59 -1.12 -13.54
C ALA A 114 9.49 -2.27 -12.53
N LEU A 115 8.38 -2.33 -11.81
CA LEU A 115 8.16 -3.41 -10.85
C LEU A 115 7.51 -4.60 -11.54
N GLY A 116 6.48 -4.34 -12.34
CA GLY A 116 5.84 -5.40 -13.09
C GLY A 116 4.33 -5.29 -13.10
N PHE A 117 3.82 -4.09 -13.33
CA PHE A 117 2.39 -3.87 -13.44
C PHE A 117 2.05 -3.29 -14.81
N THR A 118 0.83 -3.53 -15.26
CA THR A 118 0.36 -3.01 -16.53
C THR A 118 -0.85 -2.11 -16.32
N THR A 119 -1.00 -1.09 -17.13
CA THR A 119 -2.14 -0.20 -17.02
C THR A 119 -3.22 -0.62 -18.03
N GLN A 120 -4.41 -0.93 -17.55
CA GLN A 120 -5.47 -1.44 -18.41
C GLN A 120 -6.82 -0.79 -18.11
N GLN A 121 -7.21 0.13 -19.00
CA GLN A 121 -8.58 0.64 -19.07
C GLN A 121 -9.06 1.26 -17.76
N GLY A 122 -8.17 1.94 -17.05
CA GLY A 122 -8.58 2.64 -15.85
C GLY A 122 -7.97 2.06 -14.58
N GLY A 123 -6.67 1.85 -14.60
CA GLY A 123 -5.99 1.33 -13.44
C GLY A 123 -4.88 0.37 -13.80
N TRP A 124 -4.19 -0.14 -12.80
CA TRP A 124 -3.11 -1.08 -13.03
C TRP A 124 -3.58 -2.50 -12.72
N GLU A 125 -3.21 -3.44 -13.56
CA GLU A 125 -3.59 -4.83 -13.39
C GLU A 125 -2.37 -5.73 -13.38
N LYS A 126 -2.35 -6.69 -12.46
CA LYS A 126 -1.33 -7.72 -12.45
C LYS A 126 -1.96 -9.07 -12.18
N CYS A 127 -2.32 -9.77 -13.24
CA CYS A 127 -2.89 -11.10 -13.12
C CYS A 127 -1.79 -12.16 -13.18
N GLY A 128 -1.57 -12.83 -12.05
CA GLY A 128 -0.56 -13.86 -11.97
C GLY A 128 -0.35 -14.33 -10.55
N MET A 1 18.92 -3.93 5.68
CA MET A 1 17.74 -3.18 6.15
C MET A 1 16.57 -4.12 6.38
N LYS A 2 16.34 -4.47 7.64
CA LYS A 2 15.21 -5.30 7.99
C LYS A 2 13.96 -4.46 8.13
N LEU A 3 13.24 -4.33 7.02
CA LEU A 3 12.02 -3.54 7.00
C LEU A 3 10.89 -4.31 7.66
N THR A 4 10.40 -3.79 8.77
CA THR A 4 9.36 -4.46 9.51
C THR A 4 7.99 -4.14 8.92
N ILE A 5 7.57 -4.97 7.97
CA ILE A 5 6.24 -4.84 7.39
C ILE A 5 5.28 -5.78 8.09
N ILE A 6 4.35 -5.21 8.83
CA ILE A 6 3.35 -5.97 9.56
C ILE A 6 1.96 -5.42 9.28
N ARG A 7 0.93 -6.12 9.72
CA ARG A 7 -0.43 -5.63 9.52
C ARG A 7 -0.87 -4.82 10.74
N LEU A 8 -1.52 -3.70 10.48
CA LEU A 8 -2.02 -2.86 11.55
C LEU A 8 -3.32 -3.44 12.10
N GLU A 9 -3.18 -4.56 12.80
CA GLU A 9 -4.33 -5.31 13.30
C GLU A 9 -5.04 -4.56 14.42
N LYS A 10 -4.26 -3.99 15.33
CA LYS A 10 -4.82 -3.33 16.50
C LYS A 10 -4.58 -1.84 16.41
N PHE A 11 -5.62 -1.07 16.65
CA PHE A 11 -5.55 0.38 16.54
C PHE A 11 -5.37 1.02 17.90
N SER A 12 -4.23 1.64 18.11
CA SER A 12 -4.02 2.45 19.29
C SER A 12 -4.16 3.92 18.91
N ASP A 13 -4.33 4.78 19.90
CA ASP A 13 -4.39 6.21 19.65
C ASP A 13 -3.04 6.70 19.15
N GLN A 14 -1.98 6.03 19.58
CA GLN A 14 -0.62 6.35 19.17
C GLN A 14 -0.41 6.07 17.69
N ASP A 15 -0.79 4.86 17.26
CA ASP A 15 -0.64 4.45 15.86
C ASP A 15 -1.46 5.36 14.95
N ARG A 16 -2.62 5.79 15.44
CA ARG A 16 -3.46 6.72 14.69
C ARG A 16 -2.72 8.03 14.45
N ILE A 17 -1.96 8.48 15.44
CA ILE A 17 -1.14 9.68 15.29
C ILE A 17 -0.12 9.50 14.15
N ASP A 18 0.49 8.33 14.10
CA ASP A 18 1.47 8.04 13.06
C ASP A 18 0.79 7.94 11.69
N LEU A 19 -0.43 7.45 11.68
CA LEU A 19 -1.22 7.39 10.45
C LEU A 19 -1.53 8.80 9.96
N GLN A 20 -1.72 9.72 10.90
CA GLN A 20 -1.96 11.13 10.56
C GLN A 20 -0.70 11.77 9.99
N LYS A 21 0.46 11.22 10.34
CA LYS A 21 1.72 11.65 9.72
C LYS A 21 1.72 11.27 8.24
N ILE A 22 1.29 10.05 7.96
CA ILE A 22 1.30 9.52 6.61
C ILE A 22 0.17 10.11 5.78
N TRP A 23 -1.03 10.16 6.35
CA TRP A 23 -2.19 10.69 5.64
C TRP A 23 -2.84 11.85 6.41
N PRO A 24 -2.23 13.04 6.42
CA PRO A 24 -2.84 14.22 7.03
C PRO A 24 -3.91 14.83 6.14
N GLU A 25 -3.79 14.54 4.84
CA GLU A 25 -4.69 15.07 3.83
C GLU A 25 -5.89 14.14 3.65
N TYR A 26 -5.86 13.02 4.37
CA TYR A 26 -6.92 12.03 4.28
C TYR A 26 -7.98 12.30 5.34
N SER A 27 -9.24 12.07 4.99
CA SER A 27 -10.33 12.23 5.93
C SER A 27 -10.24 11.18 7.03
N PRO A 28 -10.22 11.62 8.30
CA PRO A 28 -10.09 10.73 9.45
C PRO A 28 -11.27 9.77 9.58
N SER A 29 -11.08 8.56 9.08
CA SER A 29 -12.11 7.54 9.14
C SER A 29 -12.00 6.75 10.45
N SER A 30 -12.92 5.81 10.64
CA SER A 30 -12.92 4.98 11.84
C SER A 30 -11.72 4.04 11.86
N LEU A 31 -11.23 3.71 10.66
CA LEU A 31 -10.07 2.84 10.49
C LEU A 31 -10.40 1.38 10.79
N GLN A 32 -10.50 0.58 9.73
CA GLN A 32 -10.78 -0.84 9.87
C GLN A 32 -9.79 -1.67 9.06
N VAL A 33 -9.34 -2.78 9.62
CA VAL A 33 -8.39 -3.66 8.95
C VAL A 33 -8.92 -5.08 8.88
N ASP A 34 -8.43 -5.80 7.87
CA ASP A 34 -8.73 -7.23 7.65
C ASP A 34 -10.14 -7.43 7.12
N ASP A 35 -11.04 -6.53 7.49
CA ASP A 35 -12.41 -6.56 7.02
C ASP A 35 -12.48 -5.93 5.63
N ASN A 36 -11.88 -6.64 4.68
CA ASN A 36 -11.81 -6.27 3.27
C ASN A 36 -10.66 -5.30 3.04
N HIS A 37 -10.48 -4.38 3.97
CA HIS A 37 -9.40 -3.41 3.87
C HIS A 37 -8.26 -3.82 4.78
N ARG A 38 -7.16 -4.23 4.19
CA ARG A 38 -6.00 -4.62 4.99
C ARG A 38 -4.89 -3.59 4.86
N ILE A 39 -4.55 -2.98 5.99
CA ILE A 39 -3.51 -1.98 6.02
C ILE A 39 -2.22 -2.60 6.52
N TYR A 40 -1.26 -2.71 5.62
CA TYR A 40 0.06 -3.19 5.97
C TYR A 40 0.99 -2.01 6.19
N ALA A 41 1.85 -2.11 7.18
CA ALA A 41 2.63 -0.98 7.61
C ALA A 41 4.12 -1.29 7.58
N ALA A 42 4.84 -0.62 6.69
CA ALA A 42 6.26 -0.78 6.58
C ALA A 42 6.96 0.24 7.46
N ARG A 43 7.42 -0.21 8.61
CA ARG A 43 8.07 0.69 9.54
C ARG A 43 9.59 0.53 9.49
N PHE A 44 10.26 1.60 9.13
CA PHE A 44 11.71 1.61 9.05
C PHE A 44 12.25 2.21 10.34
N ASN A 45 13.25 1.56 10.92
CA ASN A 45 13.76 1.95 12.23
C ASN A 45 12.66 1.74 13.27
N GLU A 46 11.73 0.85 12.91
CA GLU A 46 10.59 0.47 13.75
C GLU A 46 9.61 1.62 13.96
N ARG A 47 9.66 2.61 13.07
CA ARG A 47 8.65 3.65 13.04
C ARG A 47 8.08 3.76 11.63
N LEU A 48 6.78 4.01 11.54
CA LEU A 48 6.06 3.97 10.26
C LEU A 48 6.71 4.87 9.21
N LEU A 49 6.93 4.30 8.04
CA LEU A 49 7.52 5.04 6.93
C LEU A 49 6.62 4.93 5.70
N ALA A 50 6.08 3.74 5.48
CA ALA A 50 5.18 3.52 4.35
C ALA A 50 3.95 2.76 4.82
N ALA A 51 2.80 3.09 4.24
CA ALA A 51 1.55 2.43 4.58
C ALA A 51 0.77 2.08 3.32
N VAL A 52 0.30 0.85 3.25
CA VAL A 52 -0.41 0.39 2.07
C VAL A 52 -1.72 -0.31 2.47
N ARG A 53 -2.80 0.06 1.80
CA ARG A 53 -4.09 -0.58 2.03
C ARG A 53 -4.48 -1.40 0.82
N VAL A 54 -4.69 -2.69 1.04
CA VAL A 54 -5.20 -3.55 0.00
C VAL A 54 -6.63 -3.96 0.31
N THR A 55 -7.53 -3.61 -0.58
CA THR A 55 -8.93 -3.90 -0.41
C THR A 55 -9.31 -5.19 -1.14
N LEU A 56 -9.31 -6.29 -0.41
CA LEU A 56 -9.63 -7.59 -0.97
C LEU A 56 -11.15 -7.74 -1.05
N SER A 57 -11.63 -8.03 -2.25
CA SER A 57 -13.05 -8.20 -2.50
C SER A 57 -13.37 -9.70 -2.50
N GLY A 58 -12.91 -10.38 -1.46
CA GLY A 58 -13.07 -11.82 -1.38
C GLY A 58 -11.78 -12.54 -1.67
N THR A 59 -11.68 -13.12 -2.86
CA THR A 59 -10.48 -13.83 -3.27
C THR A 59 -9.57 -12.91 -4.08
N GLU A 60 -10.18 -11.95 -4.76
CA GLU A 60 -9.45 -10.99 -5.57
C GLU A 60 -9.72 -9.59 -5.03
N GLY A 61 -8.78 -8.67 -5.19
CA GLY A 61 -8.95 -7.37 -4.58
C GLY A 61 -8.25 -6.25 -5.32
N ALA A 62 -8.38 -5.05 -4.77
CA ALA A 62 -7.78 -3.86 -5.35
C ALA A 62 -6.99 -3.10 -4.30
N LEU A 63 -5.80 -2.66 -4.66
CA LEU A 63 -4.96 -1.92 -3.76
C LEU A 63 -5.18 -0.43 -3.97
N ASP A 64 -5.76 0.22 -2.96
CA ASP A 64 -6.26 1.58 -3.12
C ASP A 64 -5.27 2.64 -2.63
N SER A 65 -4.88 2.54 -1.38
CA SER A 65 -4.05 3.57 -0.78
C SER A 65 -2.62 3.10 -0.57
N LEU A 66 -1.73 3.61 -1.40
CA LEU A 66 -0.30 3.33 -1.27
C LEU A 66 0.47 4.64 -1.18
N ARG A 67 0.99 4.94 0.00
CA ARG A 67 1.78 6.14 0.19
C ARG A 67 2.99 5.88 1.06
N VAL A 68 4.11 6.43 0.64
CA VAL A 68 5.34 6.38 1.42
C VAL A 68 5.65 7.78 1.92
N ARG A 69 6.33 7.89 3.06
CA ARG A 69 6.68 9.19 3.61
C ARG A 69 7.51 9.99 2.60
N GLU A 70 7.39 11.31 2.67
CA GLU A 70 7.96 12.21 1.67
C GLU A 70 9.45 11.95 1.42
N VAL A 71 10.18 11.63 2.48
CA VAL A 71 11.63 11.43 2.39
C VAL A 71 11.98 10.19 1.55
N THR A 72 11.04 9.28 1.40
CA THR A 72 11.30 8.02 0.72
C THR A 72 10.52 7.94 -0.60
N ARG A 73 10.18 9.09 -1.17
CA ARG A 73 9.42 9.15 -2.42
C ARG A 73 10.29 8.88 -3.64
N ARG A 74 11.24 7.94 -3.53
CA ARG A 74 12.15 7.61 -4.63
C ARG A 74 13.21 6.60 -4.17
N ARG A 75 12.96 5.87 -3.08
CA ARG A 75 14.04 5.09 -2.47
C ARG A 75 13.59 3.72 -1.97
N GLY A 76 13.40 2.81 -2.90
CA GLY A 76 13.36 1.38 -2.59
C GLY A 76 12.05 0.87 -2.00
N VAL A 77 11.68 1.40 -0.84
CA VAL A 77 10.59 0.84 -0.02
C VAL A 77 9.36 0.44 -0.82
N GLY A 78 8.84 1.34 -1.66
CA GLY A 78 7.63 1.07 -2.41
C GLY A 78 7.69 -0.19 -3.25
N GLN A 79 8.84 -0.41 -3.89
CA GLN A 79 9.02 -1.56 -4.76
C GLN A 79 9.05 -2.85 -3.95
N TYR A 80 9.92 -2.88 -2.95
CA TYR A 80 10.04 -4.04 -2.07
C TYR A 80 8.70 -4.36 -1.41
N LEU A 81 8.02 -3.30 -0.99
CA LEU A 81 6.76 -3.42 -0.27
C LEU A 81 5.74 -4.23 -1.06
N LEU A 82 5.48 -3.81 -2.29
CA LEU A 82 4.47 -4.46 -3.10
C LEU A 82 4.82 -5.91 -3.37
N GLU A 83 6.09 -6.19 -3.67
CA GLU A 83 6.52 -7.56 -3.91
C GLU A 83 6.34 -8.41 -2.67
N GLU A 84 6.59 -7.82 -1.50
CA GLU A 84 6.43 -8.53 -0.24
C GLU A 84 4.95 -8.78 0.03
N VAL A 85 4.09 -7.80 -0.29
CA VAL A 85 2.65 -7.95 -0.12
C VAL A 85 2.12 -9.15 -0.90
N LEU A 86 2.54 -9.26 -2.15
CA LEU A 86 2.12 -10.37 -3.01
C LEU A 86 2.70 -11.69 -2.50
N ARG A 87 3.80 -11.60 -1.77
CA ARG A 87 4.41 -12.76 -1.12
C ARG A 87 3.62 -13.15 0.12
N ASN A 88 3.06 -12.15 0.80
CA ASN A 88 2.30 -12.38 2.03
C ASN A 88 0.98 -13.07 1.72
N ASN A 89 0.24 -12.52 0.76
CA ASN A 89 -1.06 -13.07 0.41
C ASN A 89 -1.09 -13.56 -1.04
N PRO A 90 -0.67 -14.80 -1.28
CA PRO A 90 -0.73 -15.42 -2.60
C PRO A 90 -2.11 -16.02 -2.86
N GLY A 91 -2.34 -16.44 -4.10
CA GLY A 91 -3.63 -17.03 -4.45
C GLY A 91 -4.57 -16.05 -5.11
N VAL A 92 -4.23 -14.77 -4.98
CA VAL A 92 -5.02 -13.70 -5.58
C VAL A 92 -4.71 -13.61 -7.08
N SER A 93 -5.73 -13.83 -7.90
CA SER A 93 -5.56 -13.77 -9.34
C SER A 93 -5.67 -12.35 -9.87
N CYS A 94 -6.59 -11.58 -9.33
CA CYS A 94 -6.77 -10.20 -9.76
C CYS A 94 -6.14 -9.24 -8.78
N TRP A 95 -4.95 -8.76 -9.10
CA TRP A 95 -4.33 -7.68 -8.36
C TRP A 95 -4.59 -6.37 -9.07
N TRP A 96 -5.59 -5.64 -8.61
CA TRP A 96 -5.96 -4.38 -9.24
C TRP A 96 -5.31 -3.24 -8.48
N MET A 97 -4.64 -2.38 -9.21
CA MET A 97 -3.97 -1.24 -8.60
C MET A 97 -4.73 0.03 -8.95
N ALA A 98 -5.39 0.60 -7.95
CA ALA A 98 -6.29 1.72 -8.19
C ALA A 98 -5.52 3.00 -8.49
N ASP A 99 -6.15 3.86 -9.28
CA ASP A 99 -5.57 5.16 -9.62
C ASP A 99 -5.70 6.09 -8.43
N ALA A 100 -6.90 6.07 -7.82
CA ALA A 100 -7.20 6.81 -6.59
C ALA A 100 -7.05 8.32 -6.76
N GLY A 101 -6.86 8.77 -7.99
CA GLY A 101 -6.68 10.17 -8.24
C GLY A 101 -5.25 10.62 -8.01
N VAL A 102 -4.33 9.65 -7.99
CA VAL A 102 -2.92 9.95 -7.82
C VAL A 102 -2.39 10.68 -9.04
N GLU A 103 -2.04 11.94 -8.85
CA GLU A 103 -1.61 12.79 -9.95
C GLU A 103 -0.15 12.52 -10.30
N ASP A 104 0.44 11.57 -9.59
CA ASP A 104 1.79 11.11 -9.87
C ASP A 104 1.73 9.79 -10.63
N ARG A 105 0.59 9.53 -11.26
CA ARG A 105 0.34 8.27 -11.96
C ARG A 105 1.37 8.01 -13.05
N GLY A 106 1.94 9.07 -13.61
CA GLY A 106 2.98 8.91 -14.61
C GLY A 106 4.19 8.20 -14.06
N VAL A 107 4.71 8.73 -12.95
CA VAL A 107 5.85 8.13 -12.26
C VAL A 107 5.45 6.74 -11.76
N MET A 108 4.22 6.61 -11.30
CA MET A 108 3.71 5.34 -10.80
C MET A 108 3.64 4.29 -11.91
N THR A 109 3.30 4.72 -13.13
CA THR A 109 3.24 3.80 -14.26
C THR A 109 4.61 3.22 -14.56
N ALA A 110 5.63 4.07 -14.57
CA ALA A 110 7.00 3.63 -14.76
C ALA A 110 7.39 2.66 -13.65
N PHE A 111 7.00 2.99 -12.43
CA PHE A 111 7.24 2.16 -11.26
C PHE A 111 6.55 0.79 -11.41
N MET A 112 5.28 0.81 -11.78
CA MET A 112 4.49 -0.41 -11.94
C MET A 112 5.14 -1.34 -12.94
N GLN A 113 5.49 -0.80 -14.11
CA GLN A 113 6.06 -1.60 -15.19
C GLN A 113 7.49 -2.04 -14.86
N ALA A 114 8.15 -1.33 -13.96
CA ALA A 114 9.48 -1.70 -13.53
C ALA A 114 9.43 -2.81 -12.49
N LEU A 115 8.40 -2.77 -11.66
CA LEU A 115 8.21 -3.78 -10.63
C LEU A 115 7.70 -5.07 -11.25
N GLY A 116 6.58 -4.98 -11.96
CA GLY A 116 6.02 -6.16 -12.59
C GLY A 116 4.50 -6.11 -12.69
N PHE A 117 3.96 -4.91 -12.88
CA PHE A 117 2.51 -4.75 -13.05
C PHE A 117 2.22 -4.37 -14.50
N THR A 118 0.95 -4.43 -14.88
CA THR A 118 0.53 -4.03 -16.21
C THR A 118 -0.41 -2.83 -16.11
N THR A 119 -0.24 -1.86 -16.99
CA THR A 119 -1.06 -0.66 -16.96
C THR A 119 -2.19 -0.77 -17.99
N GLN A 120 -3.40 -0.45 -17.55
CA GLN A 120 -4.55 -0.48 -18.43
C GLN A 120 -5.26 0.87 -18.37
N GLN A 121 -6.44 0.94 -18.98
CA GLN A 121 -7.21 2.18 -18.98
C GLN A 121 -8.05 2.28 -17.73
N GLY A 122 -7.67 3.20 -16.84
CA GLY A 122 -8.42 3.40 -15.61
C GLY A 122 -7.67 2.88 -14.40
N GLY A 123 -6.43 2.46 -14.60
CA GLY A 123 -5.63 1.95 -13.50
C GLY A 123 -4.66 0.87 -13.93
N TRP A 124 -3.97 0.30 -12.96
CA TRP A 124 -2.99 -0.75 -13.23
C TRP A 124 -3.56 -2.09 -12.74
N GLU A 125 -3.02 -3.20 -13.23
CA GLU A 125 -3.45 -4.51 -12.77
C GLU A 125 -2.37 -5.56 -13.03
N LYS A 126 -2.35 -6.58 -12.18
CA LYS A 126 -1.44 -7.69 -12.36
C LYS A 126 -2.22 -9.00 -12.18
N CYS A 127 -2.29 -9.80 -13.22
CA CYS A 127 -2.99 -11.07 -13.15
C CYS A 127 -2.06 -12.15 -12.59
N GLY A 128 -2.35 -12.57 -11.37
CA GLY A 128 -1.52 -13.56 -10.71
C GLY A 128 -2.26 -14.86 -10.47
N MET A 1 18.26 -3.49 4.36
CA MET A 1 17.02 -2.79 4.77
C MET A 1 15.87 -3.78 4.91
N LYS A 2 15.64 -4.27 6.12
CA LYS A 2 14.55 -5.19 6.34
C LYS A 2 13.29 -4.42 6.73
N LEU A 3 12.50 -4.09 5.73
CA LEU A 3 11.22 -3.42 5.98
C LEU A 3 10.23 -4.45 6.50
N THR A 4 9.46 -4.08 7.49
CA THR A 4 8.52 -5.01 8.09
C THR A 4 7.08 -4.62 7.78
N ILE A 5 6.42 -5.40 6.93
CA ILE A 5 5.03 -5.14 6.63
C ILE A 5 4.14 -5.91 7.62
N ILE A 6 3.43 -5.19 8.46
CA ILE A 6 2.58 -5.83 9.44
C ILE A 6 1.12 -5.53 9.16
N ARG A 7 0.28 -6.47 9.54
CA ARG A 7 -1.16 -6.31 9.44
C ARG A 7 -1.65 -5.39 10.54
N LEU A 8 -2.12 -4.21 10.15
CA LEU A 8 -2.62 -3.23 11.11
C LEU A 8 -3.89 -3.75 11.77
N GLU A 9 -3.74 -4.24 12.99
CA GLU A 9 -4.84 -4.86 13.70
C GLU A 9 -5.47 -3.88 14.69
N LYS A 10 -4.62 -3.24 15.49
CA LYS A 10 -5.09 -2.35 16.53
C LYS A 10 -4.42 -0.99 16.42
N PHE A 11 -5.14 0.05 16.82
CA PHE A 11 -4.64 1.41 16.73
C PHE A 11 -4.31 1.96 18.11
N SER A 12 -3.17 2.63 18.21
CA SER A 12 -2.83 3.36 19.41
C SER A 12 -2.77 4.84 19.06
N ASP A 13 -2.83 5.70 20.06
CA ASP A 13 -2.95 7.14 19.80
C ASP A 13 -1.73 7.69 19.07
N GLN A 14 -0.54 7.27 19.47
CA GLN A 14 0.68 7.77 18.86
C GLN A 14 0.77 7.35 17.39
N ASP A 15 0.62 6.06 17.13
CA ASP A 15 0.70 5.54 15.77
C ASP A 15 -0.51 5.95 14.93
N ARG A 16 -1.60 6.32 15.59
CA ARG A 16 -2.76 6.87 14.89
C ARG A 16 -2.38 8.19 14.22
N ILE A 17 -1.67 9.02 14.96
CA ILE A 17 -1.17 10.29 14.43
C ILE A 17 -0.10 10.06 13.39
N ASP A 18 0.67 9.00 13.58
CA ASP A 18 1.74 8.63 12.66
C ASP A 18 1.15 8.27 11.30
N LEU A 19 0.01 7.57 11.33
CA LEU A 19 -0.74 7.24 10.11
C LEU A 19 -1.25 8.51 9.43
N GLN A 20 -1.67 9.48 10.25
CA GLN A 20 -2.17 10.75 9.75
C GLN A 20 -1.02 11.61 9.21
N LYS A 21 0.20 11.22 9.52
CA LYS A 21 1.37 11.90 8.99
C LYS A 21 1.77 11.26 7.67
N ILE A 22 1.39 10.00 7.48
CA ILE A 22 1.56 9.30 6.22
C ILE A 22 0.50 9.76 5.23
N TRP A 23 -0.76 9.74 5.68
CA TRP A 23 -1.86 10.27 4.90
C TRP A 23 -2.28 11.62 5.48
N PRO A 24 -1.69 12.72 4.99
CA PRO A 24 -1.84 14.04 5.60
C PRO A 24 -3.27 14.55 5.61
N GLU A 25 -4.03 14.25 4.57
CA GLU A 25 -5.38 14.76 4.45
C GLU A 25 -6.41 13.68 4.73
N TYR A 26 -6.04 12.69 5.54
CA TYR A 26 -6.96 11.65 5.94
C TYR A 26 -7.88 12.15 7.05
N SER A 27 -9.17 12.01 6.84
CA SER A 27 -10.16 12.41 7.81
C SER A 27 -10.46 11.25 8.75
N PRO A 28 -10.22 11.44 10.06
CA PRO A 28 -10.49 10.41 11.07
C PRO A 28 -11.96 9.99 11.06
N SER A 29 -12.20 8.74 10.69
CA SER A 29 -13.56 8.24 10.55
C SER A 29 -13.58 6.72 10.51
N SER A 30 -13.25 6.16 9.35
CA SER A 30 -13.35 4.73 9.13
C SER A 30 -12.23 3.96 9.85
N LEU A 31 -11.01 4.02 9.31
CA LEU A 31 -9.91 3.22 9.81
C LEU A 31 -10.32 1.75 9.89
N GLN A 32 -10.88 1.25 8.81
CA GLN A 32 -11.37 -0.12 8.75
C GLN A 32 -10.24 -1.04 8.30
N VAL A 33 -9.87 -1.97 9.16
CA VAL A 33 -8.77 -2.87 8.87
C VAL A 33 -9.23 -4.33 8.96
N ASP A 34 -8.79 -5.13 7.99
CA ASP A 34 -8.95 -6.59 8.02
C ASP A 34 -10.41 -7.00 7.77
N ASP A 35 -11.24 -6.04 7.41
CA ASP A 35 -12.63 -6.31 7.07
C ASP A 35 -12.90 -5.86 5.64
N ASN A 36 -12.44 -6.69 4.70
CA ASN A 36 -12.57 -6.45 3.25
C ASN A 36 -11.56 -5.39 2.81
N HIS A 37 -11.33 -4.44 3.68
CA HIS A 37 -10.30 -3.43 3.48
C HIS A 37 -9.21 -3.65 4.51
N ARG A 38 -8.04 -4.05 4.06
CA ARG A 38 -6.95 -4.34 4.97
C ARG A 38 -5.82 -3.34 4.78
N ILE A 39 -5.42 -2.72 5.87
CA ILE A 39 -4.31 -1.79 5.84
C ILE A 39 -3.06 -2.46 6.37
N TYR A 40 -2.05 -2.52 5.53
CA TYR A 40 -0.76 -3.07 5.94
C TYR A 40 0.20 -1.93 6.20
N ALA A 41 0.89 -2.00 7.32
CA ALA A 41 1.79 -0.92 7.73
C ALA A 41 3.24 -1.34 7.60
N ALA A 42 4.01 -0.54 6.86
CA ALA A 42 5.41 -0.83 6.65
C ALA A 42 6.26 -0.14 7.70
N ARG A 43 6.64 -0.90 8.70
CA ARG A 43 7.40 -0.37 9.82
C ARG A 43 8.88 -0.43 9.52
N PHE A 44 9.55 0.71 9.66
CA PHE A 44 10.98 0.77 9.51
C PHE A 44 11.58 1.38 10.77
N ASN A 45 12.01 0.49 11.67
CA ASN A 45 12.54 0.89 12.97
C ASN A 45 11.49 1.63 13.78
N GLU A 46 10.52 0.86 14.30
CA GLU A 46 9.44 1.34 15.17
C GLU A 46 8.41 2.21 14.45
N ARG A 47 8.88 3.11 13.59
CA ARG A 47 8.00 4.07 12.93
C ARG A 47 7.45 3.50 11.63
N LEU A 48 6.29 3.99 11.22
CA LEU A 48 5.65 3.52 10.00
C LEU A 48 6.10 4.36 8.81
N LEU A 49 6.92 3.77 7.97
CA LEU A 49 7.52 4.48 6.85
C LEU A 49 6.56 4.53 5.67
N ALA A 50 5.75 3.48 5.54
CA ALA A 50 4.77 3.40 4.45
C ALA A 50 3.49 2.74 4.93
N ALA A 51 2.40 2.99 4.22
CA ALA A 51 1.12 2.38 4.55
C ALA A 51 0.32 2.15 3.27
N VAL A 52 -0.28 0.98 3.15
CA VAL A 52 -1.02 0.62 1.96
C VAL A 52 -2.36 -0.02 2.31
N ARG A 53 -3.40 0.34 1.58
CA ARG A 53 -4.71 -0.26 1.76
C ARG A 53 -4.98 -1.25 0.64
N VAL A 54 -5.43 -2.45 1.01
CA VAL A 54 -5.80 -3.45 0.04
C VAL A 54 -7.23 -3.94 0.27
N THR A 55 -8.06 -3.80 -0.74
CA THR A 55 -9.42 -4.30 -0.70
C THR A 55 -9.48 -5.70 -1.29
N LEU A 56 -9.71 -6.68 -0.44
CA LEU A 56 -9.76 -8.06 -0.88
C LEU A 56 -11.19 -8.49 -1.15
N SER A 57 -11.57 -8.46 -2.42
CA SER A 57 -12.87 -8.94 -2.83
C SER A 57 -12.74 -10.39 -3.29
N GLY A 58 -13.07 -11.32 -2.40
CA GLY A 58 -12.86 -12.72 -2.69
C GLY A 58 -11.39 -13.07 -2.73
N THR A 59 -10.87 -13.31 -3.92
CA THR A 59 -9.47 -13.63 -4.10
C THR A 59 -8.74 -12.54 -4.90
N GLU A 60 -9.41 -11.41 -5.08
CA GLU A 60 -8.82 -10.30 -5.80
C GLU A 60 -8.41 -9.19 -4.82
N GLY A 61 -7.25 -8.61 -5.04
CA GLY A 61 -6.76 -7.59 -4.14
C GLY A 61 -6.63 -6.24 -4.81
N ALA A 62 -7.44 -5.29 -4.39
CA ALA A 62 -7.40 -3.94 -4.94
C ALA A 62 -6.55 -3.02 -4.06
N LEU A 63 -5.41 -2.62 -4.58
CA LEU A 63 -4.51 -1.74 -3.87
C LEU A 63 -4.78 -0.29 -4.25
N ASP A 64 -5.33 0.49 -3.34
CA ASP A 64 -5.67 1.87 -3.64
C ASP A 64 -4.65 2.85 -3.04
N SER A 65 -4.71 3.05 -1.73
CA SER A 65 -3.86 4.02 -1.08
C SER A 65 -2.48 3.44 -0.80
N LEU A 66 -1.60 3.53 -1.79
CA LEU A 66 -0.20 3.16 -1.61
C LEU A 66 0.65 4.40 -1.45
N ARG A 67 1.01 4.73 -0.22
CA ARG A 67 1.73 5.97 0.02
C ARG A 67 2.90 5.74 0.97
N VAL A 68 4.08 6.16 0.53
CA VAL A 68 5.28 6.13 1.34
C VAL A 68 5.66 7.58 1.64
N ARG A 69 6.39 7.80 2.73
CA ARG A 69 6.83 9.14 3.08
C ARG A 69 7.71 9.71 1.96
N GLU A 70 7.48 10.99 1.66
CA GLU A 70 8.13 11.67 0.52
C GLU A 70 9.64 11.44 0.49
N VAL A 71 10.26 11.51 1.67
CA VAL A 71 11.71 11.44 1.79
C VAL A 71 12.25 10.03 1.54
N THR A 72 11.37 9.08 1.20
CA THR A 72 11.79 7.70 1.00
C THR A 72 11.97 7.40 -0.49
N ARG A 73 11.89 8.44 -1.32
CA ARG A 73 12.10 8.27 -2.75
C ARG A 73 13.57 7.97 -3.04
N ARG A 74 13.84 6.72 -3.39
CA ARG A 74 15.21 6.30 -3.66
C ARG A 74 15.25 5.06 -4.55
N ARG A 75 15.08 3.89 -3.92
CA ARG A 75 15.30 2.60 -4.56
C ARG A 75 15.37 1.51 -3.49
N GLY A 76 14.25 0.86 -3.25
CA GLY A 76 14.23 -0.23 -2.30
C GLY A 76 12.89 -0.41 -1.65
N VAL A 77 12.59 0.43 -0.67
CA VAL A 77 11.38 0.33 0.15
C VAL A 77 10.12 0.15 -0.71
N GLY A 78 9.99 0.94 -1.76
CA GLY A 78 8.81 0.90 -2.60
C GLY A 78 8.54 -0.47 -3.19
N GLN A 79 9.46 -0.97 -4.01
CA GLN A 79 9.27 -2.24 -4.68
C GLN A 79 9.30 -3.40 -3.69
N TYR A 80 10.10 -3.24 -2.64
CA TYR A 80 10.15 -4.25 -1.57
C TYR A 80 8.77 -4.42 -0.95
N LEU A 81 8.16 -3.29 -0.60
CA LEU A 81 6.84 -3.27 0.01
C LEU A 81 5.85 -4.08 -0.80
N LEU A 82 5.70 -3.72 -2.07
CA LEU A 82 4.77 -4.40 -2.96
C LEU A 82 5.07 -5.88 -3.04
N GLU A 83 6.33 -6.24 -3.18
CA GLU A 83 6.71 -7.63 -3.29
C GLU A 83 6.37 -8.40 -2.03
N GLU A 84 6.76 -7.88 -0.87
CA GLU A 84 6.56 -8.61 0.39
C GLU A 84 5.07 -8.82 0.67
N VAL A 85 4.24 -7.84 0.31
CA VAL A 85 2.79 -7.97 0.44
C VAL A 85 2.29 -9.13 -0.41
N LEU A 86 2.78 -9.23 -1.63
CA LEU A 86 2.39 -10.29 -2.54
C LEU A 86 2.99 -11.64 -2.12
N ARG A 87 4.09 -11.60 -1.37
CA ARG A 87 4.68 -12.82 -0.84
C ARG A 87 3.89 -13.31 0.36
N ASN A 88 3.43 -12.37 1.18
CA ASN A 88 2.62 -12.68 2.35
C ASN A 88 1.25 -13.22 1.94
N ASN A 89 0.73 -12.69 0.84
CA ASN A 89 -0.57 -13.11 0.32
C ASN A 89 -0.41 -13.69 -1.07
N PRO A 90 0.03 -14.95 -1.18
CA PRO A 90 0.28 -15.59 -2.47
C PRO A 90 -0.96 -16.24 -3.08
N GLY A 91 -2.03 -16.31 -2.29
CA GLY A 91 -3.27 -16.87 -2.79
C GLY A 91 -3.97 -15.92 -3.74
N VAL A 92 -3.83 -14.63 -3.45
CA VAL A 92 -4.33 -13.61 -4.33
C VAL A 92 -3.45 -13.50 -5.56
N SER A 93 -3.93 -14.02 -6.67
CA SER A 93 -3.18 -14.01 -7.91
C SER A 93 -3.74 -12.97 -8.87
N CYS A 94 -4.61 -12.12 -8.35
CA CYS A 94 -5.18 -11.03 -9.14
C CYS A 94 -5.05 -9.74 -8.36
N TRP A 95 -4.04 -8.94 -8.69
CA TRP A 95 -3.79 -7.69 -8.00
C TRP A 95 -4.16 -6.53 -8.89
N TRP A 96 -5.10 -5.71 -8.42
CA TRP A 96 -5.53 -4.54 -9.15
C TRP A 96 -5.18 -3.30 -8.35
N MET A 97 -4.39 -2.42 -8.93
CA MET A 97 -3.99 -1.22 -8.24
C MET A 97 -4.71 -0.01 -8.83
N ALA A 98 -5.36 0.74 -7.97
CA ALA A 98 -6.16 1.88 -8.40
C ALA A 98 -5.37 3.17 -8.32
N ASP A 99 -5.64 4.07 -9.24
CA ASP A 99 -4.98 5.37 -9.26
C ASP A 99 -5.80 6.39 -8.47
N ALA A 100 -6.71 5.88 -7.65
CA ALA A 100 -7.54 6.73 -6.81
C ALA A 100 -6.73 7.35 -5.69
N GLY A 101 -6.46 8.64 -5.80
CA GLY A 101 -5.67 9.33 -4.80
C GLY A 101 -4.23 9.51 -5.24
N VAL A 102 -3.92 9.03 -6.43
CA VAL A 102 -2.58 9.16 -6.99
C VAL A 102 -2.42 10.48 -7.71
N GLU A 103 -1.68 11.40 -7.10
CA GLU A 103 -1.44 12.69 -7.71
C GLU A 103 -0.40 12.55 -8.82
N ASP A 104 0.67 11.83 -8.55
CA ASP A 104 1.75 11.67 -9.50
C ASP A 104 1.57 10.39 -10.31
N ARG A 105 0.73 10.46 -11.32
CA ARG A 105 0.44 9.30 -12.16
C ARG A 105 1.63 8.93 -13.03
N GLY A 106 2.45 9.92 -13.38
CA GLY A 106 3.61 9.67 -14.21
C GLY A 106 4.62 8.78 -13.53
N VAL A 107 5.04 9.17 -12.33
CA VAL A 107 6.01 8.39 -11.57
C VAL A 107 5.45 7.00 -11.25
N MET A 108 4.18 6.97 -10.86
CA MET A 108 3.55 5.71 -10.50
C MET A 108 3.46 4.75 -11.68
N THR A 109 3.23 5.27 -12.87
CA THR A 109 3.15 4.42 -14.06
C THR A 109 4.50 3.75 -14.34
N ALA A 110 5.58 4.52 -14.24
CA ALA A 110 6.92 3.98 -14.43
C ALA A 110 7.24 2.98 -13.31
N PHE A 111 6.77 3.28 -12.11
CA PHE A 111 6.95 2.41 -10.96
C PHE A 111 6.21 1.08 -11.17
N MET A 112 4.97 1.18 -11.67
CA MET A 112 4.16 0.01 -11.94
C MET A 112 4.81 -0.87 -13.00
N GLN A 113 5.33 -0.24 -14.04
CA GLN A 113 6.01 -0.96 -15.11
C GLN A 113 7.16 -1.80 -14.55
N ALA A 114 7.88 -1.22 -13.59
CA ALA A 114 9.01 -1.90 -12.97
C ALA A 114 8.54 -3.09 -12.13
N LEU A 115 7.32 -3.00 -11.60
CA LEU A 115 6.74 -4.09 -10.82
C LEU A 115 6.04 -5.10 -11.73
N GLY A 116 5.95 -4.78 -13.01
CA GLY A 116 5.30 -5.67 -13.96
C GLY A 116 3.80 -5.48 -13.97
N PHE A 117 3.34 -4.32 -13.53
CA PHE A 117 1.92 -3.99 -13.59
C PHE A 117 1.57 -3.41 -14.94
N THR A 118 0.51 -3.91 -15.54
CA THR A 118 0.05 -3.42 -16.82
C THR A 118 -1.05 -2.38 -16.62
N THR A 119 -1.32 -1.57 -17.63
CA THR A 119 -2.40 -0.61 -17.53
C THR A 119 -3.66 -1.16 -18.17
N GLN A 120 -4.68 -1.32 -17.35
CA GLN A 120 -5.92 -1.92 -17.78
C GLN A 120 -7.05 -0.94 -17.56
N GLN A 121 -8.22 -1.24 -18.09
CA GLN A 121 -9.37 -0.34 -17.99
C GLN A 121 -9.90 -0.29 -16.56
N GLY A 122 -9.42 0.70 -15.81
CA GLY A 122 -9.83 0.85 -14.43
C GLY A 122 -8.66 1.06 -13.49
N GLY A 123 -7.44 0.84 -14.01
CA GLY A 123 -6.25 1.03 -13.20
C GLY A 123 -5.11 0.15 -13.66
N TRP A 124 -4.29 -0.28 -12.72
CA TRP A 124 -3.16 -1.14 -13.04
C TRP A 124 -3.47 -2.58 -12.66
N GLU A 125 -3.18 -3.50 -13.57
CA GLU A 125 -3.52 -4.90 -13.38
C GLU A 125 -2.28 -5.78 -13.41
N LYS A 126 -2.16 -6.65 -12.43
CA LYS A 126 -1.12 -7.67 -12.42
C LYS A 126 -1.70 -9.00 -11.97
N CYS A 127 -1.69 -9.98 -12.87
CA CYS A 127 -2.22 -11.29 -12.55
C CYS A 127 -1.09 -12.32 -12.51
N GLY A 128 -0.85 -12.87 -11.35
CA GLY A 128 0.21 -13.85 -11.18
C GLY A 128 0.48 -14.13 -9.71
N MET A 1 18.46 -3.59 3.55
CA MET A 1 17.40 -2.94 4.35
C MET A 1 16.11 -3.73 4.25
N LYS A 2 15.74 -4.43 5.32
CA LYS A 2 14.51 -5.19 5.33
C LYS A 2 13.38 -4.37 5.92
N LEU A 3 12.41 -4.06 5.08
CA LEU A 3 11.24 -3.30 5.50
C LEU A 3 10.26 -4.23 6.20
N THR A 4 10.05 -3.99 7.49
CA THR A 4 9.15 -4.82 8.27
C THR A 4 7.70 -4.38 8.07
N ILE A 5 6.96 -5.13 7.29
CA ILE A 5 5.58 -4.78 7.02
C ILE A 5 4.63 -5.69 7.78
N ILE A 6 3.74 -5.08 8.54
CA ILE A 6 2.79 -5.80 9.38
C ILE A 6 1.37 -5.36 9.05
N ARG A 7 0.39 -6.16 9.41
CA ARG A 7 -1.00 -5.76 9.25
C ARG A 7 -1.43 -4.95 10.48
N LEU A 8 -2.23 -3.92 10.27
CA LEU A 8 -2.73 -3.12 11.37
C LEU A 8 -3.88 -3.83 12.08
N GLU A 9 -3.57 -4.40 13.23
CA GLU A 9 -4.55 -5.12 14.03
C GLU A 9 -5.43 -4.14 14.80
N LYS A 10 -4.77 -3.16 15.42
CA LYS A 10 -5.45 -2.20 16.28
C LYS A 10 -4.90 -0.80 16.01
N PHE A 11 -5.61 0.20 16.50
CA PHE A 11 -5.24 1.59 16.23
C PHE A 11 -5.13 2.40 17.52
N SER A 12 -3.92 2.79 17.86
CA SER A 12 -3.69 3.61 19.04
C SER A 12 -3.53 5.08 18.63
N ASP A 13 -3.32 5.96 19.60
CA ASP A 13 -3.16 7.39 19.32
C ASP A 13 -1.94 7.64 18.45
N GLN A 14 -0.81 7.05 18.86
CA GLN A 14 0.44 7.20 18.13
C GLN A 14 0.28 6.75 16.69
N ASP A 15 -0.45 5.65 16.50
CA ASP A 15 -0.69 5.10 15.18
C ASP A 15 -1.52 6.06 14.35
N ARG A 16 -2.60 6.57 14.95
CA ARG A 16 -3.49 7.49 14.25
C ARG A 16 -2.75 8.75 13.81
N ILE A 17 -1.97 9.32 14.72
CA ILE A 17 -1.19 10.52 14.44
C ILE A 17 -0.19 10.27 13.32
N ASP A 18 0.53 9.15 13.41
CA ASP A 18 1.55 8.81 12.43
C ASP A 18 0.91 8.53 11.07
N LEU A 19 -0.24 7.86 11.10
CA LEU A 19 -1.00 7.57 9.89
C LEU A 19 -1.57 8.84 9.27
N GLN A 20 -1.79 9.87 10.09
CA GLN A 20 -2.28 11.14 9.58
C GLN A 20 -1.14 11.94 8.98
N LYS A 21 0.08 11.59 9.35
CA LYS A 21 1.26 12.15 8.70
C LYS A 21 1.44 11.53 7.33
N ILE A 22 0.97 10.29 7.21
CA ILE A 22 0.96 9.58 5.93
C ILE A 22 -0.24 10.04 5.09
N TRP A 23 -1.41 10.06 5.70
CA TRP A 23 -2.61 10.56 5.03
C TRP A 23 -3.12 11.80 5.76
N PRO A 24 -2.82 13.00 5.23
CA PRO A 24 -3.19 14.27 5.86
C PRO A 24 -4.69 14.42 6.10
N GLU A 25 -5.47 13.77 5.25
CA GLU A 25 -6.92 13.78 5.37
C GLU A 25 -7.45 12.38 5.15
N TYR A 26 -7.46 11.62 6.21
CA TYR A 26 -7.85 10.22 6.16
C TYR A 26 -9.34 10.05 6.41
N SER A 27 -9.89 8.97 5.90
CA SER A 27 -11.26 8.59 6.21
C SER A 27 -11.24 7.49 7.27
N PRO A 28 -11.88 7.72 8.43
CA PRO A 28 -11.96 6.73 9.50
C PRO A 28 -12.63 5.44 9.02
N SER A 29 -13.50 5.56 8.03
CA SER A 29 -14.19 4.43 7.45
C SER A 29 -13.21 3.43 6.84
N SER A 30 -12.19 3.92 6.16
CA SER A 30 -11.24 3.05 5.50
C SER A 30 -10.11 2.65 6.46
N LEU A 31 -10.24 3.08 7.72
CA LEU A 31 -9.34 2.65 8.77
C LEU A 31 -9.93 1.45 9.49
N GLN A 32 -11.13 1.07 9.06
CA GLN A 32 -11.80 -0.08 9.61
C GLN A 32 -11.25 -1.36 8.98
N VAL A 33 -10.68 -2.20 9.81
CA VAL A 33 -9.99 -3.39 9.35
C VAL A 33 -10.93 -4.59 9.34
N ASP A 34 -11.14 -5.16 8.17
CA ASP A 34 -11.99 -6.34 8.03
C ASP A 34 -11.30 -7.35 7.12
N ASP A 35 -12.07 -8.33 6.63
CA ASP A 35 -11.52 -9.36 5.75
C ASP A 35 -11.14 -8.78 4.40
N ASN A 36 -11.84 -7.75 3.99
CA ASN A 36 -11.59 -7.10 2.71
C ASN A 36 -10.56 -5.99 2.88
N HIS A 37 -10.91 -4.98 3.66
CA HIS A 37 -10.03 -3.84 3.87
C HIS A 37 -8.95 -4.18 4.86
N ARG A 38 -7.78 -4.51 4.35
CA ARG A 38 -6.65 -4.88 5.16
C ARG A 38 -5.53 -3.86 4.99
N ILE A 39 -5.20 -3.17 6.06
CA ILE A 39 -4.20 -2.12 5.98
C ILE A 39 -2.84 -2.62 6.44
N TYR A 40 -1.84 -2.44 5.61
CA TYR A 40 -0.48 -2.81 5.95
C TYR A 40 0.30 -1.60 6.42
N ALA A 41 1.12 -1.80 7.45
CA ALA A 41 2.01 -0.78 7.93
C ALA A 41 3.44 -1.19 7.70
N ALA A 42 4.12 -0.47 6.83
CA ALA A 42 5.51 -0.76 6.52
C ALA A 42 6.42 0.05 7.43
N ARG A 43 6.99 -0.61 8.41
CA ARG A 43 7.81 0.07 9.41
C ARG A 43 9.28 -0.31 9.29
N PHE A 44 10.14 0.69 9.38
CA PHE A 44 11.58 0.44 9.46
C PHE A 44 12.01 0.55 10.92
N ASN A 45 12.08 -0.61 11.57
CA ASN A 45 12.35 -0.69 13.01
C ASN A 45 11.16 -0.17 13.81
N GLU A 46 11.00 1.15 13.86
CA GLU A 46 9.86 1.75 14.54
C GLU A 46 9.53 3.11 13.90
N ARG A 47 8.99 3.04 12.69
CA ARG A 47 8.56 4.22 11.96
C ARG A 47 7.70 3.78 10.77
N LEU A 48 6.47 4.28 10.71
CA LEU A 48 5.56 3.90 9.63
C LEU A 48 5.91 4.67 8.37
N LEU A 49 6.77 4.09 7.55
CA LEU A 49 7.27 4.75 6.35
C LEU A 49 6.25 4.68 5.23
N ALA A 50 5.60 3.55 5.10
CA ALA A 50 4.63 3.34 4.04
C ALA A 50 3.36 2.72 4.58
N ALA A 51 2.23 3.17 4.05
CA ALA A 51 0.95 2.63 4.46
C ALA A 51 0.10 2.36 3.22
N VAL A 52 -0.51 1.19 3.16
CA VAL A 52 -1.28 0.80 2.00
C VAL A 52 -2.57 0.08 2.41
N ARG A 53 -3.66 0.46 1.75
CA ARG A 53 -4.94 -0.21 1.98
C ARG A 53 -5.22 -1.19 0.85
N VAL A 54 -5.08 -2.47 1.13
CA VAL A 54 -5.39 -3.47 0.14
C VAL A 54 -6.75 -4.09 0.41
N THR A 55 -7.66 -3.95 -0.54
CA THR A 55 -8.98 -4.51 -0.41
C THR A 55 -9.02 -5.90 -1.05
N LEU A 56 -8.88 -6.92 -0.22
CA LEU A 56 -8.91 -8.30 -0.69
C LEU A 56 -10.35 -8.80 -0.72
N SER A 57 -11.03 -8.52 -1.82
CA SER A 57 -12.41 -8.93 -1.97
C SER A 57 -12.46 -10.34 -2.53
N GLY A 58 -12.37 -11.32 -1.64
CA GLY A 58 -12.40 -12.71 -2.05
C GLY A 58 -11.04 -13.18 -2.55
N THR A 59 -11.01 -13.61 -3.80
CA THR A 59 -9.79 -14.11 -4.41
C THR A 59 -9.09 -13.02 -5.22
N GLU A 60 -9.58 -11.80 -5.11
CA GLU A 60 -9.05 -10.69 -5.88
C GLU A 60 -8.67 -9.54 -4.97
N GLY A 61 -7.53 -8.94 -5.22
CA GLY A 61 -7.04 -7.89 -4.35
C GLY A 61 -6.87 -6.57 -5.08
N ALA A 62 -7.56 -5.55 -4.59
CA ALA A 62 -7.45 -4.23 -5.18
C ALA A 62 -6.89 -3.26 -4.16
N LEU A 63 -5.75 -2.66 -4.48
CA LEU A 63 -5.10 -1.73 -3.56
C LEU A 63 -5.54 -0.31 -3.91
N ASP A 64 -6.10 0.37 -2.91
CA ASP A 64 -6.64 1.71 -3.13
C ASP A 64 -5.62 2.78 -2.74
N SER A 65 -5.51 3.05 -1.45
CA SER A 65 -4.62 4.08 -0.96
C SER A 65 -3.21 3.54 -0.75
N LEU A 66 -2.24 4.15 -1.41
CA LEU A 66 -0.84 3.77 -1.26
C LEU A 66 0.05 5.01 -1.26
N ARG A 67 0.72 5.26 -0.14
CA ARG A 67 1.65 6.37 -0.05
C ARG A 67 2.86 6.01 0.81
N VAL A 68 4.04 6.40 0.36
CA VAL A 68 5.25 6.26 1.16
C VAL A 68 5.77 7.65 1.49
N ARG A 69 6.30 7.81 2.70
CA ARG A 69 6.80 9.12 3.13
C ARG A 69 7.96 9.57 2.27
N GLU A 70 8.04 10.88 2.09
CA GLU A 70 8.91 11.51 1.09
C GLU A 70 10.39 11.18 1.26
N VAL A 71 10.78 10.71 2.43
CA VAL A 71 12.18 10.37 2.70
C VAL A 71 12.53 9.01 2.07
N THR A 72 11.49 8.25 1.72
CA THR A 72 11.68 6.89 1.25
C THR A 72 11.44 6.80 -0.26
N ARG A 73 11.44 7.94 -0.94
CA ARG A 73 11.09 7.98 -2.35
C ARG A 73 12.31 7.70 -3.24
N ARG A 74 12.05 7.01 -4.36
CA ARG A 74 13.07 6.64 -5.35
C ARG A 74 14.22 5.84 -4.72
N ARG A 75 13.92 5.15 -3.63
CA ARG A 75 14.95 4.40 -2.92
C ARG A 75 14.72 2.88 -3.05
N GLY A 76 13.69 2.51 -3.81
CA GLY A 76 13.42 1.10 -4.04
C GLY A 76 12.68 0.43 -2.90
N VAL A 77 12.48 1.17 -1.81
CA VAL A 77 11.78 0.65 -0.65
C VAL A 77 10.35 0.23 -1.00
N GLY A 78 9.70 1.06 -1.82
CA GLY A 78 8.35 0.75 -2.27
C GLY A 78 8.30 -0.50 -3.12
N GLN A 79 9.41 -0.81 -3.77
CA GLN A 79 9.49 -2.00 -4.60
C GLN A 79 9.44 -3.25 -3.71
N TYR A 80 10.25 -3.24 -2.65
CA TYR A 80 10.23 -4.33 -1.67
C TYR A 80 8.86 -4.42 -1.00
N LEU A 81 8.29 -3.24 -0.72
CA LEU A 81 6.96 -3.12 -0.12
C LEU A 81 5.95 -4.04 -0.79
N LEU A 82 5.69 -3.80 -2.07
CA LEU A 82 4.67 -4.57 -2.79
C LEU A 82 5.07 -6.03 -2.93
N GLU A 83 6.36 -6.30 -3.15
CA GLU A 83 6.84 -7.66 -3.37
C GLU A 83 6.55 -8.55 -2.16
N GLU A 84 6.73 -8.03 -0.95
CA GLU A 84 6.48 -8.84 0.24
C GLU A 84 4.98 -8.91 0.55
N VAL A 85 4.23 -7.90 0.11
CA VAL A 85 2.77 -7.93 0.23
C VAL A 85 2.21 -9.10 -0.59
N LEU A 86 2.70 -9.23 -1.82
CA LEU A 86 2.28 -10.30 -2.72
C LEU A 86 2.83 -11.64 -2.24
N ARG A 87 3.89 -11.61 -1.44
CA ARG A 87 4.41 -12.81 -0.81
C ARG A 87 3.52 -13.21 0.37
N ASN A 88 3.15 -12.23 1.18
CA ASN A 88 2.36 -12.47 2.39
C ASN A 88 1.03 -13.14 2.03
N ASN A 89 0.34 -12.59 1.05
CA ASN A 89 -0.95 -13.13 0.64
C ASN A 89 -0.90 -13.56 -0.82
N PRO A 90 -0.51 -14.82 -1.08
CA PRO A 90 -0.29 -15.32 -2.44
C PRO A 90 -1.57 -15.79 -3.15
N GLY A 91 -2.64 -15.98 -2.39
CA GLY A 91 -3.85 -16.54 -2.96
C GLY A 91 -4.73 -15.49 -3.63
N VAL A 92 -4.17 -14.79 -4.61
CA VAL A 92 -4.91 -13.76 -5.32
C VAL A 92 -4.79 -13.97 -6.83
N SER A 93 -5.92 -13.99 -7.51
CA SER A 93 -5.95 -14.18 -8.96
C SER A 93 -5.52 -12.92 -9.68
N CYS A 94 -6.09 -11.79 -9.30
CA CYS A 94 -5.80 -10.53 -9.96
C CYS A 94 -5.47 -9.45 -8.94
N TRP A 95 -4.31 -8.83 -9.09
CA TRP A 95 -3.93 -7.70 -8.28
C TRP A 95 -4.24 -6.40 -9.02
N TRP A 96 -5.17 -5.63 -8.51
CA TRP A 96 -5.57 -4.39 -9.16
C TRP A 96 -5.07 -3.20 -8.35
N MET A 97 -4.39 -2.29 -9.03
CA MET A 97 -3.88 -1.09 -8.40
C MET A 97 -4.65 0.12 -8.91
N ALA A 98 -5.47 0.70 -8.07
CA ALA A 98 -6.31 1.82 -8.47
C ALA A 98 -5.51 3.11 -8.53
N ASP A 99 -5.88 3.99 -9.47
CA ASP A 99 -5.22 5.30 -9.57
C ASP A 99 -5.45 6.10 -8.30
N ALA A 100 -6.65 5.93 -7.72
CA ALA A 100 -7.01 6.52 -6.42
C ALA A 100 -6.96 8.04 -6.44
N GLY A 101 -6.80 8.62 -7.63
CA GLY A 101 -6.71 10.06 -7.75
C GLY A 101 -5.35 10.57 -7.32
N VAL A 102 -4.37 9.67 -7.26
CA VAL A 102 -3.02 10.05 -6.92
C VAL A 102 -2.39 10.85 -8.05
N GLU A 103 -2.02 12.09 -7.77
CA GLU A 103 -1.56 13.01 -8.80
C GLU A 103 -0.12 12.73 -9.21
N ASP A 104 0.44 11.64 -8.68
CA ASP A 104 1.75 11.16 -9.09
C ASP A 104 1.61 9.83 -9.84
N ARG A 105 0.42 9.63 -10.39
CA ARG A 105 0.10 8.39 -11.11
C ARG A 105 1.06 8.12 -12.28
N GLY A 106 1.63 9.18 -12.85
CA GLY A 106 2.60 9.00 -13.92
C GLY A 106 3.88 8.36 -13.39
N VAL A 107 4.35 8.88 -12.26
CA VAL A 107 5.53 8.34 -11.60
C VAL A 107 5.24 6.94 -11.08
N MET A 108 4.02 6.74 -10.59
CA MET A 108 3.60 5.45 -10.09
C MET A 108 3.52 4.43 -11.22
N THR A 109 3.18 4.89 -12.41
CA THR A 109 3.15 4.01 -13.58
C THR A 109 4.54 3.48 -13.88
N ALA A 110 5.54 4.34 -13.83
CA ALA A 110 6.93 3.92 -14.01
C ALA A 110 7.33 2.96 -12.88
N PHE A 111 6.87 3.27 -11.68
CA PHE A 111 7.09 2.42 -10.51
C PHE A 111 6.45 1.04 -10.71
N MET A 112 5.26 1.03 -11.31
CA MET A 112 4.56 -0.21 -11.60
C MET A 112 5.34 -1.06 -12.59
N GLN A 113 6.00 -0.41 -13.54
CA GLN A 113 6.82 -1.10 -14.52
C GLN A 113 8.05 -1.71 -13.86
N ALA A 114 8.49 -1.10 -12.76
CA ALA A 114 9.59 -1.66 -11.99
C ALA A 114 9.15 -2.89 -11.22
N LEU A 115 7.94 -2.83 -10.68
CA LEU A 115 7.35 -3.95 -9.94
C LEU A 115 7.02 -5.12 -10.86
N GLY A 116 6.35 -4.81 -11.97
CA GLY A 116 5.92 -5.85 -12.88
C GLY A 116 4.43 -5.78 -13.12
N PHE A 117 3.86 -4.59 -12.98
CA PHE A 117 2.43 -4.39 -13.20
C PHE A 117 2.21 -3.81 -14.59
N THR A 118 1.02 -4.05 -15.13
CA THR A 118 0.66 -3.54 -16.44
C THR A 118 -0.37 -2.42 -16.31
N THR A 119 -0.46 -1.57 -17.31
CA THR A 119 -1.41 -0.48 -17.29
C THR A 119 -2.68 -0.84 -18.06
N GLN A 120 -3.79 -0.88 -17.35
CA GLN A 120 -5.08 -1.17 -17.97
C GLN A 120 -5.87 0.12 -18.15
N GLN A 121 -7.06 0.01 -18.70
CA GLN A 121 -7.88 1.16 -18.96
C GLN A 121 -8.78 1.45 -17.76
N GLY A 122 -8.17 1.52 -16.60
CA GLY A 122 -8.89 1.78 -15.37
C GLY A 122 -8.06 1.45 -14.15
N GLY A 123 -6.79 1.84 -14.20
CA GLY A 123 -5.87 1.53 -13.14
C GLY A 123 -4.78 0.58 -13.61
N TRP A 124 -3.92 0.18 -12.69
CA TRP A 124 -2.86 -0.75 -13.00
C TRP A 124 -3.31 -2.16 -12.63
N GLU A 125 -2.82 -3.15 -13.36
CA GLU A 125 -3.23 -4.52 -13.12
C GLU A 125 -2.07 -5.48 -13.20
N LYS A 126 -2.02 -6.42 -12.28
CA LYS A 126 -1.11 -7.54 -12.35
C LYS A 126 -1.83 -8.82 -11.98
N CYS A 127 -2.30 -9.54 -12.98
CA CYS A 127 -2.97 -10.81 -12.73
C CYS A 127 -1.94 -11.89 -12.41
N GLY A 128 -1.93 -12.34 -11.17
CA GLY A 128 -0.99 -13.34 -10.74
C GLY A 128 0.27 -12.73 -10.17
N MET A 1 19.09 -4.01 7.32
CA MET A 1 17.91 -3.11 7.21
C MET A 1 16.73 -3.86 6.60
N LYS A 2 15.84 -4.33 7.46
CA LYS A 2 14.63 -4.99 7.02
C LYS A 2 13.41 -4.12 7.28
N LEU A 3 12.62 -3.89 6.24
CA LEU A 3 11.40 -3.12 6.36
C LEU A 3 10.32 -3.98 7.03
N THR A 4 9.90 -3.57 8.21
CA THR A 4 8.90 -4.33 8.96
C THR A 4 7.49 -3.90 8.55
N ILE A 5 6.93 -4.59 7.58
CA ILE A 5 5.58 -4.28 7.12
C ILE A 5 4.56 -4.93 8.05
N ILE A 6 3.92 -4.12 8.87
CA ILE A 6 2.95 -4.63 9.80
C ILE A 6 1.56 -4.41 9.23
N ARG A 7 0.65 -5.29 9.57
CA ARG A 7 -0.73 -5.16 9.15
C ARG A 7 -1.52 -4.49 10.26
N LEU A 8 -2.41 -3.58 9.90
CA LEU A 8 -3.23 -2.89 10.88
C LEU A 8 -4.32 -3.80 11.42
N GLU A 9 -3.87 -4.87 12.05
CA GLU A 9 -4.74 -5.81 12.73
C GLU A 9 -4.84 -5.42 14.19
N LYS A 10 -3.77 -4.81 14.68
CA LYS A 10 -3.68 -4.37 16.06
C LYS A 10 -3.29 -2.90 16.08
N PHE A 11 -4.23 -2.04 16.41
CA PHE A 11 -3.99 -0.61 16.37
C PHE A 11 -3.41 -0.09 17.68
N SER A 12 -2.16 0.34 17.61
CA SER A 12 -1.52 1.00 18.74
C SER A 12 -1.73 2.51 18.63
N ASP A 13 -1.62 3.20 19.76
CA ASP A 13 -1.88 4.64 19.81
C ASP A 13 -0.89 5.43 18.96
N GLN A 14 0.39 5.12 19.09
CA GLN A 14 1.41 5.85 18.31
C GLN A 14 1.21 5.60 16.83
N ASP A 15 0.91 4.36 16.47
CA ASP A 15 0.66 3.98 15.08
C ASP A 15 -0.46 4.83 14.50
N ARG A 16 -1.53 5.00 15.28
CA ARG A 16 -2.67 5.82 14.86
C ARG A 16 -2.24 7.26 14.60
N ILE A 17 -1.36 7.78 15.43
CA ILE A 17 -0.94 9.17 15.33
C ILE A 17 0.07 9.37 14.20
N ASP A 18 0.96 8.41 14.00
CA ASP A 18 1.94 8.50 12.93
C ASP A 18 1.24 8.39 11.58
N LEU A 19 0.17 7.59 11.54
CA LEU A 19 -0.68 7.52 10.36
C LEU A 19 -1.35 8.87 10.11
N GLN A 20 -1.72 9.54 11.19
CA GLN A 20 -2.30 10.89 11.11
C GLN A 20 -1.28 11.88 10.57
N LYS A 21 0.00 11.55 10.72
CA LYS A 21 1.07 12.36 10.16
C LYS A 21 1.23 12.08 8.68
N ILE A 22 0.89 10.85 8.28
CA ILE A 22 0.94 10.46 6.88
C ILE A 22 -0.25 11.04 6.12
N TRP A 23 -1.40 11.11 6.79
CA TRP A 23 -2.56 11.80 6.25
C TRP A 23 -2.80 13.08 7.06
N PRO A 24 -2.06 14.16 6.76
CA PRO A 24 -2.03 15.38 7.58
C PRO A 24 -3.36 16.12 7.62
N GLU A 25 -4.17 15.93 6.58
CA GLU A 25 -5.42 16.66 6.47
C GLU A 25 -6.61 15.75 6.81
N TYR A 26 -6.31 14.53 7.21
CA TYR A 26 -7.35 13.54 7.46
C TYR A 26 -7.33 13.10 8.92
N SER A 27 -8.39 13.43 9.64
CA SER A 27 -8.60 12.90 10.97
C SER A 27 -8.78 11.39 10.88
N PRO A 28 -7.85 10.62 11.46
CA PRO A 28 -7.79 9.17 11.27
C PRO A 28 -9.03 8.42 11.80
N SER A 29 -10.06 8.37 10.97
CA SER A 29 -11.23 7.56 11.25
C SER A 29 -11.31 6.41 10.26
N SER A 30 -10.34 6.37 9.34
CA SER A 30 -10.25 5.31 8.35
C SER A 30 -9.60 4.08 8.96
N LEU A 31 -9.34 4.15 10.26
CA LEU A 31 -8.66 3.10 11.00
C LEU A 31 -9.60 1.94 11.29
N GLN A 32 -10.80 1.99 10.72
CA GLN A 32 -11.73 0.90 10.83
C GLN A 32 -11.41 -0.16 9.79
N VAL A 33 -10.70 -1.20 10.21
CA VAL A 33 -10.23 -2.22 9.30
C VAL A 33 -11.22 -3.38 9.23
N ASP A 34 -11.49 -3.84 8.01
CA ASP A 34 -12.32 -5.01 7.81
C ASP A 34 -11.63 -5.96 6.84
N ASP A 35 -12.27 -7.08 6.53
CA ASP A 35 -11.65 -8.11 5.70
C ASP A 35 -11.42 -7.60 4.28
N ASN A 36 -12.19 -6.61 3.88
CA ASN A 36 -12.04 -5.99 2.58
C ASN A 36 -10.98 -4.89 2.66
N HIS A 37 -11.26 -3.87 3.46
CA HIS A 37 -10.38 -2.72 3.56
C HIS A 37 -9.31 -2.92 4.62
N ARG A 38 -8.16 -3.41 4.20
CA ARG A 38 -7.06 -3.63 5.12
C ARG A 38 -5.94 -2.65 4.88
N ILE A 39 -5.37 -2.15 5.97
CA ILE A 39 -4.27 -1.22 5.90
C ILE A 39 -2.97 -1.92 6.30
N TYR A 40 -1.93 -1.69 5.53
CA TYR A 40 -0.61 -2.21 5.86
C TYR A 40 0.36 -1.05 6.05
N ALA A 41 1.22 -1.17 7.04
CA ALA A 41 2.11 -0.06 7.41
C ALA A 41 3.54 -0.55 7.48
N ALA A 42 4.40 0.10 6.74
CA ALA A 42 5.79 -0.31 6.66
C ALA A 42 6.61 0.44 7.69
N ARG A 43 6.94 -0.27 8.76
CA ARG A 43 7.66 0.29 9.91
C ARG A 43 9.17 0.22 9.67
N PHE A 44 9.82 1.37 9.73
CA PHE A 44 11.27 1.44 9.63
C PHE A 44 11.78 2.48 10.60
N ASN A 45 12.70 2.07 11.47
CA ASN A 45 13.29 2.94 12.50
C ASN A 45 12.19 3.43 13.45
N GLU A 46 11.25 2.52 13.73
CA GLU A 46 10.15 2.79 14.67
C GLU A 46 9.20 3.86 14.11
N ARG A 47 9.26 4.09 12.81
CA ARG A 47 8.40 5.05 12.16
C ARG A 47 7.81 4.44 10.89
N LEU A 48 6.58 4.80 10.55
CA LEU A 48 5.93 4.24 9.38
C LEU A 48 6.41 4.92 8.11
N LEU A 49 7.32 4.28 7.41
CA LEU A 49 7.91 4.86 6.21
C LEU A 49 6.99 4.68 5.01
N ALA A 50 6.09 3.71 5.08
CA ALA A 50 5.13 3.50 4.00
C ALA A 50 3.76 3.13 4.54
N ALA A 51 2.73 3.68 3.91
CA ALA A 51 1.35 3.35 4.26
C ALA A 51 0.58 2.96 3.01
N VAL A 52 0.01 1.76 3.01
CA VAL A 52 -0.69 1.26 1.85
C VAL A 52 -2.04 0.66 2.25
N ARG A 53 -3.07 0.98 1.49
CA ARG A 53 -4.38 0.41 1.73
C ARG A 53 -4.75 -0.55 0.61
N VAL A 54 -5.18 -1.75 0.97
CA VAL A 54 -5.56 -2.74 -0.02
C VAL A 54 -6.96 -3.27 0.30
N THR A 55 -7.75 -3.46 -0.74
CA THR A 55 -9.08 -3.99 -0.59
C THR A 55 -9.14 -5.42 -1.11
N LEU A 56 -9.13 -6.36 -0.19
CA LEU A 56 -9.22 -7.77 -0.54
C LEU A 56 -10.67 -8.13 -0.81
N SER A 57 -11.07 -8.02 -2.06
CA SER A 57 -12.45 -8.24 -2.44
C SER A 57 -12.58 -9.60 -3.12
N GLY A 58 -13.03 -10.59 -2.35
CA GLY A 58 -13.18 -11.93 -2.88
C GLY A 58 -11.87 -12.53 -3.34
N THR A 59 -11.69 -12.59 -4.65
CA THR A 59 -10.47 -13.13 -5.22
C THR A 59 -9.61 -12.02 -5.82
N GLU A 60 -10.07 -10.79 -5.68
CA GLU A 60 -9.36 -9.64 -6.23
C GLU A 60 -8.60 -8.89 -5.15
N GLY A 61 -7.30 -8.78 -5.35
CA GLY A 61 -6.48 -7.97 -4.48
C GLY A 61 -6.29 -6.59 -5.07
N ALA A 62 -7.24 -5.71 -4.81
CA ALA A 62 -7.21 -4.37 -5.37
C ALA A 62 -6.51 -3.40 -4.42
N LEU A 63 -5.54 -2.68 -4.93
CA LEU A 63 -4.80 -1.74 -4.10
C LEU A 63 -5.44 -0.37 -4.21
N ASP A 64 -5.85 0.17 -3.07
CA ASP A 64 -6.57 1.43 -3.04
C ASP A 64 -5.73 2.50 -2.36
N SER A 65 -5.02 3.27 -3.18
CA SER A 65 -4.12 4.34 -2.75
C SER A 65 -2.87 3.81 -2.06
N LEU A 66 -1.72 4.27 -2.54
CA LEU A 66 -0.44 3.96 -1.95
C LEU A 66 0.28 5.26 -1.61
N ARG A 67 0.64 5.43 -0.35
CA ARG A 67 1.31 6.63 0.10
C ARG A 67 2.56 6.30 0.90
N VAL A 68 3.70 6.31 0.22
CA VAL A 68 4.97 6.11 0.90
C VAL A 68 5.46 7.46 1.41
N ARG A 69 6.07 7.47 2.59
CA ARG A 69 6.55 8.70 3.19
C ARG A 69 7.59 9.35 2.28
N GLU A 70 7.52 10.67 2.16
CA GLU A 70 8.34 11.42 1.21
C GLU A 70 9.84 11.21 1.46
N VAL A 71 10.19 10.71 2.63
CA VAL A 71 11.58 10.46 2.99
C VAL A 71 12.17 9.32 2.14
N THR A 72 11.29 8.50 1.57
CA THR A 72 11.73 7.35 0.80
C THR A 72 12.52 7.78 -0.44
N ARG A 73 12.02 8.81 -1.12
CA ARG A 73 12.68 9.38 -2.31
C ARG A 73 13.05 8.29 -3.33
N ARG A 74 12.11 7.39 -3.62
CA ARG A 74 12.30 6.35 -4.64
C ARG A 74 13.55 5.51 -4.36
N ARG A 75 13.52 4.75 -3.28
CA ARG A 75 14.70 3.98 -2.87
C ARG A 75 14.31 2.64 -2.26
N GLY A 76 13.92 1.71 -3.12
CA GLY A 76 13.79 0.31 -2.71
C GLY A 76 12.50 -0.04 -1.98
N VAL A 77 12.09 0.82 -1.06
CA VAL A 77 10.93 0.56 -0.20
C VAL A 77 9.70 0.13 -1.00
N GLY A 78 9.38 0.87 -2.07
CA GLY A 78 8.24 0.54 -2.89
C GLY A 78 8.31 -0.85 -3.48
N GLN A 79 9.49 -1.21 -3.99
CA GLN A 79 9.72 -2.55 -4.52
C GLN A 79 9.37 -3.61 -3.48
N TYR A 80 10.03 -3.49 -2.33
CA TYR A 80 9.88 -4.46 -1.26
C TYR A 80 8.43 -4.53 -0.77
N LEU A 81 7.83 -3.37 -0.58
CA LEU A 81 6.50 -3.27 -0.01
C LEU A 81 5.49 -4.11 -0.79
N LEU A 82 5.38 -3.84 -2.09
CA LEU A 82 4.39 -4.52 -2.92
C LEU A 82 4.65 -6.02 -2.98
N GLU A 83 5.90 -6.41 -3.19
CA GLU A 83 6.24 -7.83 -3.26
C GLU A 83 5.89 -8.54 -1.96
N GLU A 84 6.12 -7.86 -0.85
CA GLU A 84 5.86 -8.43 0.46
C GLU A 84 4.36 -8.59 0.69
N VAL A 85 3.57 -7.61 0.23
CA VAL A 85 2.12 -7.70 0.33
C VAL A 85 1.59 -8.90 -0.47
N LEU A 86 2.14 -9.09 -1.65
CA LEU A 86 1.75 -10.22 -2.49
C LEU A 86 2.24 -11.55 -1.91
N ARG A 87 3.20 -11.48 -0.99
CA ARG A 87 3.64 -12.65 -0.27
C ARG A 87 2.73 -12.89 0.94
N ASN A 88 2.34 -11.79 1.57
CA ASN A 88 1.47 -11.84 2.75
C ASN A 88 0.10 -12.37 2.35
N ASN A 89 -0.43 -11.88 1.23
CA ASN A 89 -1.73 -12.33 0.73
C ASN A 89 -1.59 -12.94 -0.66
N PRO A 90 -1.10 -14.19 -0.74
CA PRO A 90 -0.91 -14.88 -2.01
C PRO A 90 -2.15 -15.64 -2.47
N GLY A 91 -3.20 -15.59 -1.67
CA GLY A 91 -4.44 -16.29 -2.00
C GLY A 91 -5.13 -15.66 -3.19
N VAL A 92 -5.31 -14.34 -3.14
CA VAL A 92 -5.90 -13.60 -4.23
C VAL A 92 -5.04 -13.71 -5.50
N SER A 93 -5.62 -14.25 -6.56
CA SER A 93 -4.90 -14.49 -7.80
C SER A 93 -5.04 -13.31 -8.76
N CYS A 94 -6.04 -12.46 -8.51
CA CYS A 94 -6.28 -11.32 -9.38
C CYS A 94 -5.91 -10.03 -8.66
N TRP A 95 -4.73 -9.52 -8.92
CA TRP A 95 -4.30 -8.27 -8.31
C TRP A 95 -4.58 -7.09 -9.23
N TRP A 96 -5.17 -6.06 -8.65
CA TRP A 96 -5.57 -4.88 -9.37
C TRP A 96 -5.02 -3.64 -8.70
N MET A 97 -4.32 -2.81 -9.47
CA MET A 97 -3.70 -1.61 -8.92
C MET A 97 -4.48 -0.39 -9.37
N ALA A 98 -5.15 0.25 -8.43
CA ALA A 98 -6.02 1.37 -8.75
C ALA A 98 -5.28 2.70 -8.65
N ASP A 99 -5.76 3.69 -9.39
CA ASP A 99 -5.15 5.01 -9.41
C ASP A 99 -5.90 5.97 -8.49
N ALA A 100 -6.96 5.46 -7.86
CA ALA A 100 -7.77 6.27 -6.96
C ALA A 100 -6.96 6.70 -5.74
N GLY A 101 -6.97 8.00 -5.47
CA GLY A 101 -6.21 8.53 -4.35
C GLY A 101 -4.77 8.83 -4.73
N VAL A 102 -4.44 8.62 -5.99
CA VAL A 102 -3.09 8.86 -6.49
C VAL A 102 -3.09 9.95 -7.55
N GLU A 103 -2.48 11.09 -7.22
CA GLU A 103 -2.39 12.20 -8.14
C GLU A 103 -1.25 11.99 -9.13
N ASP A 104 -0.18 11.36 -8.65
CA ASP A 104 1.01 11.12 -9.47
C ASP A 104 0.88 9.82 -10.24
N ARG A 105 -0.13 9.74 -11.10
CA ARG A 105 -0.38 8.52 -11.88
C ARG A 105 0.78 8.23 -12.83
N GLY A 106 1.32 9.27 -13.44
CA GLY A 106 2.45 9.10 -14.33
C GLY A 106 3.65 8.52 -13.63
N VAL A 107 3.95 9.04 -12.44
CA VAL A 107 5.06 8.54 -11.64
C VAL A 107 4.82 7.08 -11.26
N MET A 108 3.60 6.77 -10.85
CA MET A 108 3.25 5.40 -10.45
C MET A 108 3.34 4.45 -11.64
N THR A 109 3.10 4.97 -12.83
CA THR A 109 3.23 4.17 -14.05
C THR A 109 4.68 3.70 -14.21
N ALA A 110 5.62 4.62 -14.04
CA ALA A 110 7.04 4.29 -14.11
C ALA A 110 7.44 3.41 -12.94
N PHE A 111 6.86 3.71 -11.78
CA PHE A 111 7.08 2.93 -10.57
C PHE A 111 6.69 1.47 -10.76
N MET A 112 5.47 1.24 -11.22
CA MET A 112 4.93 -0.10 -11.32
C MET A 112 5.50 -0.85 -12.52
N GLN A 113 5.89 -0.12 -13.56
CA GLN A 113 6.54 -0.76 -14.71
C GLN A 113 7.92 -1.26 -14.30
N ALA A 114 8.57 -0.52 -13.41
CA ALA A 114 9.87 -0.92 -12.89
C ALA A 114 9.74 -2.15 -12.01
N LEU A 115 8.64 -2.23 -11.28
CA LEU A 115 8.41 -3.35 -10.38
C LEU A 115 7.91 -4.58 -11.14
N GLY A 116 6.86 -4.40 -11.94
CA GLY A 116 6.32 -5.49 -12.71
C GLY A 116 4.81 -5.46 -12.78
N PHE A 117 4.29 -4.48 -13.51
CA PHE A 117 2.84 -4.32 -13.69
C PHE A 117 2.54 -3.83 -15.10
N THR A 118 1.39 -4.24 -15.62
CA THR A 118 0.96 -3.81 -16.94
C THR A 118 -0.30 -2.96 -16.84
N THR A 119 -0.48 -2.03 -17.77
CA THR A 119 -1.65 -1.18 -17.75
C THR A 119 -2.71 -1.72 -18.71
N GLN A 120 -3.83 -2.11 -18.14
CA GLN A 120 -4.89 -2.72 -18.90
C GLN A 120 -6.24 -2.12 -18.50
N GLN A 121 -6.87 -1.45 -19.46
CA GLN A 121 -8.24 -0.95 -19.30
C GLN A 121 -8.35 0.09 -18.16
N GLY A 122 -7.30 0.89 -17.99
CA GLY A 122 -7.37 2.00 -17.07
C GLY A 122 -6.73 1.72 -15.72
N GLY A 123 -6.11 0.56 -15.58
CA GLY A 123 -5.45 0.23 -14.32
C GLY A 123 -4.34 -0.78 -14.52
N TRP A 124 -3.62 -1.08 -13.46
CA TRP A 124 -2.55 -2.07 -13.54
C TRP A 124 -3.08 -3.44 -13.10
N GLU A 125 -2.87 -4.44 -13.94
CA GLU A 125 -3.31 -5.79 -13.63
C GLU A 125 -2.11 -6.70 -13.37
N LYS A 126 -2.23 -7.57 -12.38
CA LYS A 126 -1.23 -8.59 -12.14
C LYS A 126 -1.91 -9.92 -11.85
N CYS A 127 -2.10 -10.72 -12.88
CA CYS A 127 -2.78 -12.00 -12.75
C CYS A 127 -1.79 -13.10 -12.37
N GLY A 128 -2.16 -13.88 -11.37
CA GLY A 128 -1.32 -14.98 -10.93
C GLY A 128 -2.08 -16.29 -10.88
N MET A 1 18.02 -5.28 5.05
CA MET A 1 16.88 -4.34 5.19
C MET A 1 15.56 -5.10 5.10
N LYS A 2 14.99 -5.43 6.24
CA LYS A 2 13.71 -6.11 6.27
C LYS A 2 12.61 -5.17 6.73
N LEU A 3 11.55 -5.12 5.95
CA LEU A 3 10.43 -4.22 6.22
C LEU A 3 9.36 -4.93 7.03
N THR A 4 9.17 -4.48 8.27
CA THR A 4 8.18 -5.08 9.15
C THR A 4 6.79 -4.49 8.87
N ILE A 5 5.99 -5.23 8.13
CA ILE A 5 4.65 -4.80 7.80
C ILE A 5 3.66 -5.39 8.78
N ILE A 6 2.82 -4.53 9.33
CA ILE A 6 1.80 -4.95 10.26
C ILE A 6 0.44 -4.49 9.76
N ARG A 7 -0.58 -5.23 10.09
CA ARG A 7 -1.93 -4.87 9.70
C ARG A 7 -2.57 -4.06 10.81
N LEU A 8 -3.29 -3.01 10.44
CA LEU A 8 -3.94 -2.12 11.41
C LEU A 8 -5.17 -2.77 12.03
N GLU A 9 -5.01 -3.99 12.52
CA GLU A 9 -6.07 -4.69 13.20
C GLU A 9 -6.04 -4.33 14.68
N LYS A 10 -4.87 -3.92 15.14
CA LYS A 10 -4.69 -3.42 16.49
C LYS A 10 -4.10 -2.03 16.43
N PHE A 11 -4.91 -1.03 16.73
CA PHE A 11 -4.50 0.35 16.57
C PHE A 11 -3.70 0.84 17.78
N SER A 12 -2.45 1.15 17.54
CA SER A 12 -1.58 1.72 18.56
C SER A 12 -1.53 3.24 18.38
N ASP A 13 -1.27 3.95 19.47
CA ASP A 13 -1.34 5.41 19.46
C ASP A 13 -0.26 6.02 18.58
N GLN A 14 0.99 5.59 18.79
CA GLN A 14 2.12 6.12 18.02
C GLN A 14 2.00 5.76 16.54
N ASP A 15 1.51 4.55 16.27
CA ASP A 15 1.27 4.11 14.90
C ASP A 15 0.24 5.03 14.23
N ARG A 16 -0.76 5.43 15.01
CA ARG A 16 -1.80 6.33 14.52
C ARG A 16 -1.22 7.72 14.27
N ILE A 17 -0.19 8.08 15.03
CA ILE A 17 0.49 9.36 14.86
C ILE A 17 1.16 9.41 13.48
N ASP A 18 1.81 8.33 13.10
CA ASP A 18 2.45 8.25 11.79
C ASP A 18 1.42 8.31 10.68
N LEU A 19 0.29 7.66 10.90
CA LEU A 19 -0.81 7.69 9.94
C LEU A 19 -1.28 9.13 9.74
N GLN A 20 -1.38 9.87 10.84
CA GLN A 20 -1.80 11.27 10.80
C GLN A 20 -0.68 12.14 10.23
N LYS A 21 0.52 11.58 10.15
CA LYS A 21 1.65 12.27 9.56
C LYS A 21 1.75 11.94 8.07
N ILE A 22 1.17 10.81 7.70
CA ILE A 22 1.06 10.42 6.30
C ILE A 22 -0.07 11.19 5.65
N TRP A 23 -1.12 11.43 6.43
CA TRP A 23 -2.18 12.33 6.01
C TRP A 23 -2.15 13.58 6.90
N PRO A 24 -1.25 14.53 6.60
CA PRO A 24 -0.93 15.65 7.51
C PRO A 24 -2.09 16.63 7.68
N GLU A 25 -3.13 16.46 6.88
CA GLU A 25 -4.29 17.35 6.94
C GLU A 25 -5.53 16.59 7.39
N TYR A 26 -5.35 15.32 7.74
CA TYR A 26 -6.47 14.45 8.07
C TYR A 26 -6.21 13.66 9.35
N SER A 27 -7.09 13.83 10.32
CA SER A 27 -7.07 13.00 11.52
C SER A 27 -7.77 11.68 11.22
N PRO A 28 -7.02 10.56 11.28
CA PRO A 28 -7.53 9.23 10.93
C PRO A 28 -8.79 8.86 11.70
N SER A 29 -9.91 8.83 10.99
CA SER A 29 -11.20 8.48 11.58
C SER A 29 -11.76 7.23 10.88
N SER A 30 -11.31 7.02 9.65
CA SER A 30 -11.72 5.85 8.87
C SER A 30 -11.04 4.57 9.38
N LEU A 31 -10.31 4.69 10.48
CA LEU A 31 -9.57 3.58 11.07
C LEU A 31 -10.49 2.42 11.43
N GLN A 32 -10.66 1.53 10.48
CA GLN A 32 -11.43 0.30 10.66
C GLN A 32 -11.04 -0.67 9.56
N VAL A 33 -10.81 -1.93 9.92
CA VAL A 33 -10.32 -2.91 8.97
C VAL A 33 -11.24 -4.13 8.89
N ASP A 34 -11.40 -4.61 7.67
CA ASP A 34 -12.17 -5.83 7.42
C ASP A 34 -11.24 -6.87 6.84
N ASP A 35 -11.72 -8.09 6.68
CA ASP A 35 -10.96 -9.12 5.97
C ASP A 35 -10.86 -8.74 4.51
N ASN A 36 -11.85 -7.99 4.03
CA ASN A 36 -11.90 -7.57 2.64
C ASN A 36 -11.40 -6.13 2.50
N HIS A 37 -11.02 -5.52 3.60
CA HIS A 37 -10.48 -4.17 3.60
C HIS A 37 -9.40 -4.03 4.65
N ARG A 38 -8.16 -4.29 4.27
CA ARG A 38 -7.07 -4.32 5.22
C ARG A 38 -6.15 -3.12 5.02
N ILE A 39 -5.47 -2.73 6.08
CA ILE A 39 -4.51 -1.65 6.01
C ILE A 39 -3.15 -2.16 6.47
N TYR A 40 -2.17 -2.11 5.59
CA TYR A 40 -0.82 -2.56 5.91
C TYR A 40 0.10 -1.37 6.12
N ALA A 41 0.78 -1.38 7.24
CA ALA A 41 1.71 -0.31 7.57
C ALA A 41 3.13 -0.82 7.47
N ALA A 42 3.96 -0.09 6.76
CA ALA A 42 5.34 -0.49 6.54
C ALA A 42 6.22 0.12 7.60
N ARG A 43 6.63 -0.69 8.56
CA ARG A 43 7.44 -0.22 9.67
C ARG A 43 8.90 -0.59 9.45
N PHE A 44 9.75 0.41 9.35
CA PHE A 44 11.16 0.18 9.08
C PHE A 44 12.02 0.79 10.19
N ASN A 45 12.63 -0.09 10.98
CA ASN A 45 13.56 0.30 12.05
C ASN A 45 12.85 1.02 13.21
N GLU A 46 12.40 2.23 12.96
CA GLU A 46 11.82 3.06 14.02
C GLU A 46 10.30 2.91 14.07
N ARG A 47 9.62 3.37 13.03
CA ARG A 47 8.17 3.41 13.00
C ARG A 47 7.69 3.20 11.57
N LEU A 48 6.54 3.76 11.24
CA LEU A 48 5.95 3.56 9.92
C LEU A 48 6.64 4.43 8.88
N LEU A 49 7.16 3.81 7.86
CA LEU A 49 7.85 4.51 6.78
C LEU A 49 6.91 4.68 5.59
N ALA A 50 5.94 3.78 5.48
CA ALA A 50 4.96 3.84 4.40
C ALA A 50 3.65 3.21 4.83
N ALA A 51 2.59 3.48 4.08
CA ALA A 51 1.29 2.89 4.36
C ALA A 51 0.53 2.65 3.07
N VAL A 52 -0.22 1.55 3.04
CA VAL A 52 -1.03 1.21 1.88
C VAL A 52 -2.31 0.49 2.31
N ARG A 53 -3.42 0.79 1.67
CA ARG A 53 -4.67 0.12 1.96
C ARG A 53 -4.95 -0.94 0.89
N VAL A 54 -5.46 -2.09 1.31
CA VAL A 54 -5.71 -3.18 0.38
C VAL A 54 -7.11 -3.74 0.53
N THR A 55 -7.85 -3.71 -0.55
CA THR A 55 -9.17 -4.33 -0.60
C THR A 55 -9.03 -5.76 -1.11
N LEU A 56 -9.78 -6.67 -0.53
CA LEU A 56 -9.69 -8.08 -0.91
C LEU A 56 -11.07 -8.62 -1.27
N SER A 57 -11.10 -9.46 -2.29
CA SER A 57 -12.32 -10.12 -2.70
C SER A 57 -11.99 -11.53 -3.20
N GLY A 58 -11.90 -12.46 -2.25
CA GLY A 58 -11.56 -13.83 -2.59
C GLY A 58 -10.13 -13.95 -3.06
N THR A 59 -9.96 -14.24 -4.35
CA THR A 59 -8.64 -14.38 -4.93
C THR A 59 -8.21 -13.10 -5.63
N GLU A 60 -9.03 -12.07 -5.54
CA GLU A 60 -8.72 -10.79 -6.15
C GLU A 60 -8.48 -9.73 -5.08
N GLY A 61 -7.66 -8.76 -5.40
CA GLY A 61 -7.36 -7.70 -4.45
C GLY A 61 -7.19 -6.37 -5.15
N ALA A 62 -7.35 -5.30 -4.40
CA ALA A 62 -7.23 -3.95 -4.95
C ALA A 62 -6.38 -3.08 -4.02
N LEU A 63 -5.32 -2.52 -4.56
CA LEU A 63 -4.44 -1.68 -3.78
C LEU A 63 -4.84 -0.22 -3.94
N ASP A 64 -5.22 0.40 -2.82
CA ASP A 64 -5.74 1.75 -2.83
C ASP A 64 -5.02 2.61 -1.81
N SER A 65 -4.62 3.81 -2.22
CA SER A 65 -3.92 4.76 -1.35
C SER A 65 -2.56 4.22 -0.90
N LEU A 66 -1.52 4.72 -1.57
CA LEU A 66 -0.15 4.33 -1.26
C LEU A 66 0.74 5.56 -1.13
N ARG A 67 1.36 5.74 0.01
CA ARG A 67 2.25 6.86 0.22
C ARG A 67 3.43 6.45 1.10
N VAL A 68 4.63 6.80 0.65
CA VAL A 68 5.85 6.61 1.42
C VAL A 68 6.37 7.97 1.86
N ARG A 69 7.27 7.99 2.83
CA ARG A 69 7.93 9.23 3.24
C ARG A 69 8.58 9.89 2.02
N GLU A 70 8.39 11.19 1.90
CA GLU A 70 8.89 11.95 0.75
C GLU A 70 10.41 11.89 0.67
N VAL A 71 11.05 11.69 1.82
CA VAL A 71 12.49 11.60 1.90
C VAL A 71 12.98 10.22 1.45
N THR A 72 12.06 9.27 1.34
CA THR A 72 12.43 7.90 1.04
C THR A 72 12.39 7.63 -0.47
N ARG A 73 13.26 8.32 -1.19
CA ARG A 73 13.43 8.10 -2.62
C ARG A 73 14.75 7.37 -2.85
N ARG A 74 14.70 6.04 -2.88
CA ARG A 74 15.91 5.23 -2.91
C ARG A 74 15.86 4.15 -3.99
N ARG A 75 14.68 3.96 -4.60
CA ARG A 75 14.47 2.88 -5.56
C ARG A 75 14.48 1.54 -4.85
N GLY A 76 13.33 1.12 -4.36
CA GLY A 76 13.24 -0.20 -3.77
C GLY A 76 12.25 -0.29 -2.63
N VAL A 77 12.22 0.70 -1.75
CA VAL A 77 11.34 0.68 -0.59
C VAL A 77 9.88 0.43 -0.98
N GLY A 78 9.37 1.25 -1.89
CA GLY A 78 7.99 1.08 -2.36
C GLY A 78 7.80 -0.25 -3.08
N GLN A 79 8.80 -0.64 -3.85
CA GLN A 79 8.77 -1.91 -4.58
C GLN A 79 8.71 -3.08 -3.59
N TYR A 80 9.63 -3.09 -2.64
CA TYR A 80 9.71 -4.16 -1.65
C TYR A 80 8.44 -4.21 -0.80
N LEU A 81 7.86 -3.04 -0.56
CA LEU A 81 6.61 -2.95 0.18
C LEU A 81 5.54 -3.82 -0.46
N LEU A 82 5.27 -3.57 -1.73
CA LEU A 82 4.26 -4.34 -2.46
C LEU A 82 4.69 -5.80 -2.59
N GLU A 83 5.97 -6.01 -2.88
CA GLU A 83 6.53 -7.36 -2.97
C GLU A 83 6.26 -8.16 -1.71
N GLU A 84 6.50 -7.54 -0.56
CA GLU A 84 6.31 -8.19 0.73
C GLU A 84 4.82 -8.49 0.96
N VAL A 85 3.97 -7.58 0.52
CA VAL A 85 2.53 -7.76 0.62
C VAL A 85 2.05 -8.92 -0.26
N LEU A 86 2.54 -8.95 -1.50
CA LEU A 86 2.17 -10.00 -2.44
C LEU A 86 2.69 -11.36 -1.99
N ARG A 87 3.73 -11.36 -1.16
CA ARG A 87 4.25 -12.61 -0.62
C ARG A 87 3.55 -12.96 0.69
N ASN A 88 2.85 -11.99 1.27
CA ASN A 88 2.06 -12.23 2.47
C ASN A 88 0.72 -12.84 2.08
N ASN A 89 0.13 -12.29 1.02
CA ASN A 89 -1.14 -12.79 0.50
C ASN A 89 -0.97 -13.30 -0.93
N PRO A 90 -0.39 -14.50 -1.09
CA PRO A 90 -0.10 -15.06 -2.42
C PRO A 90 -1.34 -15.66 -3.06
N GLY A 91 -2.39 -15.85 -2.28
CA GLY A 91 -3.63 -16.41 -2.78
C GLY A 91 -4.32 -15.46 -3.74
N VAL A 92 -3.98 -14.19 -3.64
CA VAL A 92 -4.51 -13.18 -4.55
C VAL A 92 -3.82 -13.30 -5.91
N SER A 93 -4.54 -13.83 -6.88
CA SER A 93 -4.00 -14.05 -8.20
C SER A 93 -4.23 -12.85 -9.10
N CYS A 94 -5.06 -11.92 -8.65
CA CYS A 94 -5.36 -10.73 -9.42
C CYS A 94 -5.23 -9.49 -8.53
N TRP A 95 -4.06 -8.85 -8.58
CA TRP A 95 -3.84 -7.62 -7.85
C TRP A 95 -4.17 -6.42 -8.70
N TRP A 96 -5.27 -5.77 -8.40
CA TRP A 96 -5.69 -4.58 -9.13
C TRP A 96 -5.25 -3.34 -8.36
N MET A 97 -4.62 -2.40 -9.04
CA MET A 97 -4.18 -1.18 -8.40
C MET A 97 -4.93 0.02 -8.96
N ALA A 98 -5.44 0.85 -8.08
CA ALA A 98 -6.26 1.98 -8.48
C ALA A 98 -5.50 3.30 -8.36
N ASP A 99 -6.06 4.32 -8.98
CA ASP A 99 -5.46 5.65 -8.99
C ASP A 99 -6.29 6.57 -8.11
N ALA A 100 -6.17 6.38 -6.81
CA ALA A 100 -6.93 7.16 -5.85
C ALA A 100 -6.07 8.21 -5.17
N GLY A 101 -6.40 9.48 -5.43
CA GLY A 101 -5.70 10.58 -4.78
C GLY A 101 -4.34 10.86 -5.38
N VAL A 102 -3.98 10.10 -6.41
CA VAL A 102 -2.69 10.25 -7.06
C VAL A 102 -2.83 11.07 -8.33
N GLU A 103 -2.18 12.21 -8.39
CA GLU A 103 -2.16 13.02 -9.59
C GLU A 103 -0.94 12.67 -10.43
N ASP A 104 0.05 12.08 -9.77
CA ASP A 104 1.29 11.67 -10.42
C ASP A 104 1.15 10.28 -11.02
N ARG A 105 -0.02 10.01 -11.62
CA ARG A 105 -0.29 8.72 -12.23
C ARG A 105 0.82 8.32 -13.20
N GLY A 106 1.26 9.26 -14.03
CA GLY A 106 2.32 8.99 -15.00
C GLY A 106 3.58 8.49 -14.34
N VAL A 107 4.00 9.16 -13.26
CA VAL A 107 5.20 8.78 -12.54
C VAL A 107 5.01 7.41 -11.89
N MET A 108 3.85 7.21 -11.28
CA MET A 108 3.55 5.95 -10.61
C MET A 108 3.41 4.81 -11.63
N THR A 109 2.99 5.15 -12.85
CA THR A 109 2.91 4.17 -13.92
C THR A 109 4.29 3.61 -14.22
N ALA A 110 5.29 4.49 -14.32
CA ALA A 110 6.67 4.07 -14.54
C ALA A 110 7.16 3.20 -13.37
N PHE A 111 6.76 3.59 -12.17
CA PHE A 111 7.07 2.83 -10.96
C PHE A 111 6.49 1.42 -11.03
N MET A 112 5.21 1.32 -11.38
CA MET A 112 4.53 0.03 -11.45
C MET A 112 5.10 -0.82 -12.59
N GLN A 113 5.48 -0.17 -13.68
CA GLN A 113 6.07 -0.87 -14.82
C GLN A 113 7.48 -1.35 -14.49
N ALA A 114 8.14 -0.68 -13.56
CA ALA A 114 9.45 -1.09 -13.10
C ALA A 114 9.33 -2.28 -12.17
N LEU A 115 8.31 -2.27 -11.34
CA LEU A 115 8.06 -3.36 -10.40
C LEU A 115 7.58 -4.59 -11.16
N GLY A 116 6.58 -4.41 -12.02
CA GLY A 116 6.09 -5.50 -12.83
C GLY A 116 4.58 -5.58 -12.87
N PHE A 117 3.94 -4.44 -13.12
CA PHE A 117 2.48 -4.39 -13.25
C PHE A 117 2.09 -4.10 -14.70
N THR A 118 0.95 -4.63 -15.12
CA THR A 118 0.44 -4.39 -16.46
C THR A 118 -0.52 -3.22 -16.45
N THR A 119 -0.51 -2.41 -17.50
CA THR A 119 -1.36 -1.23 -17.57
C THR A 119 -2.63 -1.52 -18.36
N GLN A 120 -3.78 -1.32 -17.73
CA GLN A 120 -5.05 -1.54 -18.39
C GLN A 120 -5.86 -0.25 -18.40
N GLN A 121 -7.12 -0.35 -18.83
CA GLN A 121 -7.99 0.80 -18.86
C GLN A 121 -8.63 1.03 -17.50
N GLY A 122 -8.00 1.88 -16.71
CA GLY A 122 -8.50 2.16 -15.38
C GLY A 122 -7.38 2.19 -14.34
N GLY A 123 -6.54 1.17 -14.38
CA GLY A 123 -5.45 1.09 -13.43
C GLY A 123 -4.44 0.02 -13.81
N TRP A 124 -3.75 -0.52 -12.82
CA TRP A 124 -2.70 -1.50 -13.05
C TRP A 124 -3.16 -2.89 -12.60
N GLU A 125 -2.79 -3.90 -13.36
CA GLU A 125 -3.18 -5.27 -13.05
C GLU A 125 -1.97 -6.15 -12.82
N LYS A 126 -2.00 -6.92 -11.74
CA LYS A 126 -0.99 -7.93 -11.49
C LYS A 126 -1.64 -9.30 -11.43
N CYS A 127 -1.79 -9.92 -12.58
CA CYS A 127 -2.44 -11.21 -12.69
C CYS A 127 -1.39 -12.32 -12.76
N GLY A 128 -1.62 -13.40 -12.04
CA GLY A 128 -0.69 -14.50 -12.03
C GLY A 128 -1.22 -15.69 -11.29
N MET A 1 18.44 -3.94 7.99
CA MET A 1 17.20 -3.13 8.06
C MET A 1 16.14 -3.73 7.16
N LYS A 2 15.28 -4.55 7.73
CA LYS A 2 14.20 -5.16 6.97
C LYS A 2 12.93 -4.31 7.06
N LEU A 3 12.22 -4.22 5.96
CA LEU A 3 10.92 -3.59 5.96
C LEU A 3 9.92 -4.54 6.60
N THR A 4 9.54 -4.23 7.82
CA THR A 4 8.64 -5.08 8.57
C THR A 4 7.21 -4.58 8.43
N ILE A 5 6.40 -5.34 7.74
CA ILE A 5 5.04 -4.92 7.44
C ILE A 5 4.03 -5.92 7.99
N ILE A 6 3.06 -5.40 8.71
CA ILE A 6 2.02 -6.22 9.34
C ILE A 6 0.66 -5.60 9.10
N ARG A 7 -0.40 -6.34 9.39
CA ARG A 7 -1.74 -5.81 9.26
C ARG A 7 -2.00 -4.87 10.43
N LEU A 8 -2.37 -3.63 10.13
CA LEU A 8 -2.61 -2.65 11.16
C LEU A 8 -4.07 -2.70 11.60
N GLU A 9 -4.38 -3.69 12.42
CA GLU A 9 -5.73 -3.85 12.94
C GLU A 9 -5.91 -3.03 14.20
N LYS A 10 -4.90 -3.03 15.03
CA LYS A 10 -4.99 -2.40 16.34
C LYS A 10 -4.27 -1.07 16.33
N PHE A 11 -5.00 -0.01 16.66
CA PHE A 11 -4.47 1.33 16.58
C PHE A 11 -4.18 1.86 17.97
N SER A 12 -2.91 2.01 18.28
CA SER A 12 -2.51 2.66 19.53
C SER A 12 -2.59 4.18 19.33
N ASP A 13 -2.49 4.92 20.42
CA ASP A 13 -2.56 6.38 20.33
C ASP A 13 -1.42 6.92 19.46
N GLN A 14 -0.22 6.41 19.69
CA GLN A 14 0.96 6.82 18.93
C GLN A 14 0.85 6.38 17.48
N ASP A 15 0.25 5.22 17.24
CA ASP A 15 0.04 4.72 15.88
C ASP A 15 -0.87 5.67 15.11
N ARG A 16 -1.84 6.26 15.81
CA ARG A 16 -2.70 7.26 15.19
C ARG A 16 -1.88 8.50 14.85
N ILE A 17 -1.06 8.93 15.80
CA ILE A 17 -0.21 10.10 15.63
C ILE A 17 0.67 9.95 14.39
N ASP A 18 1.31 8.80 14.26
CA ASP A 18 2.19 8.51 13.13
C ASP A 18 1.47 8.72 11.81
N LEU A 19 0.36 7.99 11.63
CA LEU A 19 -0.40 8.06 10.39
C LEU A 19 -0.98 9.46 10.16
N GLN A 20 -1.47 10.07 11.23
CA GLN A 20 -2.11 11.38 11.14
C GLN A 20 -1.07 12.48 10.93
N LYS A 21 0.20 12.12 11.07
CA LYS A 21 1.29 13.06 10.80
C LYS A 21 1.87 12.79 9.41
N ILE A 22 1.71 11.56 8.94
CA ILE A 22 2.08 11.20 7.58
C ILE A 22 1.19 11.96 6.60
N TRP A 23 -0.11 11.98 6.90
CA TRP A 23 -1.05 12.81 6.16
C TRP A 23 -1.10 14.20 6.77
N PRO A 24 -0.71 15.24 6.01
CA PRO A 24 -0.64 16.62 6.50
C PRO A 24 -1.93 17.08 7.19
N GLU A 25 -3.05 16.80 6.56
CA GLU A 25 -4.34 17.17 7.10
C GLU A 25 -5.39 16.14 6.72
N TYR A 26 -5.58 15.17 7.60
CA TYR A 26 -6.57 14.13 7.40
C TYR A 26 -7.03 13.57 8.73
N SER A 27 -8.33 13.38 8.87
CA SER A 27 -8.89 12.80 10.08
C SER A 27 -9.12 11.30 9.89
N PRO A 28 -8.98 10.50 10.97
CA PRO A 28 -9.17 9.05 10.91
C PRO A 28 -10.53 8.66 10.35
N SER A 29 -10.55 8.29 9.07
CA SER A 29 -11.78 7.90 8.40
C SER A 29 -11.62 6.58 7.65
N SER A 30 -10.59 6.53 6.79
CA SER A 30 -10.31 5.34 6.00
C SER A 30 -9.58 4.28 6.81
N LEU A 31 -9.40 4.55 8.11
CA LEU A 31 -8.68 3.64 9.00
C LEU A 31 -9.57 2.48 9.46
N GLN A 32 -10.73 2.35 8.83
CA GLN A 32 -11.61 1.22 9.11
C GLN A 32 -11.05 -0.04 8.47
N VAL A 33 -10.55 -0.93 9.33
CA VAL A 33 -9.94 -2.17 8.86
C VAL A 33 -10.87 -3.36 9.10
N ASP A 34 -10.95 -4.23 8.09
CA ASP A 34 -11.79 -5.42 8.16
C ASP A 34 -11.06 -6.58 7.51
N ASP A 35 -11.81 -7.63 7.15
CA ASP A 35 -11.22 -8.77 6.46
C ASP A 35 -11.08 -8.49 4.97
N ASN A 36 -11.84 -7.51 4.50
CA ASN A 36 -11.70 -7.05 3.12
C ASN A 36 -10.78 -5.83 3.06
N HIS A 37 -11.24 -4.72 3.60
CA HIS A 37 -10.42 -3.50 3.65
C HIS A 37 -9.32 -3.66 4.67
N ARG A 38 -8.14 -4.03 4.22
CA ARG A 38 -7.01 -4.25 5.10
C ARG A 38 -5.92 -3.22 4.88
N ILE A 39 -5.50 -2.57 5.96
CA ILE A 39 -4.41 -1.62 5.89
C ILE A 39 -3.14 -2.27 6.43
N TYR A 40 -2.13 -2.35 5.58
CA TYR A 40 -0.85 -2.90 5.98
C TYR A 40 0.12 -1.76 6.31
N ALA A 41 0.80 -1.90 7.43
CA ALA A 41 1.73 -0.88 7.87
C ALA A 41 3.16 -1.37 7.71
N ALA A 42 3.89 -0.74 6.81
CA ALA A 42 5.27 -1.11 6.54
C ALA A 42 6.22 -0.21 7.30
N ARG A 43 6.90 -0.75 8.28
CA ARG A 43 7.87 0.02 9.04
C ARG A 43 9.28 -0.42 8.70
N PHE A 44 10.15 0.54 8.47
CA PHE A 44 11.49 0.25 8.03
C PHE A 44 12.43 0.26 9.22
N ASN A 45 12.65 -0.93 9.77
CA ASN A 45 13.58 -1.15 10.89
C ASN A 45 13.01 -0.60 12.20
N GLU A 46 12.50 0.63 12.19
CA GLU A 46 11.99 1.26 13.41
C GLU A 46 10.58 1.80 13.21
N ARG A 47 10.44 2.83 12.39
CA ARG A 47 9.19 3.57 12.26
C ARG A 47 8.45 3.22 10.98
N LEU A 48 7.17 3.56 10.95
CA LEU A 48 6.33 3.38 9.76
C LEU A 48 6.90 4.18 8.61
N LEU A 49 7.10 3.53 7.48
CA LEU A 49 7.64 4.19 6.30
C LEU A 49 6.62 4.18 5.17
N ALA A 50 5.77 3.16 5.15
CA ALA A 50 4.80 3.02 4.08
C ALA A 50 3.43 2.62 4.63
N ALA A 51 2.40 3.21 4.07
CA ALA A 51 1.03 2.87 4.43
C ALA A 51 0.24 2.47 3.19
N VAL A 52 -0.21 1.22 3.15
CA VAL A 52 -0.92 0.72 1.99
C VAL A 52 -2.29 0.16 2.38
N ARG A 53 -3.31 0.58 1.65
CA ARG A 53 -4.67 0.10 1.87
C ARG A 53 -5.07 -0.83 0.74
N VAL A 54 -5.37 -2.08 1.07
CA VAL A 54 -5.77 -3.05 0.07
C VAL A 54 -7.06 -3.73 0.47
N THR A 55 -8.01 -3.74 -0.46
CA THR A 55 -9.28 -4.40 -0.25
C THR A 55 -9.22 -5.81 -0.82
N LEU A 56 -9.04 -6.78 0.07
CA LEU A 56 -9.00 -8.18 -0.32
C LEU A 56 -10.42 -8.73 -0.32
N SER A 57 -11.09 -8.56 -1.44
CA SER A 57 -12.47 -9.01 -1.58
C SER A 57 -12.50 -10.38 -2.23
N GLY A 58 -12.78 -11.41 -1.43
CA GLY A 58 -12.79 -12.76 -1.95
C GLY A 58 -11.39 -13.24 -2.26
N THR A 59 -11.12 -13.46 -3.54
CA THR A 59 -9.80 -13.90 -3.97
C THR A 59 -9.13 -12.80 -4.81
N GLU A 60 -9.74 -11.63 -4.85
CA GLU A 60 -9.20 -10.51 -5.60
C GLU A 60 -8.63 -9.46 -4.65
N GLY A 61 -7.48 -8.92 -4.99
CA GLY A 61 -6.86 -7.91 -4.16
C GLY A 61 -6.75 -6.58 -4.88
N ALA A 62 -7.47 -5.58 -4.39
CA ALA A 62 -7.43 -4.26 -4.97
C ALA A 62 -6.74 -3.28 -4.04
N LEU A 63 -5.77 -2.54 -4.54
CA LEU A 63 -5.07 -1.57 -3.72
C LEU A 63 -5.73 -0.20 -3.89
N ASP A 64 -6.41 0.22 -2.84
CA ASP A 64 -7.19 1.45 -2.85
C ASP A 64 -6.32 2.66 -2.60
N SER A 65 -5.22 2.47 -1.87
CA SER A 65 -4.36 3.58 -1.52
C SER A 65 -2.92 3.11 -1.31
N LEU A 66 -1.99 3.76 -1.99
CA LEU A 66 -0.57 3.47 -1.83
C LEU A 66 0.20 4.76 -1.63
N ARG A 67 0.70 4.97 -0.41
CA ARG A 67 1.45 6.18 -0.10
C ARG A 67 2.59 5.88 0.85
N VAL A 68 3.81 5.94 0.34
CA VAL A 68 5.00 5.73 1.13
C VAL A 68 5.56 7.09 1.54
N ARG A 69 6.36 7.13 2.61
CA ARG A 69 6.92 8.37 3.11
C ARG A 69 7.76 9.06 2.03
N GLU A 70 7.73 10.38 2.05
CA GLU A 70 8.39 11.21 1.04
C GLU A 70 9.85 10.83 0.83
N VAL A 71 10.53 10.44 1.91
CA VAL A 71 11.97 10.15 1.87
C VAL A 71 12.24 8.78 1.20
N THR A 72 11.20 8.17 0.64
CA THR A 72 11.34 6.91 -0.04
C THR A 72 11.30 7.12 -1.56
N ARG A 73 11.35 8.38 -1.96
CA ARG A 73 11.38 8.76 -3.35
C ARG A 73 12.67 8.30 -4.02
N ARG A 74 12.56 7.27 -4.86
CA ARG A 74 13.71 6.71 -5.58
C ARG A 74 14.75 6.18 -4.58
N ARG A 75 14.62 4.90 -4.24
CA ARG A 75 15.41 4.33 -3.16
C ARG A 75 15.40 2.81 -3.21
N GLY A 76 14.22 2.23 -3.47
CA GLY A 76 14.13 0.78 -3.60
C GLY A 76 13.14 0.16 -2.63
N VAL A 77 12.87 0.84 -1.53
CA VAL A 77 11.98 0.32 -0.48
C VAL A 77 10.60 -0.04 -1.04
N GLY A 78 10.06 0.82 -1.90
CA GLY A 78 8.75 0.59 -2.49
C GLY A 78 8.66 -0.73 -3.26
N GLN A 79 9.77 -1.12 -3.86
CA GLN A 79 9.82 -2.36 -4.63
C GLN A 79 9.61 -3.55 -3.70
N TYR A 80 10.28 -3.51 -2.55
CA TYR A 80 10.17 -4.56 -1.55
C TYR A 80 8.77 -4.54 -0.92
N LEU A 81 8.23 -3.35 -0.73
CA LEU A 81 6.89 -3.18 -0.18
C LEU A 81 5.88 -4.06 -0.91
N LEU A 82 5.75 -3.88 -2.22
CA LEU A 82 4.80 -4.66 -3.00
C LEU A 82 5.19 -6.14 -3.01
N GLU A 83 6.49 -6.42 -2.99
CA GLU A 83 6.96 -7.80 -2.90
C GLU A 83 6.41 -8.49 -1.65
N GLU A 84 6.64 -7.87 -0.49
CA GLU A 84 6.26 -8.45 0.78
C GLU A 84 4.73 -8.59 0.89
N VAL A 85 4.00 -7.62 0.35
CA VAL A 85 2.53 -7.69 0.36
C VAL A 85 2.04 -8.91 -0.40
N LEU A 86 2.56 -9.10 -1.61
CA LEU A 86 2.16 -10.23 -2.46
C LEU A 86 2.84 -11.52 -2.00
N ARG A 87 3.72 -11.40 -1.02
CA ARG A 87 4.32 -12.55 -0.36
C ARG A 87 3.44 -13.00 0.80
N ASN A 88 2.87 -12.03 1.50
CA ASN A 88 1.95 -12.31 2.60
C ASN A 88 0.63 -12.84 2.05
N ASN A 89 0.20 -12.28 0.93
CA ASN A 89 -1.00 -12.74 0.24
C ASN A 89 -0.66 -13.21 -1.17
N PRO A 90 -0.04 -14.39 -1.30
CA PRO A 90 0.46 -14.89 -2.57
C PRO A 90 -0.56 -15.68 -3.38
N GLY A 91 -1.75 -15.87 -2.81
CA GLY A 91 -2.75 -16.68 -3.46
C GLY A 91 -3.73 -15.86 -4.28
N VAL A 92 -3.32 -14.64 -4.63
CA VAL A 92 -4.13 -13.79 -5.48
C VAL A 92 -3.51 -13.70 -6.86
N SER A 93 -4.29 -14.03 -7.89
CA SER A 93 -3.78 -14.04 -9.25
C SER A 93 -4.00 -12.68 -9.92
N CYS A 94 -5.18 -12.12 -9.72
CA CYS A 94 -5.51 -10.85 -10.34
C CYS A 94 -5.44 -9.72 -9.32
N TRP A 95 -4.32 -9.03 -9.30
CA TRP A 95 -4.15 -7.87 -8.44
C TRP A 95 -4.56 -6.62 -9.19
N TRP A 96 -5.39 -5.81 -8.55
CA TRP A 96 -5.85 -4.57 -9.15
C TRP A 96 -5.46 -3.40 -8.28
N MET A 97 -4.92 -2.36 -8.88
CA MET A 97 -4.56 -1.16 -8.16
C MET A 97 -5.35 0.02 -8.69
N ALA A 98 -6.07 0.71 -7.80
CA ALA A 98 -6.92 1.81 -8.20
C ALA A 98 -6.12 3.10 -8.31
N ASP A 99 -6.77 4.15 -8.80
CA ASP A 99 -6.14 5.46 -8.95
C ASP A 99 -5.61 5.96 -7.60
N ALA A 100 -6.34 5.64 -6.54
CA ALA A 100 -5.93 5.97 -5.17
C ALA A 100 -5.85 7.47 -4.93
N GLY A 101 -6.38 8.25 -5.87
CA GLY A 101 -6.30 9.69 -5.78
C GLY A 101 -4.92 10.20 -6.18
N VAL A 102 -4.13 9.31 -6.78
CA VAL A 102 -2.78 9.66 -7.20
C VAL A 102 -2.84 10.39 -8.54
N GLU A 103 -2.70 11.71 -8.50
CA GLU A 103 -2.67 12.49 -9.72
C GLU A 103 -1.24 12.61 -10.22
N ASP A 104 -0.32 12.02 -9.47
CA ASP A 104 1.07 11.90 -9.86
C ASP A 104 1.24 10.66 -10.72
N ARG A 105 0.30 10.47 -11.66
CA ARG A 105 0.22 9.27 -12.48
C ARG A 105 1.51 9.00 -13.24
N GLY A 106 2.11 10.05 -13.79
CA GLY A 106 3.35 9.88 -14.56
C GLY A 106 4.41 9.10 -13.81
N VAL A 107 4.72 9.56 -12.61
CA VAL A 107 5.75 8.93 -11.79
C VAL A 107 5.32 7.53 -11.36
N MET A 108 4.07 7.40 -10.93
CA MET A 108 3.57 6.13 -10.42
C MET A 108 3.45 5.08 -11.51
N THR A 109 3.07 5.48 -12.72
CA THR A 109 2.97 4.54 -13.82
C THR A 109 4.34 4.00 -14.20
N ALA A 110 5.36 4.86 -14.12
CA ALA A 110 6.74 4.42 -14.34
C ALA A 110 7.17 3.47 -13.24
N PHE A 111 6.71 3.76 -12.03
CA PHE A 111 6.92 2.89 -10.88
C PHE A 111 6.27 1.52 -11.11
N MET A 112 5.03 1.54 -11.58
CA MET A 112 4.31 0.30 -11.88
C MET A 112 5.06 -0.53 -12.92
N GLN A 113 5.56 0.14 -13.95
CA GLN A 113 6.28 -0.53 -15.03
C GLN A 113 7.54 -1.22 -14.50
N ALA A 114 8.16 -0.61 -13.51
CA ALA A 114 9.40 -1.14 -12.94
C ALA A 114 9.13 -2.39 -12.11
N LEU A 115 8.00 -2.41 -11.41
CA LEU A 115 7.64 -3.53 -10.56
C LEU A 115 6.83 -4.58 -11.31
N GLY A 116 6.72 -4.40 -12.62
CA GLY A 116 6.03 -5.36 -13.45
C GLY A 116 4.53 -5.34 -13.26
N PHE A 117 3.90 -4.26 -13.68
CA PHE A 117 2.45 -4.14 -13.60
C PHE A 117 1.84 -4.00 -14.99
N THR A 118 0.61 -4.45 -15.12
CA THR A 118 -0.16 -4.33 -16.35
C THR A 118 -0.96 -3.04 -16.31
N THR A 119 -0.97 -2.30 -17.41
CA THR A 119 -1.67 -1.03 -17.45
C THR A 119 -3.00 -1.17 -18.16
N GLN A 120 -4.09 -1.08 -17.39
CA GLN A 120 -5.41 -1.04 -17.96
C GLN A 120 -5.86 0.41 -18.07
N GLN A 121 -6.85 0.67 -18.90
CA GLN A 121 -7.39 2.00 -19.03
C GLN A 121 -8.34 2.28 -17.87
N GLY A 122 -7.77 2.78 -16.77
CA GLY A 122 -8.56 3.07 -15.59
C GLY A 122 -8.01 2.40 -14.34
N GLY A 123 -6.88 1.72 -14.46
CA GLY A 123 -6.27 1.09 -13.31
C GLY A 123 -5.08 0.24 -13.69
N TRP A 124 -4.38 -0.29 -12.68
CA TRP A 124 -3.21 -1.12 -12.92
C TRP A 124 -3.46 -2.53 -12.41
N GLU A 125 -2.82 -3.51 -13.03
CA GLU A 125 -2.97 -4.91 -12.63
C GLU A 125 -1.61 -5.55 -12.37
N LYS A 126 -1.60 -6.59 -11.57
CA LYS A 126 -0.44 -7.44 -11.46
C LYS A 126 -0.87 -8.90 -11.44
N CYS A 127 -0.37 -9.67 -12.40
CA CYS A 127 -0.72 -11.08 -12.50
C CYS A 127 0.20 -11.91 -11.62
N GLY A 128 -0.34 -12.37 -10.50
CA GLY A 128 0.44 -13.18 -9.57
C GLY A 128 1.17 -12.34 -8.55
N MET A 1 19.17 -5.51 8.06
CA MET A 1 18.07 -4.53 7.88
C MET A 1 16.74 -5.25 7.72
N LYS A 2 15.95 -5.25 8.78
CA LYS A 2 14.64 -5.87 8.76
C LYS A 2 13.55 -4.81 8.79
N LEU A 3 12.75 -4.76 7.74
CA LEU A 3 11.62 -3.86 7.70
C LEU A 3 10.44 -4.50 8.41
N THR A 4 10.07 -3.94 9.55
CA THR A 4 8.98 -4.48 10.32
C THR A 4 7.66 -3.96 9.77
N ILE A 5 7.09 -4.69 8.81
CA ILE A 5 5.84 -4.29 8.22
C ILE A 5 4.71 -5.13 8.79
N ILE A 6 3.77 -4.47 9.44
CA ILE A 6 2.71 -5.15 10.15
C ILE A 6 1.36 -4.86 9.50
N ARG A 7 0.45 -5.80 9.61
CA ARG A 7 -0.91 -5.62 9.16
C ARG A 7 -1.76 -5.08 10.29
N LEU A 8 -2.32 -3.90 10.08
CA LEU A 8 -3.14 -3.25 11.10
C LEU A 8 -4.50 -3.94 11.23
N GLU A 9 -4.47 -5.13 11.83
CA GLU A 9 -5.68 -5.83 12.20
C GLU A 9 -5.98 -5.52 13.66
N LYS A 10 -5.01 -4.88 14.29
CA LYS A 10 -5.09 -4.45 15.67
C LYS A 10 -4.40 -3.11 15.80
N PHE A 11 -4.94 -2.24 16.65
CA PHE A 11 -4.45 -0.87 16.72
C PHE A 11 -4.03 -0.52 18.14
N SER A 12 -3.01 0.31 18.26
CA SER A 12 -2.60 0.88 19.53
C SER A 12 -2.70 2.39 19.43
N ASP A 13 -2.42 3.09 20.52
CA ASP A 13 -2.41 4.55 20.49
C ASP A 13 -1.18 5.06 19.78
N GLN A 14 -0.06 4.35 19.93
CA GLN A 14 1.18 4.73 19.26
C GLN A 14 1.03 4.61 17.76
N ASP A 15 0.62 3.43 17.31
CA ASP A 15 0.47 3.15 15.88
C ASP A 15 -0.55 4.08 15.25
N ARG A 16 -1.56 4.43 16.04
CA ARG A 16 -2.59 5.36 15.59
C ARG A 16 -1.98 6.72 15.29
N ILE A 17 -1.05 7.14 16.15
CA ILE A 17 -0.35 8.42 15.98
C ILE A 17 0.73 8.33 14.91
N ASP A 18 1.25 7.13 14.68
CA ASP A 18 2.21 6.91 13.59
C ASP A 18 1.50 6.96 12.25
N LEU A 19 0.27 6.46 12.22
CA LEU A 19 -0.58 6.62 11.04
C LEU A 19 -0.88 8.10 10.83
N GLN A 20 -0.92 8.84 11.93
CA GLN A 20 -1.11 10.28 11.90
C GLN A 20 0.15 10.97 11.39
N LYS A 21 1.29 10.29 11.50
CA LYS A 21 2.53 10.78 10.93
C LYS A 21 2.49 10.67 9.41
N ILE A 22 1.81 9.62 8.94
CA ILE A 22 1.61 9.42 7.52
C ILE A 22 0.54 10.39 7.01
N TRP A 23 -0.60 10.40 7.66
CA TRP A 23 -1.70 11.29 7.30
C TRP A 23 -2.02 12.22 8.45
N PRO A 24 -1.72 13.52 8.30
CA PRO A 24 -2.02 14.53 9.34
C PRO A 24 -3.50 14.84 9.41
N GLU A 25 -4.22 14.45 8.36
CA GLU A 25 -5.65 14.69 8.26
C GLU A 25 -6.32 13.44 7.72
N TYR A 26 -6.67 12.54 8.61
CA TYR A 26 -7.25 11.27 8.24
C TYR A 26 -8.46 10.95 9.10
N SER A 27 -9.52 10.48 8.46
CA SER A 27 -10.74 10.14 9.15
C SER A 27 -10.77 8.63 9.45
N PRO A 28 -11.31 8.24 10.61
CA PRO A 28 -11.30 6.85 11.09
C PRO A 28 -12.01 5.86 10.17
N SER A 29 -12.80 6.38 9.23
CA SER A 29 -13.53 5.52 8.30
C SER A 29 -12.57 4.71 7.43
N SER A 30 -11.39 5.24 7.20
CA SER A 30 -10.38 4.55 6.39
C SER A 30 -9.58 3.58 7.24
N LEU A 31 -9.65 3.77 8.56
CA LEU A 31 -8.97 2.90 9.50
C LEU A 31 -9.83 1.69 9.82
N GLN A 32 -11.03 1.68 9.25
CA GLN A 32 -11.94 0.57 9.40
C GLN A 32 -11.42 -0.64 8.63
N VAL A 33 -10.72 -1.52 9.32
CA VAL A 33 -10.07 -2.65 8.69
C VAL A 33 -10.85 -3.94 8.90
N ASP A 34 -10.49 -4.94 8.11
CA ASP A 34 -11.05 -6.27 8.21
C ASP A 34 -10.13 -7.23 7.44
N ASP A 35 -10.62 -8.43 7.14
CA ASP A 35 -9.79 -9.39 6.40
C ASP A 35 -9.65 -8.99 4.94
N ASN A 36 -10.60 -8.22 4.44
CA ASN A 36 -10.56 -7.74 3.07
C ASN A 36 -9.76 -6.44 3.00
N HIS A 37 -10.25 -5.40 3.67
CA HIS A 37 -9.57 -4.12 3.69
C HIS A 37 -8.54 -4.08 4.81
N ARG A 38 -7.29 -4.34 4.44
CA ARG A 38 -6.20 -4.36 5.39
C ARG A 38 -5.25 -3.19 5.15
N ILE A 39 -4.65 -2.72 6.23
CA ILE A 39 -3.65 -1.67 6.13
C ILE A 39 -2.30 -2.21 6.58
N TYR A 40 -1.34 -2.22 5.68
CA TYR A 40 0.00 -2.69 6.00
C TYR A 40 0.93 -1.50 6.19
N ALA A 41 1.54 -1.41 7.36
CA ALA A 41 2.41 -0.29 7.68
C ALA A 41 3.85 -0.74 7.82
N ALA A 42 4.74 -0.06 7.10
CA ALA A 42 6.15 -0.38 7.12
C ALA A 42 6.86 0.42 8.19
N ARG A 43 7.17 -0.25 9.29
CA ARG A 43 7.83 0.36 10.43
C ARG A 43 9.34 0.33 10.22
N PHE A 44 9.90 1.47 9.88
CA PHE A 44 11.32 1.56 9.57
C PHE A 44 11.98 2.59 10.47
N ASN A 45 12.90 2.12 11.31
CA ASN A 45 13.64 2.96 12.24
C ASN A 45 12.70 3.65 13.24
N GLU A 46 11.98 2.82 14.01
CA GLU A 46 11.18 3.29 15.16
C GLU A 46 9.98 4.14 14.74
N ARG A 47 9.67 4.17 13.44
CA ARG A 47 8.55 4.95 12.96
C ARG A 47 7.96 4.31 11.71
N LEU A 48 6.69 4.59 11.44
CA LEU A 48 6.07 4.14 10.20
C LEU A 48 6.56 5.01 9.05
N LEU A 49 7.35 4.43 8.17
CA LEU A 49 7.92 5.17 7.06
C LEU A 49 7.06 5.02 5.81
N ALA A 50 6.34 3.91 5.74
CA ALA A 50 5.48 3.64 4.60
C ALA A 50 4.14 3.07 5.03
N ALA A 51 3.09 3.43 4.32
CA ALA A 51 1.76 2.92 4.59
C ALA A 51 1.08 2.49 3.30
N VAL A 52 0.69 1.23 3.23
CA VAL A 52 0.03 0.70 2.05
C VAL A 52 -1.29 0.04 2.43
N ARG A 53 -2.38 0.54 1.87
CA ARG A 53 -3.69 0.01 2.14
C ARG A 53 -4.16 -0.87 0.97
N VAL A 54 -4.77 -1.99 1.29
CA VAL A 54 -5.28 -2.89 0.27
C VAL A 54 -6.66 -3.40 0.65
N THR A 55 -7.57 -3.42 -0.31
CA THR A 55 -8.92 -3.88 -0.07
C THR A 55 -9.22 -5.10 -0.93
N LEU A 56 -9.15 -6.27 -0.32
CA LEU A 56 -9.38 -7.52 -1.02
C LEU A 56 -10.87 -7.75 -1.21
N SER A 57 -11.21 -8.62 -2.14
CA SER A 57 -12.58 -9.01 -2.37
C SER A 57 -12.62 -10.40 -3.01
N GLY A 58 -12.54 -11.42 -2.16
CA GLY A 58 -12.55 -12.79 -2.63
C GLY A 58 -11.27 -13.16 -3.35
N THR A 59 -11.39 -13.55 -4.61
CA THR A 59 -10.24 -13.95 -5.41
C THR A 59 -9.51 -12.74 -5.99
N GLU A 60 -10.10 -11.56 -5.81
CA GLU A 60 -9.52 -10.33 -6.30
C GLU A 60 -9.09 -9.45 -5.13
N GLY A 61 -8.20 -8.51 -5.40
CA GLY A 61 -7.75 -7.60 -4.37
C GLY A 61 -7.28 -6.30 -4.96
N ALA A 62 -7.97 -5.22 -4.63
CA ALA A 62 -7.61 -3.91 -5.15
C ALA A 62 -6.81 -3.14 -4.12
N LEU A 63 -5.80 -2.41 -4.57
CA LEU A 63 -4.98 -1.64 -3.66
C LEU A 63 -5.52 -0.23 -3.57
N ASP A 64 -5.67 0.24 -2.34
CA ASP A 64 -6.36 1.49 -2.06
C ASP A 64 -5.44 2.47 -1.35
N SER A 65 -4.87 3.39 -2.10
CA SER A 65 -4.02 4.45 -1.56
C SER A 65 -2.68 3.92 -1.06
N LEU A 66 -1.62 4.29 -1.77
CA LEU A 66 -0.26 3.92 -1.40
C LEU A 66 0.53 5.17 -1.09
N ARG A 67 1.14 5.24 0.08
CA ARG A 67 1.95 6.40 0.43
C ARG A 67 3.18 6.01 1.24
N VAL A 68 4.34 6.14 0.62
CA VAL A 68 5.60 6.10 1.35
C VAL A 68 6.04 7.54 1.60
N ARG A 69 6.69 7.79 2.72
CA ARG A 69 7.14 9.14 3.03
C ARG A 69 8.05 9.66 1.92
N GLU A 70 7.84 10.91 1.52
CA GLU A 70 8.45 11.48 0.33
C GLU A 70 9.98 11.36 0.33
N VAL A 71 10.56 11.32 1.51
CA VAL A 71 12.02 11.24 1.66
C VAL A 71 12.55 9.89 1.19
N THR A 72 11.67 8.91 1.03
CA THR A 72 12.08 7.57 0.65
C THR A 72 12.03 7.39 -0.86
N ARG A 73 12.01 8.51 -1.58
CA ARG A 73 11.99 8.50 -3.03
C ARG A 73 13.25 7.83 -3.58
N ARG A 74 13.05 6.75 -4.33
CA ARG A 74 14.13 5.95 -4.89
C ARG A 74 14.98 5.31 -3.80
N ARG A 75 14.41 4.36 -3.07
CA ARG A 75 15.17 3.66 -2.04
C ARG A 75 14.46 2.39 -1.56
N GLY A 76 14.22 1.48 -2.49
CA GLY A 76 13.78 0.12 -2.15
C GLY A 76 12.36 -0.01 -1.62
N VAL A 77 12.06 0.67 -0.52
CA VAL A 77 10.84 0.48 0.27
C VAL A 77 9.57 0.33 -0.58
N GLY A 78 9.35 1.26 -1.51
CA GLY A 78 8.16 1.19 -2.35
C GLY A 78 8.01 -0.12 -3.09
N GLN A 79 9.08 -0.54 -3.76
CA GLN A 79 9.08 -1.76 -4.53
C GLN A 79 8.98 -2.98 -3.62
N TYR A 80 9.65 -2.91 -2.49
CA TYR A 80 9.60 -3.96 -1.49
C TYR A 80 8.18 -4.13 -0.99
N LEU A 81 7.53 -3.01 -0.68
CA LEU A 81 6.16 -3.00 -0.18
C LEU A 81 5.22 -3.81 -1.07
N LEU A 82 5.16 -3.43 -2.34
CA LEU A 82 4.25 -4.07 -3.28
C LEU A 82 4.48 -5.58 -3.34
N GLU A 83 5.73 -5.99 -3.48
CA GLU A 83 6.04 -7.41 -3.59
C GLU A 83 5.78 -8.15 -2.29
N GLU A 84 6.01 -7.48 -1.16
CA GLU A 84 5.75 -8.07 0.15
C GLU A 84 4.27 -8.34 0.32
N VAL A 85 3.44 -7.38 -0.09
CA VAL A 85 1.99 -7.52 0.00
C VAL A 85 1.52 -8.68 -0.87
N LEU A 86 1.98 -8.72 -2.12
CA LEU A 86 1.61 -9.79 -3.06
C LEU A 86 2.19 -11.13 -2.61
N ARG A 87 3.21 -11.07 -1.78
CA ARG A 87 3.84 -12.29 -1.26
C ARG A 87 3.05 -12.86 -0.09
N ASN A 88 2.76 -12.03 0.90
CA ASN A 88 2.15 -12.50 2.14
C ASN A 88 0.68 -12.84 1.93
N ASN A 89 0.08 -12.33 0.87
CA ASN A 89 -1.32 -12.62 0.57
C ASN A 89 -1.42 -13.42 -0.72
N PRO A 90 -1.26 -14.75 -0.63
CA PRO A 90 -1.22 -15.63 -1.80
C PRO A 90 -2.60 -16.07 -2.26
N GLY A 91 -3.64 -15.63 -1.55
CA GLY A 91 -4.99 -16.03 -1.90
C GLY A 91 -5.58 -15.18 -3.01
N VAL A 92 -4.93 -14.05 -3.28
CA VAL A 92 -5.41 -13.13 -4.30
C VAL A 92 -4.76 -13.44 -5.64
N SER A 93 -5.57 -13.75 -6.63
CA SER A 93 -5.06 -14.09 -7.94
C SER A 93 -5.07 -12.86 -8.86
N CYS A 94 -5.97 -11.93 -8.58
CA CYS A 94 -6.08 -10.71 -9.36
C CYS A 94 -5.82 -9.49 -8.49
N TRP A 95 -4.64 -8.90 -8.64
CA TRP A 95 -4.28 -7.70 -7.90
C TRP A 95 -4.55 -6.47 -8.75
N TRP A 96 -5.52 -5.68 -8.32
CA TRP A 96 -5.87 -4.46 -9.03
C TRP A 96 -5.28 -3.26 -8.31
N MET A 97 -4.68 -2.37 -9.07
CA MET A 97 -4.04 -1.19 -8.50
C MET A 97 -4.88 0.04 -8.81
N ALA A 98 -5.56 0.55 -7.79
CA ALA A 98 -6.46 1.69 -7.98
C ALA A 98 -5.70 3.00 -7.88
N ASP A 99 -6.07 3.95 -8.73
CA ASP A 99 -5.42 5.25 -8.75
C ASP A 99 -6.14 6.22 -7.80
N ALA A 100 -7.48 6.24 -7.89
CA ALA A 100 -8.33 7.11 -7.07
C ALA A 100 -8.12 8.60 -7.41
N GLY A 101 -6.92 9.10 -7.12
CA GLY A 101 -6.62 10.49 -7.37
C GLY A 101 -5.18 10.68 -7.80
N VAL A 102 -4.66 9.74 -8.57
CA VAL A 102 -3.29 9.81 -9.05
C VAL A 102 -3.21 10.70 -10.30
N GLU A 103 -2.68 11.90 -10.11
CA GLU A 103 -2.53 12.84 -11.20
C GLU A 103 -1.24 12.57 -11.95
N ASP A 104 -0.22 12.14 -11.20
CA ASP A 104 1.09 11.80 -11.79
C ASP A 104 1.04 10.41 -12.39
N ARG A 105 0.11 10.20 -13.31
CA ARG A 105 -0.14 8.90 -13.90
C ARG A 105 1.11 8.40 -14.63
N GLY A 106 1.76 9.28 -15.37
CA GLY A 106 2.93 8.88 -16.15
C GLY A 106 4.07 8.38 -15.28
N VAL A 107 4.44 9.18 -14.28
CA VAL A 107 5.52 8.82 -13.38
C VAL A 107 5.24 7.50 -12.68
N MET A 108 4.03 7.34 -12.19
CA MET A 108 3.66 6.14 -11.44
C MET A 108 3.47 4.94 -12.36
N THR A 109 3.17 5.17 -13.63
CA THR A 109 3.06 4.07 -14.59
C THR A 109 4.44 3.48 -14.89
N ALA A 110 5.43 4.36 -15.00
CA ALA A 110 6.82 3.92 -15.15
C ALA A 110 7.24 3.12 -13.93
N PHE A 111 6.80 3.58 -12.77
CA PHE A 111 7.00 2.87 -11.51
C PHE A 111 6.34 1.49 -11.55
N MET A 112 5.05 1.47 -11.90
CA MET A 112 4.29 0.23 -11.93
C MET A 112 4.91 -0.79 -12.87
N GLN A 113 5.29 -0.35 -14.06
CA GLN A 113 5.89 -1.24 -15.05
C GLN A 113 7.24 -1.76 -14.56
N ALA A 114 7.93 -0.96 -13.75
CA ALA A 114 9.21 -1.36 -13.19
C ALA A 114 9.02 -2.42 -12.12
N LEU A 115 7.83 -2.47 -11.54
CA LEU A 115 7.49 -3.47 -10.54
C LEU A 115 6.72 -4.63 -11.16
N GLY A 116 6.57 -4.59 -12.47
CA GLY A 116 5.93 -5.68 -13.19
C GLY A 116 4.41 -5.60 -13.20
N PHE A 117 3.88 -4.39 -13.03
CA PHE A 117 2.44 -4.19 -13.08
C PHE A 117 2.01 -3.83 -14.50
N THR A 118 0.87 -4.35 -14.91
CA THR A 118 0.35 -4.08 -16.23
C THR A 118 -0.66 -2.94 -16.19
N THR A 119 -0.53 -1.98 -17.09
CA THR A 119 -1.49 -0.90 -17.19
C THR A 119 -2.51 -1.21 -18.27
N GLN A 120 -3.78 -1.15 -17.93
CA GLN A 120 -4.83 -1.54 -18.86
C GLN A 120 -5.78 -0.39 -19.12
N GLN A 121 -6.60 -0.09 -18.12
CA GLN A 121 -7.57 0.98 -18.19
C GLN A 121 -7.23 2.03 -17.16
N GLY A 122 -8.24 2.62 -16.56
CA GLY A 122 -8.02 3.48 -15.41
C GLY A 122 -7.58 2.69 -14.20
N GLY A 123 -6.42 2.06 -14.31
CA GLY A 123 -5.90 1.25 -13.25
C GLY A 123 -4.89 0.22 -13.75
N TRP A 124 -4.14 -0.35 -12.83
CA TRP A 124 -3.13 -1.33 -13.17
C TRP A 124 -3.52 -2.69 -12.62
N GLU A 125 -3.00 -3.76 -13.20
CA GLU A 125 -3.29 -5.10 -12.72
C GLU A 125 -2.03 -5.97 -12.78
N LYS A 126 -1.84 -6.79 -11.77
CA LYS A 126 -0.78 -7.78 -11.76
C LYS A 126 -1.32 -9.08 -11.21
N CYS A 127 -1.21 -10.15 -11.98
CA CYS A 127 -1.73 -11.44 -11.57
C CYS A 127 -0.84 -12.06 -10.50
N GLY A 128 -1.46 -12.72 -9.53
CA GLY A 128 -0.73 -13.39 -8.47
C GLY A 128 -1.30 -14.75 -8.16
N MET A 1 18.42 -5.74 7.75
CA MET A 1 17.32 -4.78 7.53
C MET A 1 16.16 -5.45 6.81
N LYS A 2 15.06 -5.61 7.54
CA LYS A 2 13.84 -6.17 6.98
C LYS A 2 12.71 -5.16 7.15
N LEU A 3 11.99 -4.88 6.08
CA LEU A 3 10.84 -4.00 6.15
C LEU A 3 9.69 -4.75 6.79
N THR A 4 9.38 -4.40 8.03
CA THR A 4 8.39 -5.13 8.78
C THR A 4 6.97 -4.67 8.42
N ILE A 5 6.38 -5.37 7.47
CA ILE A 5 5.04 -5.06 7.03
C ILE A 5 4.03 -5.87 7.85
N ILE A 6 3.25 -5.16 8.65
CA ILE A 6 2.29 -5.82 9.54
C ILE A 6 0.88 -5.35 9.23
N ARG A 7 -0.10 -6.15 9.60
CA ARG A 7 -1.49 -5.74 9.48
C ARG A 7 -1.93 -5.05 10.76
N LEU A 8 -2.44 -3.83 10.63
CA LEU A 8 -2.83 -3.05 11.79
C LEU A 8 -4.05 -3.63 12.49
N GLU A 9 -3.92 -3.84 13.79
CA GLU A 9 -4.99 -4.36 14.61
C GLU A 9 -5.66 -3.24 15.41
N LYS A 10 -4.84 -2.47 16.10
CA LYS A 10 -5.34 -1.43 16.99
C LYS A 10 -4.74 -0.09 16.62
N PHE A 11 -5.34 0.97 17.13
CA PHE A 11 -4.89 2.32 16.81
C PHE A 11 -4.87 3.18 18.06
N SER A 12 -3.68 3.60 18.47
CA SER A 12 -3.56 4.59 19.52
C SER A 12 -3.47 5.97 18.88
N ASP A 13 -3.45 7.01 19.69
CA ASP A 13 -3.31 8.37 19.18
C ASP A 13 -2.01 8.52 18.41
N GLN A 14 -0.96 7.88 18.90
CA GLN A 14 0.34 7.93 18.25
C GLN A 14 0.28 7.26 16.89
N ASP A 15 -0.36 6.09 16.83
CA ASP A 15 -0.52 5.36 15.58
C ASP A 15 -1.33 6.19 14.60
N ARG A 16 -2.46 6.68 15.07
CA ARG A 16 -3.39 7.45 14.24
C ARG A 16 -2.71 8.68 13.65
N ILE A 17 -2.00 9.42 14.50
CA ILE A 17 -1.35 10.65 14.06
C ILE A 17 -0.22 10.37 13.07
N ASP A 18 0.51 9.27 13.27
CA ASP A 18 1.61 8.93 12.37
C ASP A 18 1.07 8.54 11.00
N LEU A 19 -0.02 7.78 11.00
CA LEU A 19 -0.71 7.41 9.77
C LEU A 19 -1.30 8.64 9.10
N GLN A 20 -1.92 9.50 9.90
CA GLN A 20 -2.55 10.72 9.39
C GLN A 20 -1.48 11.78 9.10
N LYS A 21 -0.23 11.43 9.36
CA LYS A 21 0.89 12.27 8.96
C LYS A 21 1.40 11.80 7.59
N ILE A 22 1.32 10.49 7.36
CA ILE A 22 1.65 9.92 6.06
C ILE A 22 0.60 10.35 5.04
N TRP A 23 -0.65 10.26 5.44
CA TRP A 23 -1.75 10.82 4.65
C TRP A 23 -2.14 12.15 5.26
N PRO A 24 -1.63 13.27 4.71
CA PRO A 24 -1.74 14.60 5.31
C PRO A 24 -3.15 15.20 5.26
N GLU A 25 -4.16 14.35 5.08
CA GLU A 25 -5.54 14.78 5.03
C GLU A 25 -6.44 13.61 5.38
N TYR A 26 -6.70 12.76 4.38
CA TYR A 26 -7.48 11.54 4.56
C TYR A 26 -8.91 11.88 5.01
N SER A 27 -9.68 10.85 5.34
CA SER A 27 -11.04 11.06 5.81
C SER A 27 -11.19 10.56 7.25
N PRO A 28 -11.95 11.29 8.07
CA PRO A 28 -12.18 10.91 9.47
C PRO A 28 -12.94 9.60 9.59
N SER A 29 -12.49 8.76 10.53
CA SER A 29 -13.13 7.47 10.82
C SER A 29 -12.91 6.45 9.69
N SER A 30 -12.21 6.86 8.64
CA SER A 30 -11.94 5.96 7.51
C SER A 30 -10.71 5.09 7.79
N LEU A 31 -10.18 5.19 9.00
CA LEU A 31 -9.06 4.36 9.42
C LEU A 31 -9.56 3.03 9.97
N GLN A 32 -10.78 2.67 9.57
CA GLN A 32 -11.39 1.42 9.98
C GLN A 32 -10.73 0.25 9.26
N VAL A 33 -10.55 -0.86 9.98
CA VAL A 33 -9.88 -2.02 9.42
C VAL A 33 -10.60 -3.31 9.82
N ASP A 34 -10.54 -4.31 8.96
CA ASP A 34 -11.04 -5.65 9.26
C ASP A 34 -10.18 -6.67 8.53
N ASP A 35 -10.66 -7.89 8.37
CA ASP A 35 -9.84 -8.92 7.74
C ASP A 35 -9.94 -8.86 6.22
N ASN A 36 -11.04 -8.31 5.73
CA ASN A 36 -11.21 -8.12 4.29
C ASN A 36 -10.57 -6.82 3.85
N HIS A 37 -10.90 -5.75 4.57
CA HIS A 37 -10.30 -4.44 4.33
C HIS A 37 -9.10 -4.27 5.26
N ARG A 38 -7.91 -4.47 4.73
CA ARG A 38 -6.72 -4.48 5.54
C ARG A 38 -5.88 -3.24 5.30
N ILE A 39 -5.37 -2.69 6.39
CA ILE A 39 -4.38 -1.63 6.30
C ILE A 39 -3.02 -2.18 6.72
N TYR A 40 -2.11 -2.27 5.78
CA TYR A 40 -0.79 -2.79 6.05
C TYR A 40 0.16 -1.65 6.37
N ALA A 41 0.97 -1.84 7.38
CA ALA A 41 1.89 -0.82 7.83
C ALA A 41 3.32 -1.27 7.70
N ALA A 42 4.07 -0.60 6.85
CA ALA A 42 5.47 -0.93 6.64
C ALA A 42 6.34 -0.11 7.57
N ARG A 43 6.62 -0.67 8.73
CA ARG A 43 7.43 0.02 9.73
C ARG A 43 8.90 -0.35 9.56
N PHE A 44 9.76 0.66 9.57
CA PHE A 44 11.18 0.45 9.43
C PHE A 44 11.87 0.72 10.76
N ASN A 45 12.16 -0.36 11.48
CA ASN A 45 12.82 -0.30 12.79
C ASN A 45 11.94 0.34 13.85
N GLU A 46 11.71 1.64 13.73
CA GLU A 46 11.04 2.40 14.78
C GLU A 46 9.57 2.65 14.48
N ARG A 47 9.30 3.33 13.38
CA ARG A 47 7.95 3.78 13.08
C ARG A 47 7.53 3.47 11.65
N LEU A 48 6.33 3.89 11.28
CA LEU A 48 5.71 3.52 10.02
C LEU A 48 6.29 4.33 8.87
N LEU A 49 6.99 3.66 7.97
CA LEU A 49 7.64 4.32 6.85
C LEU A 49 6.71 4.39 5.64
N ALA A 50 5.83 3.40 5.52
CA ALA A 50 4.89 3.34 4.42
C ALA A 50 3.54 2.81 4.88
N ALA A 51 2.48 3.31 4.27
CA ALA A 51 1.13 2.88 4.61
C ALA A 51 0.33 2.59 3.35
N VAL A 52 -0.37 1.45 3.35
CA VAL A 52 -1.14 1.04 2.19
C VAL A 52 -2.38 0.25 2.60
N ARG A 53 -3.49 0.48 1.92
CA ARG A 53 -4.70 -0.29 2.16
C ARG A 53 -4.86 -1.37 1.11
N VAL A 54 -5.49 -2.47 1.47
CA VAL A 54 -5.75 -3.55 0.54
C VAL A 54 -7.02 -4.32 0.92
N THR A 55 -7.81 -4.66 -0.08
CA THR A 55 -9.01 -5.45 0.12
C THR A 55 -8.83 -6.84 -0.50
N LEU A 56 -8.83 -7.87 0.32
CA LEU A 56 -8.60 -9.23 -0.15
C LEU A 56 -9.93 -9.97 -0.31
N SER A 57 -10.53 -9.81 -1.48
CA SER A 57 -11.82 -10.41 -1.77
C SER A 57 -11.63 -11.75 -2.47
N GLY A 58 -11.29 -12.78 -1.70
CA GLY A 58 -11.13 -14.11 -2.25
C GLY A 58 -9.90 -14.24 -3.14
N THR A 59 -10.08 -13.91 -4.41
CA THR A 59 -9.00 -13.99 -5.38
C THR A 59 -8.62 -12.61 -5.90
N GLU A 60 -9.35 -11.59 -5.44
CA GLU A 60 -9.09 -10.22 -5.85
C GLU A 60 -8.37 -9.45 -4.74
N GLY A 61 -7.24 -8.87 -5.09
CA GLY A 61 -6.50 -8.06 -4.13
C GLY A 61 -6.44 -6.61 -4.58
N ALA A 62 -7.35 -5.79 -4.07
CA ALA A 62 -7.42 -4.39 -4.47
C ALA A 62 -6.73 -3.49 -3.46
N LEU A 63 -5.64 -2.87 -3.89
CA LEU A 63 -4.88 -1.97 -3.02
C LEU A 63 -5.35 -0.54 -3.23
N ASP A 64 -5.89 0.04 -2.17
CA ASP A 64 -6.41 1.41 -2.22
C ASP A 64 -5.50 2.32 -1.40
N SER A 65 -5.12 3.45 -1.98
CA SER A 65 -4.32 4.46 -1.27
C SER A 65 -2.96 3.91 -0.81
N LEU A 66 -1.94 4.20 -1.58
CA LEU A 66 -0.58 3.80 -1.24
C LEU A 66 0.33 5.02 -1.18
N ARG A 67 0.90 5.29 -0.02
CA ARG A 67 1.88 6.38 0.08
C ARG A 67 2.99 6.02 1.06
N VAL A 68 4.20 6.37 0.69
CA VAL A 68 5.34 6.25 1.56
C VAL A 68 5.70 7.61 2.16
N ARG A 69 6.59 7.61 3.14
CA ARG A 69 7.11 8.86 3.67
C ARG A 69 7.93 9.58 2.59
N GLU A 70 8.09 10.89 2.73
CA GLU A 70 8.71 11.71 1.69
C GLU A 70 10.13 11.24 1.36
N VAL A 71 10.87 10.81 2.38
CA VAL A 71 12.26 10.41 2.18
C VAL A 71 12.35 8.93 1.79
N THR A 72 11.39 8.47 1.00
CA THR A 72 11.36 7.08 0.55
C THR A 72 11.25 6.99 -0.97
N ARG A 73 11.28 8.15 -1.63
CA ARG A 73 11.11 8.19 -3.08
C ARG A 73 12.40 7.83 -3.80
N ARG A 74 12.29 6.90 -4.75
CA ARG A 74 13.44 6.43 -5.55
C ARG A 74 14.48 5.76 -4.67
N ARG A 75 14.04 5.03 -3.65
CA ARG A 75 14.96 4.42 -2.70
C ARG A 75 14.74 2.92 -2.58
N GLY A 76 14.04 2.33 -3.54
CA GLY A 76 13.88 0.88 -3.58
C GLY A 76 12.81 0.34 -2.65
N VAL A 77 12.69 0.94 -1.46
CA VAL A 77 11.78 0.46 -0.40
C VAL A 77 10.36 0.19 -0.94
N GLY A 78 9.84 1.12 -1.73
CA GLY A 78 8.50 0.97 -2.28
C GLY A 78 8.33 -0.28 -3.12
N GLN A 79 9.35 -0.57 -3.93
CA GLN A 79 9.30 -1.73 -4.81
C GLN A 79 9.28 -3.01 -3.99
N TYR A 80 10.06 -3.00 -2.91
CA TYR A 80 10.07 -4.12 -1.97
C TYR A 80 8.68 -4.35 -1.40
N LEU A 81 8.07 -3.27 -0.93
CA LEU A 81 6.76 -3.34 -0.28
C LEU A 81 5.74 -4.09 -1.12
N LEU A 82 5.57 -3.68 -2.38
CA LEU A 82 4.57 -4.31 -3.25
C LEU A 82 4.91 -5.78 -3.51
N GLU A 83 6.15 -6.04 -3.90
CA GLU A 83 6.56 -7.40 -4.25
C GLU A 83 6.55 -8.32 -3.02
N GLU A 84 6.70 -7.74 -1.84
CA GLU A 84 6.62 -8.49 -0.59
C GLU A 84 5.20 -9.02 -0.38
N VAL A 85 4.23 -8.14 -0.59
CA VAL A 85 2.82 -8.50 -0.40
C VAL A 85 2.40 -9.60 -1.39
N LEU A 86 2.81 -9.45 -2.65
CA LEU A 86 2.47 -10.41 -3.69
C LEU A 86 3.14 -11.77 -3.42
N ARG A 87 4.28 -11.74 -2.73
CA ARG A 87 4.99 -12.95 -2.38
C ARG A 87 4.48 -13.52 -1.05
N ASN A 88 3.82 -12.67 -0.28
CA ASN A 88 3.24 -13.08 1.00
C ASN A 88 1.90 -13.77 0.79
N ASN A 89 1.06 -13.17 -0.03
CA ASN A 89 -0.25 -13.73 -0.34
C ASN A 89 -0.23 -14.38 -1.72
N PRO A 90 -0.06 -15.71 -1.75
CA PRO A 90 0.12 -16.45 -3.00
C PRO A 90 -1.20 -16.92 -3.62
N GLY A 91 -1.23 -16.99 -4.95
CA GLY A 91 -2.39 -17.50 -5.65
C GLY A 91 -3.44 -16.46 -5.93
N VAL A 92 -3.12 -15.20 -5.64
CA VAL A 92 -4.05 -14.10 -5.96
C VAL A 92 -4.01 -13.80 -7.44
N SER A 93 -5.14 -14.00 -8.10
CA SER A 93 -5.21 -13.91 -9.56
C SER A 93 -5.23 -12.46 -10.04
N CYS A 94 -5.84 -11.58 -9.25
CA CYS A 94 -5.97 -10.19 -9.66
C CYS A 94 -5.44 -9.24 -8.60
N TRP A 95 -4.26 -8.68 -8.84
CA TRP A 95 -3.73 -7.62 -8.00
C TRP A 95 -4.09 -6.27 -8.60
N TRP A 96 -5.15 -5.67 -8.08
CA TRP A 96 -5.66 -4.42 -8.61
C TRP A 96 -5.23 -3.27 -7.71
N MET A 97 -4.51 -2.32 -8.28
CA MET A 97 -4.07 -1.16 -7.52
C MET A 97 -4.77 0.09 -8.01
N ALA A 98 -5.37 0.81 -7.07
CA ALA A 98 -6.13 2.01 -7.41
C ALA A 98 -5.72 3.19 -6.54
N ASP A 99 -4.87 4.04 -7.09
CA ASP A 99 -4.45 5.25 -6.40
C ASP A 99 -5.54 6.31 -6.45
N ALA A 100 -6.31 6.28 -7.55
CA ALA A 100 -7.43 7.19 -7.77
C ALA A 100 -6.96 8.63 -7.98
N GLY A 101 -6.49 9.27 -6.92
CA GLY A 101 -6.12 10.66 -6.98
C GLY A 101 -4.63 10.88 -7.09
N VAL A 102 -3.97 10.05 -7.88
CA VAL A 102 -2.54 10.21 -8.10
C VAL A 102 -2.28 11.28 -9.16
N GLU A 103 -1.48 12.27 -8.82
CA GLU A 103 -1.12 13.31 -9.77
C GLU A 103 0.13 12.92 -10.54
N ASP A 104 0.99 12.16 -9.86
CA ASP A 104 2.23 11.67 -10.42
C ASP A 104 1.98 10.45 -11.31
N ARG A 105 0.97 10.54 -12.16
CA ARG A 105 0.50 9.40 -12.94
C ARG A 105 1.64 8.79 -13.77
N GLY A 106 2.40 9.64 -14.46
CA GLY A 106 3.48 9.16 -15.28
C GLY A 106 4.54 8.42 -14.48
N VAL A 107 4.97 9.04 -13.39
CA VAL A 107 6.00 8.46 -12.53
C VAL A 107 5.50 7.16 -11.88
N MET A 108 4.25 7.19 -11.44
CA MET A 108 3.64 6.03 -10.80
C MET A 108 3.52 4.88 -11.79
N THR A 109 3.18 5.20 -13.04
CA THR A 109 3.08 4.19 -14.08
C THR A 109 4.44 3.57 -14.37
N ALA A 110 5.48 4.39 -14.35
CA ALA A 110 6.85 3.90 -14.54
C ALA A 110 7.21 2.95 -13.40
N PHE A 111 6.82 3.32 -12.19
CA PHE A 111 7.01 2.47 -11.02
C PHE A 111 6.23 1.16 -11.17
N MET A 112 5.00 1.27 -11.66
CA MET A 112 4.17 0.10 -11.90
C MET A 112 4.80 -0.82 -12.92
N GLN A 113 5.40 -0.25 -13.95
CA GLN A 113 6.06 -1.04 -14.99
C GLN A 113 7.34 -1.69 -14.47
N ALA A 114 7.87 -1.15 -13.39
CA ALA A 114 9.03 -1.75 -12.74
C ALA A 114 8.59 -2.91 -11.85
N LEU A 115 7.35 -2.85 -11.39
CA LEU A 115 6.78 -3.90 -10.56
C LEU A 115 6.21 -5.01 -11.44
N GLY A 116 5.61 -4.62 -12.56
CA GLY A 116 5.02 -5.58 -13.47
C GLY A 116 3.51 -5.40 -13.59
N PHE A 117 3.04 -4.19 -13.34
CA PHE A 117 1.62 -3.89 -13.40
C PHE A 117 1.25 -3.31 -14.77
N THR A 118 0.09 -3.68 -15.27
CA THR A 118 -0.44 -3.11 -16.49
C THR A 118 -1.56 -2.13 -16.15
N THR A 119 -1.72 -1.09 -16.95
CA THR A 119 -2.75 -0.09 -16.68
C THR A 119 -4.00 -0.39 -17.51
N GLN A 120 -5.06 -0.77 -16.84
CA GLN A 120 -6.30 -1.15 -17.49
C GLN A 120 -7.49 -0.51 -16.79
N GLN A 121 -8.40 0.05 -17.58
CA GLN A 121 -9.67 0.61 -17.08
C GLN A 121 -9.45 1.70 -16.02
N GLY A 122 -8.34 2.41 -16.14
CA GLY A 122 -8.08 3.54 -15.25
C GLY A 122 -7.30 3.14 -14.01
N GLY A 123 -7.03 1.86 -13.85
CA GLY A 123 -6.25 1.40 -12.73
C GLY A 123 -5.11 0.51 -13.17
N TRP A 124 -4.33 0.01 -12.23
CA TRP A 124 -3.21 -0.86 -12.55
C TRP A 124 -3.50 -2.26 -12.03
N GLU A 125 -3.20 -3.27 -12.83
CA GLU A 125 -3.40 -4.64 -12.42
C GLU A 125 -2.16 -5.49 -12.71
N LYS A 126 -1.80 -6.33 -11.76
CA LYS A 126 -0.79 -7.34 -11.98
C LYS A 126 -1.42 -8.70 -11.77
N CYS A 127 -1.72 -9.38 -12.86
CA CYS A 127 -2.43 -10.65 -12.80
C CYS A 127 -1.49 -11.77 -12.40
N GLY A 128 -2.00 -12.68 -11.58
CA GLY A 128 -1.23 -13.83 -11.15
C GLY A 128 -1.99 -15.12 -11.28
N MET A 1 19.30 -3.46 7.74
CA MET A 1 18.08 -3.88 8.48
C MET A 1 16.99 -4.25 7.49
N LYS A 2 16.16 -5.21 7.87
CA LYS A 2 15.08 -5.66 7.02
C LYS A 2 13.82 -4.83 7.33
N LEU A 3 12.96 -4.68 6.34
CA LEU A 3 11.79 -3.82 6.51
C LEU A 3 10.73 -4.53 7.36
N THR A 4 10.47 -3.96 8.52
CA THR A 4 9.50 -4.51 9.44
C THR A 4 8.10 -3.99 9.14
N ILE A 5 7.39 -4.69 8.27
CA ILE A 5 6.03 -4.32 7.93
C ILE A 5 5.04 -5.11 8.77
N ILE A 6 4.07 -4.41 9.33
CA ILE A 6 3.09 -5.04 10.19
C ILE A 6 1.68 -4.78 9.66
N ARG A 7 0.84 -5.80 9.76
CA ARG A 7 -0.55 -5.67 9.36
C ARG A 7 -1.34 -4.97 10.46
N LEU A 8 -2.05 -3.92 10.09
CA LEU A 8 -2.79 -3.14 11.07
C LEU A 8 -4.15 -3.76 11.35
N GLU A 9 -4.22 -4.56 12.40
CA GLU A 9 -5.49 -5.14 12.83
C GLU A 9 -5.92 -4.53 14.14
N LYS A 10 -5.03 -3.74 14.73
CA LYS A 10 -5.30 -3.07 15.99
C LYS A 10 -4.84 -1.64 15.90
N PHE A 11 -5.60 -0.73 16.48
CA PHE A 11 -5.34 0.69 16.33
C PHE A 11 -5.31 1.42 17.66
N SER A 12 -4.15 1.95 18.00
CA SER A 12 -4.04 2.87 19.11
C SER A 12 -3.98 4.30 18.55
N ASP A 13 -4.20 5.28 19.40
CA ASP A 13 -4.24 6.67 18.96
C ASP A 13 -2.92 7.07 18.33
N GLN A 14 -1.83 6.58 18.89
CA GLN A 14 -0.48 6.84 18.39
C GLN A 14 -0.37 6.45 16.91
N ASP A 15 -0.81 5.23 16.60
CA ASP A 15 -0.72 4.69 15.25
C ASP A 15 -1.64 5.47 14.31
N ARG A 16 -2.81 5.84 14.81
CA ARG A 16 -3.78 6.56 14.00
C ARG A 16 -3.28 7.96 13.66
N ILE A 17 -2.67 8.62 14.64
CA ILE A 17 -2.09 9.94 14.41
C ILE A 17 -0.99 9.87 13.35
N ASP A 18 -0.25 8.76 13.37
CA ASP A 18 0.84 8.56 12.41
C ASP A 18 0.29 8.46 11.00
N LEU A 19 -0.80 7.70 10.86
CA LEU A 19 -1.46 7.54 9.57
C LEU A 19 -2.02 8.88 9.07
N GLN A 20 -2.56 9.67 9.99
CA GLN A 20 -3.10 10.98 9.64
C GLN A 20 -1.98 11.96 9.34
N LYS A 21 -0.77 11.60 9.75
CA LYS A 21 0.41 12.41 9.48
C LYS A 21 0.95 12.08 8.10
N ILE A 22 0.71 10.85 7.66
CA ILE A 22 1.09 10.41 6.33
C ILE A 22 0.02 10.84 5.32
N TRP A 23 -1.23 10.79 5.74
CA TRP A 23 -2.34 11.27 4.93
C TRP A 23 -2.95 12.53 5.55
N PRO A 24 -2.41 13.71 5.24
CA PRO A 24 -2.86 14.97 5.84
C PRO A 24 -4.24 15.40 5.33
N GLU A 25 -4.71 14.70 4.31
CA GLU A 25 -6.01 15.00 3.71
C GLU A 25 -7.07 14.00 4.17
N TYR A 26 -6.68 13.09 5.05
CA TYR A 26 -7.58 12.05 5.51
C TYR A 26 -8.61 12.64 6.48
N SER A 27 -9.88 12.39 6.19
CA SER A 27 -10.96 12.85 7.05
C SER A 27 -10.94 12.12 8.38
N PRO A 28 -10.87 12.87 9.49
CA PRO A 28 -10.82 12.29 10.84
C PRO A 28 -11.98 11.34 11.09
N SER A 29 -11.65 10.08 11.29
CA SER A 29 -12.65 9.03 11.47
C SER A 29 -12.06 7.91 12.32
N SER A 30 -12.74 6.77 12.34
CA SER A 30 -12.35 5.64 13.16
C SER A 30 -10.91 5.20 12.88
N LEU A 31 -10.54 5.16 11.60
CA LEU A 31 -9.28 4.56 11.17
C LEU A 31 -9.22 3.11 11.63
N GLN A 32 -9.94 2.26 10.93
CA GLN A 32 -10.05 0.86 11.29
C GLN A 32 -9.86 0.00 10.05
N VAL A 33 -9.94 -1.31 10.24
CA VAL A 33 -9.80 -2.24 9.13
C VAL A 33 -10.92 -3.26 9.13
N ASP A 34 -11.08 -3.90 7.99
CA ASP A 34 -12.05 -4.97 7.83
C ASP A 34 -11.32 -6.19 7.29
N ASP A 35 -11.94 -7.35 7.38
CA ASP A 35 -11.32 -8.58 6.88
C ASP A 35 -11.06 -8.48 5.38
N ASN A 36 -11.87 -7.68 4.71
CA ASN A 36 -11.71 -7.44 3.27
C ASN A 36 -10.86 -6.20 3.04
N HIS A 37 -11.18 -5.12 3.77
CA HIS A 37 -10.44 -3.87 3.64
C HIS A 37 -9.32 -3.80 4.67
N ARG A 38 -8.13 -4.21 4.28
CA ARG A 38 -7.02 -4.31 5.22
C ARG A 38 -5.97 -3.26 4.95
N ILE A 39 -5.28 -2.82 6.00
CA ILE A 39 -4.22 -1.83 5.85
C ILE A 39 -2.89 -2.40 6.36
N TYR A 40 -1.83 -2.20 5.58
CA TYR A 40 -0.50 -2.65 5.97
C TYR A 40 0.40 -1.45 6.21
N ALA A 41 1.22 -1.53 7.25
CA ALA A 41 2.11 -0.44 7.59
C ALA A 41 3.55 -0.89 7.53
N ALA A 42 4.34 -0.22 6.69
CA ALA A 42 5.75 -0.55 6.56
C ALA A 42 6.56 0.31 7.51
N ARG A 43 6.96 -0.29 8.63
CA ARG A 43 7.65 0.43 9.67
C ARG A 43 9.17 0.30 9.50
N PHE A 44 9.84 1.42 9.31
CA PHE A 44 11.27 1.42 9.11
C PHE A 44 11.98 1.74 10.42
N ASN A 45 12.32 0.68 11.16
CA ASN A 45 13.08 0.79 12.41
C ASN A 45 12.26 1.44 13.53
N GLU A 46 11.97 2.72 13.39
CA GLU A 46 11.28 3.47 14.44
C GLU A 46 9.82 3.75 14.06
N ARG A 47 9.60 4.33 12.89
CA ARG A 47 8.30 4.86 12.55
C ARG A 47 7.84 4.31 11.20
N LEU A 48 6.60 4.63 10.82
CA LEU A 48 6.03 4.15 9.58
C LEU A 48 6.66 4.88 8.40
N LEU A 49 7.23 4.14 7.47
CA LEU A 49 7.88 4.70 6.31
C LEU A 49 6.91 4.73 5.13
N ALA A 50 6.05 3.73 5.07
CA ALA A 50 5.10 3.60 3.98
C ALA A 50 3.77 3.06 4.48
N ALA A 51 2.69 3.59 3.96
CA ALA A 51 1.35 3.13 4.30
C ALA A 51 0.58 2.76 3.05
N VAL A 52 -0.01 1.57 3.05
CA VAL A 52 -0.75 1.09 1.89
C VAL A 52 -1.99 0.31 2.32
N ARG A 53 -3.08 0.46 1.58
CA ARG A 53 -4.31 -0.27 1.87
C ARG A 53 -4.62 -1.28 0.78
N VAL A 54 -5.42 -2.27 1.12
CA VAL A 54 -5.85 -3.27 0.14
C VAL A 54 -7.30 -3.69 0.41
N THR A 55 -8.10 -3.65 -0.64
CA THR A 55 -9.47 -4.13 -0.56
C THR A 55 -9.59 -5.47 -1.26
N LEU A 56 -9.56 -6.54 -0.48
CA LEU A 56 -9.69 -7.87 -1.02
C LEU A 56 -11.16 -8.19 -1.25
N SER A 57 -11.47 -8.60 -2.47
CA SER A 57 -12.84 -8.93 -2.82
C SER A 57 -12.98 -10.44 -2.94
N GLY A 58 -13.08 -11.10 -1.79
CA GLY A 58 -13.10 -12.55 -1.78
C GLY A 58 -11.70 -13.11 -1.89
N THR A 59 -11.24 -13.27 -3.12
CA THR A 59 -9.90 -13.78 -3.38
C THR A 59 -9.01 -12.68 -3.96
N GLU A 60 -9.40 -12.20 -5.13
CA GLU A 60 -8.67 -11.14 -5.82
C GLU A 60 -8.97 -9.80 -5.17
N GLY A 61 -8.01 -8.89 -5.16
CA GLY A 61 -8.18 -7.66 -4.44
C GLY A 61 -7.60 -6.45 -5.14
N ALA A 62 -7.99 -5.27 -4.69
CA ALA A 62 -7.52 -4.03 -5.26
C ALA A 62 -6.71 -3.23 -4.24
N LEU A 63 -5.57 -2.72 -4.66
CA LEU A 63 -4.71 -1.90 -3.82
C LEU A 63 -5.01 -0.43 -4.00
N ASP A 64 -5.14 0.29 -2.91
CA ASP A 64 -5.39 1.73 -2.96
C ASP A 64 -4.64 2.42 -1.82
N SER A 65 -4.49 3.73 -1.94
CA SER A 65 -3.80 4.54 -0.94
C SER A 65 -2.40 4.00 -0.67
N LEU A 66 -1.44 4.46 -1.47
CA LEU A 66 -0.05 4.09 -1.27
C LEU A 66 0.79 5.34 -1.10
N ARG A 67 1.24 5.58 0.13
CA ARG A 67 2.05 6.75 0.41
C ARG A 67 3.30 6.37 1.18
N VAL A 68 4.43 6.40 0.49
CA VAL A 68 5.73 6.25 1.13
C VAL A 68 6.29 7.64 1.39
N ARG A 69 7.04 7.78 2.49
CA ARG A 69 7.73 9.04 2.75
C ARG A 69 8.55 9.45 1.54
N GLU A 70 8.32 10.67 1.07
CA GLU A 70 8.85 11.14 -0.22
C GLU A 70 10.37 11.06 -0.29
N VAL A 71 11.03 11.05 0.86
CA VAL A 71 12.48 10.94 0.91
C VAL A 71 12.94 9.57 0.39
N THR A 72 12.03 8.61 0.42
CA THR A 72 12.36 7.24 0.05
C THR A 72 12.21 7.03 -1.47
N ARG A 73 12.50 8.08 -2.23
CA ARG A 73 12.32 8.05 -3.66
C ARG A 73 13.51 7.38 -4.34
N ARG A 74 13.23 6.40 -5.19
CA ARG A 74 14.24 5.69 -5.98
C ARG A 74 15.23 4.97 -5.04
N ARG A 75 14.74 4.46 -3.93
CA ARG A 75 15.58 3.78 -2.95
C ARG A 75 15.27 2.28 -2.87
N GLY A 76 14.34 1.83 -3.70
CA GLY A 76 14.05 0.40 -3.78
C GLY A 76 13.08 -0.10 -2.73
N VAL A 77 12.80 0.72 -1.71
CA VAL A 77 11.93 0.31 -0.62
C VAL A 77 10.52 -0.02 -1.10
N GLY A 78 9.97 0.82 -1.99
CA GLY A 78 8.65 0.56 -2.53
C GLY A 78 8.57 -0.77 -3.26
N GLN A 79 9.68 -1.15 -3.90
CA GLN A 79 9.76 -2.41 -4.62
C GLN A 79 9.61 -3.58 -3.65
N TYR A 80 10.34 -3.51 -2.54
CA TYR A 80 10.29 -4.55 -1.52
C TYR A 80 8.88 -4.64 -0.93
N LEU A 81 8.28 -3.49 -0.67
CA LEU A 81 6.96 -3.43 -0.05
C LEU A 81 5.94 -4.26 -0.82
N LEU A 82 5.79 -3.98 -2.10
CA LEU A 82 4.84 -4.70 -2.92
C LEU A 82 5.22 -6.17 -3.07
N GLU A 83 6.51 -6.43 -3.23
CA GLU A 83 7.02 -7.80 -3.32
C GLU A 83 6.56 -8.64 -2.13
N GLU A 84 6.77 -8.10 -0.94
CA GLU A 84 6.43 -8.83 0.29
C GLU A 84 4.94 -9.13 0.33
N VAL A 85 4.12 -8.14 0.02
CA VAL A 85 2.67 -8.30 0.05
C VAL A 85 2.21 -9.34 -0.98
N LEU A 86 2.69 -9.20 -2.21
CA LEU A 86 2.27 -10.09 -3.31
C LEU A 86 2.72 -11.53 -3.07
N ARG A 87 3.71 -11.73 -2.21
CA ARG A 87 4.18 -13.07 -1.90
C ARG A 87 3.47 -13.65 -0.69
N ASN A 88 3.06 -12.78 0.24
CA ASN A 88 2.43 -13.23 1.47
C ASN A 88 0.95 -13.51 1.26
N ASN A 89 0.38 -12.95 0.21
CA ASN A 89 -1.01 -13.22 -0.13
C ASN A 89 -1.10 -13.97 -1.46
N PRO A 90 -1.01 -15.31 -1.40
CA PRO A 90 -1.01 -16.16 -2.59
C PRO A 90 -2.41 -16.41 -3.14
N GLY A 91 -3.41 -16.08 -2.33
CA GLY A 91 -4.80 -16.32 -2.72
C GLY A 91 -5.31 -15.26 -3.69
N VAL A 92 -4.52 -14.22 -3.88
CA VAL A 92 -4.89 -13.16 -4.80
C VAL A 92 -4.30 -13.41 -6.18
N SER A 93 -5.13 -13.90 -7.09
CA SER A 93 -4.68 -14.20 -8.44
C SER A 93 -4.55 -12.94 -9.29
N CYS A 94 -5.44 -12.00 -9.07
CA CYS A 94 -5.42 -10.74 -9.81
C CYS A 94 -5.17 -9.57 -8.87
N TRP A 95 -4.04 -8.91 -9.07
CA TRP A 95 -3.70 -7.74 -8.29
C TRP A 95 -4.06 -6.48 -9.05
N TRP A 96 -5.17 -5.88 -8.67
CA TRP A 96 -5.61 -4.64 -9.28
C TRP A 96 -5.17 -3.48 -8.43
N MET A 97 -4.61 -2.46 -9.04
CA MET A 97 -4.22 -1.26 -8.32
C MET A 97 -5.06 -0.09 -8.80
N ALA A 98 -5.63 0.63 -7.83
CA ALA A 98 -6.50 1.74 -8.11
C ALA A 98 -5.73 3.04 -8.14
N ASP A 99 -6.30 4.06 -8.76
CA ASP A 99 -5.67 5.38 -8.84
C ASP A 99 -6.04 6.20 -7.60
N ALA A 100 -6.87 5.62 -6.74
CA ALA A 100 -7.26 6.26 -5.50
C ALA A 100 -6.06 6.35 -4.56
N GLY A 101 -5.63 7.57 -4.29
CA GLY A 101 -4.45 7.77 -3.47
C GLY A 101 -3.22 8.07 -4.29
N VAL A 102 -3.32 7.82 -5.59
CA VAL A 102 -2.24 8.12 -6.50
C VAL A 102 -2.36 9.53 -7.04
N GLU A 103 -1.63 10.43 -6.43
CA GLU A 103 -1.61 11.82 -6.84
C GLU A 103 -0.76 11.98 -8.10
N ASP A 104 0.45 11.44 -8.04
CA ASP A 104 1.35 11.47 -9.18
C ASP A 104 1.15 10.22 -10.01
N ARG A 105 0.29 10.32 -11.01
CA ARG A 105 -0.04 9.17 -11.85
C ARG A 105 1.11 8.83 -12.79
N GLY A 106 1.94 9.82 -13.07
CA GLY A 106 3.07 9.63 -13.96
C GLY A 106 4.15 8.75 -13.35
N VAL A 107 4.66 9.15 -12.19
CA VAL A 107 5.71 8.41 -11.52
C VAL A 107 5.22 7.04 -11.07
N MET A 108 4.01 7.00 -10.55
CA MET A 108 3.45 5.74 -10.05
C MET A 108 3.28 4.73 -11.18
N THR A 109 2.89 5.18 -12.36
CA THR A 109 2.77 4.28 -13.50
C THR A 109 4.12 3.67 -13.85
N ALA A 110 5.15 4.51 -13.90
CA ALA A 110 6.51 4.03 -14.18
C ALA A 110 6.99 3.11 -13.07
N PHE A 111 6.68 3.47 -11.83
CA PHE A 111 6.99 2.67 -10.66
C PHE A 111 6.34 1.29 -10.77
N MET A 112 5.06 1.27 -11.08
CA MET A 112 4.30 0.03 -11.17
C MET A 112 4.72 -0.81 -12.37
N GLN A 113 4.98 -0.14 -13.50
CA GLN A 113 5.39 -0.85 -14.70
C GLN A 113 6.71 -1.57 -14.48
N ALA A 114 7.65 -0.89 -13.84
CA ALA A 114 8.94 -1.50 -13.50
C ALA A 114 8.76 -2.59 -12.46
N LEU A 115 7.78 -2.40 -11.58
CA LEU A 115 7.46 -3.36 -10.54
C LEU A 115 6.90 -4.63 -11.17
N GLY A 116 6.15 -4.46 -12.27
CA GLY A 116 5.62 -5.61 -12.98
C GLY A 116 4.15 -5.46 -13.33
N PHE A 117 3.56 -4.32 -12.99
CA PHE A 117 2.15 -4.07 -13.25
C PHE A 117 1.95 -3.58 -14.67
N THR A 118 0.69 -3.44 -15.06
CA THR A 118 0.34 -2.97 -16.39
C THR A 118 -0.99 -2.22 -16.31
N THR A 119 -1.20 -1.26 -17.21
CA THR A 119 -2.43 -0.48 -17.20
C THR A 119 -3.41 -1.06 -18.22
N GLN A 120 -4.47 -1.66 -17.70
CA GLN A 120 -5.44 -2.37 -18.53
C GLN A 120 -6.85 -2.13 -18.01
N GLN A 121 -7.74 -1.73 -18.91
CA GLN A 121 -9.15 -1.54 -18.59
C GLN A 121 -9.34 -0.43 -17.56
N GLY A 122 -8.47 0.57 -17.62
CA GLY A 122 -8.57 1.70 -16.71
C GLY A 122 -7.44 1.74 -15.70
N GLY A 123 -7.49 0.87 -14.72
CA GLY A 123 -6.48 0.86 -13.68
C GLY A 123 -5.33 -0.06 -14.00
N TRP A 124 -4.63 -0.50 -12.99
CA TRP A 124 -3.50 -1.40 -13.17
C TRP A 124 -3.89 -2.82 -12.79
N GLU A 125 -3.80 -3.73 -13.75
CA GLU A 125 -4.21 -5.12 -13.53
C GLU A 125 -3.02 -6.05 -13.74
N LYS A 126 -2.63 -6.75 -12.69
CA LYS A 126 -1.48 -7.65 -12.77
C LYS A 126 -1.85 -9.06 -12.31
N CYS A 127 -1.39 -10.05 -13.06
CA CYS A 127 -1.55 -11.43 -12.66
C CYS A 127 -0.49 -11.80 -11.62
N GLY A 128 -0.91 -12.49 -10.57
CA GLY A 128 0.02 -12.90 -9.53
C GLY A 128 -0.37 -14.22 -8.92
N MET A 1 19.04 -3.69 4.84
CA MET A 1 17.84 -3.02 5.37
C MET A 1 16.59 -3.83 5.10
N LYS A 2 15.93 -4.28 6.16
CA LYS A 2 14.65 -4.96 6.02
C LYS A 2 13.51 -4.03 6.41
N LEU A 3 12.35 -4.28 5.85
CA LEU A 3 11.19 -3.44 6.09
C LEU A 3 10.15 -4.20 6.90
N THR A 4 9.94 -3.78 8.14
CA THR A 4 8.98 -4.42 9.01
C THR A 4 7.57 -3.92 8.73
N ILE A 5 6.85 -4.64 7.89
CA ILE A 5 5.50 -4.27 7.55
C ILE A 5 4.50 -5.24 8.18
N ILE A 6 3.51 -4.69 8.87
CA ILE A 6 2.55 -5.50 9.60
C ILE A 6 1.13 -5.17 9.15
N ARG A 7 0.23 -6.12 9.32
CA ARG A 7 -1.18 -5.89 9.06
C ARG A 7 -1.83 -5.17 10.24
N LEU A 8 -2.36 -3.98 9.97
CA LEU A 8 -2.97 -3.18 11.01
C LEU A 8 -4.35 -3.72 11.36
N GLU A 9 -4.38 -4.65 12.29
CA GLU A 9 -5.62 -5.24 12.77
C GLU A 9 -5.98 -4.62 14.12
N LYS A 10 -5.23 -3.59 14.48
CA LYS A 10 -5.45 -2.86 15.71
C LYS A 10 -4.83 -1.48 15.56
N PHE A 11 -5.47 -0.46 16.12
CA PHE A 11 -4.99 0.90 15.98
C PHE A 11 -4.83 1.57 17.34
N SER A 12 -3.62 2.00 17.64
CA SER A 12 -3.35 2.74 18.86
C SER A 12 -3.26 4.23 18.54
N ASP A 13 -3.21 5.06 19.57
CA ASP A 13 -3.13 6.51 19.38
C ASP A 13 -1.87 6.88 18.63
N GLN A 14 -0.74 6.29 19.03
CA GLN A 14 0.53 6.55 18.38
C GLN A 14 0.48 6.19 16.90
N ASP A 15 -0.15 5.06 16.60
CA ASP A 15 -0.28 4.58 15.22
C ASP A 15 -1.06 5.58 14.37
N ARG A 16 -2.18 6.06 14.92
CA ARG A 16 -3.02 7.03 14.20
C ARG A 16 -2.22 8.29 13.87
N ILE A 17 -1.46 8.79 14.84
CA ILE A 17 -0.70 10.02 14.65
C ILE A 17 0.43 9.83 13.63
N ASP A 18 0.98 8.62 13.57
CA ASP A 18 2.07 8.36 12.63
C ASP A 18 1.52 8.20 11.23
N LEU A 19 0.37 7.55 11.12
CA LEU A 19 -0.33 7.43 9.83
C LEU A 19 -0.71 8.82 9.31
N GLN A 20 -1.03 9.71 10.24
CA GLN A 20 -1.33 11.10 9.89
C GLN A 20 -0.11 11.79 9.30
N LYS A 21 1.06 11.43 9.82
CA LYS A 21 2.32 11.96 9.29
C LYS A 21 2.63 11.37 7.91
N ILE A 22 2.04 10.22 7.62
CA ILE A 22 2.20 9.61 6.31
C ILE A 22 1.28 10.29 5.29
N TRP A 23 0.02 10.45 5.65
CA TRP A 23 -0.97 11.04 4.75
C TRP A 23 -1.33 12.45 5.19
N PRO A 24 -0.71 13.48 4.58
CA PRO A 24 -1.01 14.89 4.89
C PRO A 24 -2.39 15.30 4.39
N GLU A 25 -2.90 14.55 3.42
CA GLU A 25 -4.21 14.82 2.83
C GLU A 25 -5.32 14.19 3.66
N TYR A 26 -4.98 13.18 4.43
CA TYR A 26 -5.96 12.38 5.15
C TYR A 26 -6.14 12.88 6.57
N SER A 27 -7.39 13.17 6.93
CA SER A 27 -7.72 13.50 8.29
C SER A 27 -7.90 12.22 9.09
N PRO A 28 -7.22 12.10 10.25
CA PRO A 28 -7.25 10.87 11.07
C PRO A 28 -8.66 10.42 11.40
N SER A 29 -9.17 9.47 10.62
CA SER A 29 -10.51 8.98 10.79
C SER A 29 -10.49 7.57 11.39
N SER A 30 -11.57 6.83 11.19
CA SER A 30 -11.72 5.50 11.74
C SER A 30 -10.59 4.57 11.33
N LEU A 31 -10.19 4.63 10.05
CA LEU A 31 -9.21 3.70 9.51
C LEU A 31 -9.69 2.26 9.73
N GLN A 32 -10.97 2.06 9.45
CA GLN A 32 -11.64 0.80 9.74
C GLN A 32 -11.02 -0.36 8.98
N VAL A 33 -10.46 -1.30 9.72
CA VAL A 33 -10.02 -2.56 9.16
C VAL A 33 -10.89 -3.68 9.71
N ASP A 34 -11.60 -4.36 8.84
CA ASP A 34 -12.47 -5.46 9.24
C ASP A 34 -11.77 -6.79 9.00
N ASP A 35 -11.30 -6.95 7.77
CA ASP A 35 -10.61 -8.15 7.31
C ASP A 35 -10.52 -8.08 5.80
N ASN A 36 -11.61 -7.60 5.20
CA ASN A 36 -11.68 -7.36 3.76
C ASN A 36 -10.84 -6.14 3.41
N HIS A 37 -11.14 -5.02 4.06
CA HIS A 37 -10.37 -3.81 3.91
C HIS A 37 -9.29 -3.79 4.98
N ARG A 38 -8.07 -4.12 4.58
CA ARG A 38 -6.98 -4.24 5.53
C ARG A 38 -5.83 -3.33 5.15
N ILE A 39 -5.19 -2.75 6.16
CA ILE A 39 -4.08 -1.84 5.94
C ILE A 39 -2.78 -2.50 6.34
N TYR A 40 -1.77 -2.38 5.51
CA TYR A 40 -0.44 -2.86 5.83
C TYR A 40 0.50 -1.68 6.04
N ALA A 41 1.08 -1.59 7.21
CA ALA A 41 1.94 -0.46 7.54
C ALA A 41 3.39 -0.89 7.59
N ALA A 42 4.20 -0.27 6.75
CA ALA A 42 5.61 -0.61 6.65
C ALA A 42 6.46 0.34 7.48
N ARG A 43 6.95 -0.15 8.61
CA ARG A 43 7.78 0.65 9.48
C ARG A 43 9.23 0.17 9.41
N PHE A 44 10.15 1.11 9.30
CA PHE A 44 11.55 0.77 9.22
C PHE A 44 12.20 0.90 10.59
N ASN A 45 12.03 -0.15 11.40
CA ASN A 45 12.61 -0.25 12.74
C ASN A 45 12.35 1.00 13.59
N GLU A 46 11.28 1.74 13.27
CA GLU A 46 10.96 2.95 14.00
C GLU A 46 9.54 3.42 13.67
N ARG A 47 9.43 4.25 12.64
CA ARG A 47 8.14 4.82 12.26
C ARG A 47 7.64 4.21 10.97
N LEU A 48 6.35 4.40 10.70
CA LEU A 48 5.73 3.86 9.50
C LEU A 48 6.10 4.73 8.30
N LEU A 49 7.02 4.25 7.48
CA LEU A 49 7.50 5.03 6.35
C LEU A 49 6.59 4.83 5.14
N ALA A 50 5.99 3.66 5.03
CA ALA A 50 5.12 3.35 3.91
C ALA A 50 3.79 2.81 4.40
N ALA A 51 2.71 3.27 3.79
CA ALA A 51 1.38 2.81 4.14
C ALA A 51 0.58 2.42 2.91
N VAL A 52 0.09 1.20 2.90
CA VAL A 52 -0.69 0.70 1.78
C VAL A 52 -1.96 0.00 2.27
N ARG A 53 -3.08 0.29 1.65
CA ARG A 53 -4.33 -0.38 2.00
C ARG A 53 -4.76 -1.32 0.88
N VAL A 54 -5.29 -2.47 1.25
CA VAL A 54 -5.73 -3.46 0.28
C VAL A 54 -7.12 -4.00 0.64
N THR A 55 -7.98 -4.02 -0.35
CA THR A 55 -9.30 -4.61 -0.20
C THR A 55 -9.36 -5.94 -0.91
N LEU A 56 -9.46 -7.01 -0.15
CA LEU A 56 -9.52 -8.34 -0.73
C LEU A 56 -10.95 -8.66 -1.15
N SER A 57 -11.30 -8.25 -2.35
CA SER A 57 -12.62 -8.53 -2.89
C SER A 57 -12.64 -9.93 -3.50
N GLY A 58 -12.86 -10.92 -2.65
CA GLY A 58 -12.88 -12.29 -3.09
C GLY A 58 -11.51 -12.77 -3.52
N THR A 59 -11.39 -13.10 -4.80
CA THR A 59 -10.12 -13.56 -5.35
C THR A 59 -9.31 -12.40 -5.91
N GLU A 60 -9.85 -11.19 -5.78
CA GLU A 60 -9.19 -10.00 -6.31
C GLU A 60 -8.72 -9.12 -5.16
N GLY A 61 -7.50 -8.62 -5.29
CA GLY A 61 -6.93 -7.76 -4.27
C GLY A 61 -6.71 -6.37 -4.79
N ALA A 62 -7.56 -5.45 -4.39
CA ALA A 62 -7.48 -4.07 -4.85
C ALA A 62 -6.67 -3.23 -3.88
N LEU A 63 -5.63 -2.59 -4.39
CA LEU A 63 -4.77 -1.75 -3.58
C LEU A 63 -5.26 -0.30 -3.67
N ASP A 64 -5.71 0.21 -2.54
CA ASP A 64 -6.26 1.54 -2.44
C ASP A 64 -5.40 2.38 -1.52
N SER A 65 -4.98 3.54 -2.00
CA SER A 65 -4.12 4.43 -1.24
C SER A 65 -2.74 3.81 -1.01
N LEU A 66 -1.82 4.11 -1.91
CA LEU A 66 -0.43 3.70 -1.78
C LEU A 66 0.45 4.93 -1.62
N ARG A 67 0.86 5.19 -0.39
CA ARG A 67 1.62 6.39 -0.09
C ARG A 67 2.79 6.09 0.84
N VAL A 68 3.99 6.26 0.32
CA VAL A 68 5.18 6.21 1.13
C VAL A 68 5.59 7.64 1.46
N ARG A 69 6.22 7.85 2.60
CA ARG A 69 6.70 9.18 2.97
C ARG A 69 7.60 9.71 1.87
N GLU A 70 7.43 10.98 1.54
CA GLU A 70 8.18 11.60 0.45
C GLU A 70 9.69 11.59 0.75
N VAL A 71 10.02 11.39 2.02
CA VAL A 71 11.41 11.30 2.45
C VAL A 71 12.03 9.98 1.98
N THR A 72 11.20 8.97 1.75
CA THR A 72 11.67 7.63 1.48
C THR A 72 11.98 7.41 -0.01
N ARG A 73 12.16 8.50 -0.75
CA ARG A 73 12.61 8.42 -2.13
C ARG A 73 14.04 7.88 -2.16
N ARG A 74 14.25 6.73 -2.78
CA ARG A 74 15.57 6.11 -2.78
C ARG A 74 15.71 5.04 -3.86
N ARG A 75 15.51 3.78 -3.47
CA ARG A 75 15.77 2.63 -4.32
C ARG A 75 15.70 1.36 -3.48
N GLY A 76 14.54 0.73 -3.47
CA GLY A 76 14.38 -0.53 -2.79
C GLY A 76 13.13 -0.60 -1.94
N VAL A 77 13.02 0.32 -0.98
CA VAL A 77 11.92 0.31 -0.02
C VAL A 77 10.55 0.18 -0.70
N GLY A 78 10.27 1.07 -1.65
CA GLY A 78 8.99 1.05 -2.34
C GLY A 78 8.75 -0.25 -3.10
N GLN A 79 9.78 -0.72 -3.81
CA GLN A 79 9.67 -1.94 -4.58
C GLN A 79 9.48 -3.13 -3.66
N TYR A 80 10.29 -3.20 -2.60
CA TYR A 80 10.19 -4.26 -1.61
C TYR A 80 8.80 -4.25 -0.96
N LEU A 81 8.29 -3.05 -0.71
CA LEU A 81 6.96 -2.89 -0.13
C LEU A 81 5.93 -3.69 -0.92
N LEU A 82 5.87 -3.46 -2.21
CA LEU A 82 4.91 -4.14 -3.07
C LEU A 82 5.22 -5.64 -3.16
N GLU A 83 6.49 -5.98 -3.31
CA GLU A 83 6.89 -7.37 -3.42
C GLU A 83 6.56 -8.15 -2.16
N GLU A 84 6.76 -7.53 -1.00
CA GLU A 84 6.50 -8.18 0.28
C GLU A 84 5.02 -8.46 0.46
N VAL A 85 4.17 -7.49 0.14
CA VAL A 85 2.72 -7.65 0.30
C VAL A 85 2.22 -8.83 -0.53
N LEU A 86 2.70 -8.94 -1.76
CA LEU A 86 2.26 -10.00 -2.66
C LEU A 86 2.92 -11.33 -2.33
N ARG A 87 4.02 -11.29 -1.59
CA ARG A 87 4.72 -12.51 -1.20
C ARG A 87 4.16 -13.05 0.11
N ASN A 88 3.91 -12.14 1.05
CA ASN A 88 3.36 -12.49 2.34
C ASN A 88 1.89 -12.87 2.20
N ASN A 89 1.22 -12.24 1.25
CA ASN A 89 -0.16 -12.58 0.93
C ASN A 89 -0.27 -12.96 -0.55
N PRO A 90 0.17 -14.18 -0.90
CA PRO A 90 0.18 -14.66 -2.27
C PRO A 90 -1.06 -15.46 -2.63
N GLY A 91 -2.09 -15.33 -1.80
CA GLY A 91 -3.31 -16.08 -2.02
C GLY A 91 -4.28 -15.37 -2.94
N VAL A 92 -3.86 -14.23 -3.46
CA VAL A 92 -4.70 -13.46 -4.37
C VAL A 92 -4.25 -13.68 -5.81
N SER A 93 -5.20 -14.03 -6.67
CA SER A 93 -4.89 -14.37 -8.05
C SER A 93 -4.99 -13.13 -8.95
N CYS A 94 -5.92 -12.24 -8.64
CA CYS A 94 -6.12 -11.04 -9.45
C CYS A 94 -5.86 -9.78 -8.62
N TRP A 95 -4.71 -9.17 -8.82
CA TRP A 95 -4.37 -7.94 -8.12
C TRP A 95 -4.78 -6.73 -8.94
N TRP A 96 -5.25 -5.70 -8.26
CA TRP A 96 -5.66 -4.47 -8.90
C TRP A 96 -5.11 -3.28 -8.12
N MET A 97 -4.70 -2.25 -8.83
CA MET A 97 -4.21 -1.03 -8.19
C MET A 97 -4.92 0.17 -8.81
N ALA A 98 -5.52 0.99 -7.96
CA ALA A 98 -6.33 2.10 -8.42
C ALA A 98 -5.58 3.43 -8.29
N ASP A 99 -6.17 4.48 -8.83
CA ASP A 99 -5.59 5.82 -8.78
C ASP A 99 -5.83 6.46 -7.42
N ALA A 100 -6.65 5.79 -6.62
CA ALA A 100 -7.02 6.30 -5.30
C ALA A 100 -5.80 6.39 -4.39
N GLY A 101 -5.53 7.59 -3.89
CA GLY A 101 -4.38 7.78 -3.03
C GLY A 101 -3.10 7.94 -3.80
N VAL A 102 -3.22 8.17 -5.10
CA VAL A 102 -2.06 8.36 -5.96
C VAL A 102 -2.17 9.66 -6.73
N GLU A 103 -1.60 10.72 -6.18
CA GLU A 103 -1.60 12.01 -6.85
C GLU A 103 -0.45 12.11 -7.84
N ASP A 104 0.53 11.24 -7.69
CA ASP A 104 1.70 11.24 -8.57
C ASP A 104 1.70 9.98 -9.42
N ARG A 105 0.80 9.95 -10.39
CA ARG A 105 0.55 8.74 -11.17
C ARG A 105 1.65 8.49 -12.17
N GLY A 106 2.24 9.55 -12.70
CA GLY A 106 3.30 9.40 -13.68
C GLY A 106 4.48 8.64 -13.13
N VAL A 107 4.99 9.10 -11.99
CA VAL A 107 6.10 8.44 -11.32
C VAL A 107 5.73 6.99 -10.99
N MET A 108 4.50 6.80 -10.52
CA MET A 108 4.04 5.45 -10.20
C MET A 108 3.85 4.60 -11.45
N THR A 109 3.62 5.23 -12.59
CA THR A 109 3.48 4.52 -13.85
C THR A 109 4.78 3.79 -14.20
N ALA A 110 5.89 4.51 -14.11
CA ALA A 110 7.20 3.91 -14.35
C ALA A 110 7.50 2.85 -13.28
N PHE A 111 7.01 3.11 -12.07
CA PHE A 111 7.15 2.19 -10.95
C PHE A 111 6.41 0.88 -11.23
N MET A 112 5.22 0.97 -11.80
CA MET A 112 4.41 -0.20 -12.14
C MET A 112 5.10 -1.07 -13.18
N GLN A 113 5.73 -0.42 -14.15
CA GLN A 113 6.42 -1.14 -15.22
C GLN A 113 7.65 -1.84 -14.68
N ALA A 114 8.22 -1.29 -13.61
CA ALA A 114 9.37 -1.92 -12.95
C ALA A 114 8.92 -3.12 -12.14
N LEU A 115 7.78 -2.98 -11.47
CA LEU A 115 7.22 -4.09 -10.69
C LEU A 115 6.77 -5.23 -11.59
N GLY A 116 5.84 -4.93 -12.47
CA GLY A 116 5.28 -5.95 -13.34
C GLY A 116 3.76 -5.92 -13.33
N PHE A 117 3.20 -4.73 -13.50
CA PHE A 117 1.76 -4.57 -13.57
C PHE A 117 1.32 -4.20 -14.98
N THR A 118 0.19 -4.75 -15.40
CA THR A 118 -0.36 -4.44 -16.71
C THR A 118 -1.34 -3.28 -16.62
N THR A 119 -1.36 -2.44 -17.64
CA THR A 119 -2.20 -1.27 -17.63
C THR A 119 -3.49 -1.51 -18.40
N GLN A 120 -4.55 -0.85 -17.96
CA GLN A 120 -5.84 -0.93 -18.64
C GLN A 120 -6.32 0.47 -19.00
N GLN A 121 -7.62 0.60 -19.28
CA GLN A 121 -8.20 1.89 -19.66
C GLN A 121 -8.47 2.77 -18.43
N GLY A 122 -7.66 2.61 -17.40
CA GLY A 122 -7.82 3.38 -16.20
C GLY A 122 -7.52 2.57 -14.96
N GLY A 123 -6.25 2.20 -14.79
CA GLY A 123 -5.86 1.44 -13.62
C GLY A 123 -4.84 0.38 -13.94
N TRP A 124 -4.25 -0.20 -12.91
CA TRP A 124 -3.22 -1.23 -13.08
C TRP A 124 -3.73 -2.57 -12.57
N GLU A 125 -3.52 -3.61 -13.36
CA GLU A 125 -3.94 -4.95 -12.99
C GLU A 125 -2.74 -5.89 -13.00
N LYS A 126 -2.75 -6.85 -12.09
CA LYS A 126 -1.72 -7.89 -12.09
C LYS A 126 -2.36 -9.25 -11.82
N CYS A 127 -2.62 -9.99 -12.90
CA CYS A 127 -3.15 -11.33 -12.77
C CYS A 127 -2.00 -12.32 -12.64
N GLY A 128 -2.10 -13.23 -11.69
CA GLY A 128 -1.05 -14.21 -11.47
C GLY A 128 -1.56 -15.44 -10.75
N MET A 1 18.58 -4.61 7.82
CA MET A 1 17.34 -3.80 7.86
C MET A 1 16.21 -4.48 7.12
N LYS A 2 15.35 -5.14 7.86
CA LYS A 2 14.19 -5.80 7.29
C LYS A 2 12.99 -4.86 7.37
N LEU A 3 12.22 -4.79 6.29
CA LEU A 3 11.04 -3.94 6.27
C LEU A 3 9.93 -4.57 7.08
N THR A 4 9.66 -4.01 8.24
CA THR A 4 8.63 -4.53 9.12
C THR A 4 7.28 -3.96 8.76
N ILE A 5 6.49 -4.71 8.01
CA ILE A 5 5.14 -4.29 7.67
C ILE A 5 4.17 -4.77 8.73
N ILE A 6 3.38 -3.85 9.25
CA ILE A 6 2.36 -4.19 10.22
C ILE A 6 1.01 -4.25 9.53
N ARG A 7 0.16 -5.12 10.01
CA ARG A 7 -1.20 -5.23 9.51
C ARG A 7 -2.13 -4.50 10.46
N LEU A 8 -2.59 -3.33 10.04
CA LEU A 8 -3.43 -2.51 10.89
C LEU A 8 -4.82 -3.10 11.02
N GLU A 9 -4.96 -4.02 11.96
CA GLU A 9 -6.23 -4.62 12.30
C GLU A 9 -6.84 -3.86 13.47
N LYS A 10 -5.97 -3.19 14.22
CA LYS A 10 -6.38 -2.39 15.36
C LYS A 10 -5.62 -1.07 15.34
N PHE A 11 -6.28 0.01 15.73
CA PHE A 11 -5.70 1.33 15.63
C PHE A 11 -5.60 2.01 16.98
N SER A 12 -4.54 2.78 17.16
CA SER A 12 -4.45 3.70 18.26
C SER A 12 -4.56 5.11 17.70
N ASP A 13 -4.83 6.08 18.54
CA ASP A 13 -4.89 7.45 18.10
C ASP A 13 -3.50 7.93 17.70
N GLN A 14 -2.50 7.37 18.36
CA GLN A 14 -1.10 7.69 18.10
C GLN A 14 -0.69 7.22 16.71
N ASP A 15 -0.96 5.96 16.40
CA ASP A 15 -0.59 5.40 15.10
C ASP A 15 -1.38 6.07 13.99
N ARG A 16 -2.58 6.53 14.32
CA ARG A 16 -3.39 7.28 13.37
C ARG A 16 -2.71 8.61 13.03
N ILE A 17 -1.99 9.18 13.99
CA ILE A 17 -1.22 10.38 13.74
C ILE A 17 -0.08 10.10 12.75
N ASP A 18 0.60 8.97 12.94
CA ASP A 18 1.67 8.56 12.02
C ASP A 18 1.12 8.39 10.62
N LEU A 19 -0.09 7.85 10.52
CA LEU A 19 -0.77 7.72 9.24
C LEU A 19 -0.99 9.10 8.61
N GLN A 20 -1.34 10.07 9.43
CA GLN A 20 -1.55 11.44 8.96
C GLN A 20 -0.20 12.14 8.73
N LYS A 21 0.87 11.47 9.11
CA LYS A 21 2.21 11.95 8.81
C LYS A 21 2.65 11.38 7.47
N ILE A 22 1.96 10.33 7.04
CA ILE A 22 2.13 9.76 5.70
C ILE A 22 1.15 10.43 4.74
N TRP A 23 -0.06 10.69 5.24
CA TRP A 23 -1.05 11.48 4.52
C TRP A 23 -1.04 12.92 5.06
N PRO A 24 -0.20 13.80 4.50
CA PRO A 24 0.05 15.12 5.07
C PRO A 24 -1.16 16.05 4.98
N GLU A 25 -1.60 16.31 3.75
CA GLU A 25 -2.69 17.25 3.52
C GLU A 25 -4.03 16.52 3.48
N TYR A 26 -4.01 15.26 3.82
CA TYR A 26 -5.21 14.44 3.82
C TYR A 26 -5.81 14.36 5.22
N SER A 27 -7.10 14.62 5.32
CA SER A 27 -7.82 14.53 6.57
C SER A 27 -8.45 13.16 6.74
N PRO A 28 -7.94 12.35 7.68
CA PRO A 28 -8.43 10.99 7.92
C PRO A 28 -9.85 10.97 8.48
N SER A 29 -10.66 10.07 7.97
CA SER A 29 -12.03 9.93 8.43
C SER A 29 -12.14 8.80 9.47
N SER A 30 -12.52 7.61 9.01
CA SER A 30 -12.68 6.48 9.91
C SER A 30 -11.45 5.56 9.90
N LEU A 31 -10.95 5.25 8.69
CA LEU A 31 -9.85 4.30 8.52
C LEU A 31 -10.30 2.89 8.90
N GLN A 32 -11.52 2.55 8.47
CA GLN A 32 -12.14 1.28 8.82
C GLN A 32 -11.41 0.11 8.16
N VAL A 33 -11.18 -0.94 8.93
CA VAL A 33 -10.53 -2.14 8.41
C VAL A 33 -11.31 -3.39 8.80
N ASP A 34 -10.99 -4.47 8.14
CA ASP A 34 -11.54 -5.78 8.47
C ASP A 34 -10.57 -6.84 7.97
N ASP A 35 -10.95 -8.11 8.02
CA ASP A 35 -10.04 -9.18 7.60
C ASP A 35 -9.82 -9.16 6.09
N ASN A 36 -10.68 -8.43 5.37
CA ASN A 36 -10.53 -8.27 3.93
C ASN A 36 -9.83 -6.96 3.61
N HIS A 37 -10.39 -5.86 4.10
CA HIS A 37 -9.79 -4.55 3.88
C HIS A 37 -8.82 -4.24 5.00
N ARG A 38 -7.56 -4.55 4.78
CA ARG A 38 -6.52 -4.28 5.78
C ARG A 38 -5.56 -3.21 5.29
N ILE A 39 -4.92 -2.55 6.24
CA ILE A 39 -3.94 -1.52 5.91
C ILE A 39 -2.54 -1.99 6.33
N TYR A 40 -1.64 -2.05 5.37
CA TYR A 40 -0.26 -2.45 5.64
C TYR A 40 0.60 -1.23 5.89
N ALA A 41 1.16 -1.14 7.08
CA ALA A 41 2.03 -0.05 7.44
C ALA A 41 3.48 -0.53 7.53
N ALA A 42 4.31 -0.07 6.62
CA ALA A 42 5.68 -0.52 6.53
C ALA A 42 6.61 0.40 7.29
N ARG A 43 7.19 -0.10 8.38
CA ARG A 43 8.12 0.68 9.15
C ARG A 43 9.55 0.23 8.85
N PHE A 44 10.38 1.19 8.48
CA PHE A 44 11.76 0.91 8.15
C PHE A 44 12.64 1.49 9.24
N ASN A 45 13.01 0.63 10.18
CA ASN A 45 13.73 1.03 11.37
C ASN A 45 12.91 2.04 12.17
N GLU A 46 11.97 1.51 12.95
CA GLU A 46 11.08 2.32 13.81
C GLU A 46 10.03 3.09 12.99
N ARG A 47 10.50 3.93 12.08
CA ARG A 47 9.65 4.92 11.41
C ARG A 47 8.71 4.28 10.40
N LEU A 48 7.45 4.67 10.46
CA LEU A 48 6.48 4.29 9.44
C LEU A 48 6.71 5.15 8.20
N LEU A 49 7.38 4.58 7.21
CA LEU A 49 7.78 5.34 6.04
C LEU A 49 6.96 4.98 4.82
N ALA A 50 6.15 3.93 4.93
CA ALA A 50 5.32 3.50 3.83
C ALA A 50 3.98 2.99 4.33
N ALA A 51 2.92 3.34 3.62
CA ALA A 51 1.58 2.88 3.96
C ALA A 51 0.83 2.49 2.70
N VAL A 52 0.22 1.32 2.73
CA VAL A 52 -0.57 0.84 1.61
C VAL A 52 -1.82 0.12 2.11
N ARG A 53 -2.97 0.48 1.56
CA ARG A 53 -4.21 -0.17 1.94
C ARG A 53 -4.60 -1.21 0.90
N VAL A 54 -5.13 -2.34 1.34
CA VAL A 54 -5.53 -3.38 0.42
C VAL A 54 -6.94 -3.87 0.71
N THR A 55 -7.76 -3.87 -0.32
CA THR A 55 -9.10 -4.39 -0.23
C THR A 55 -9.15 -5.80 -0.80
N LEU A 56 -9.00 -6.79 0.06
CA LEU A 56 -9.01 -8.18 -0.37
C LEU A 56 -10.43 -8.68 -0.55
N SER A 57 -10.63 -9.48 -1.58
CA SER A 57 -11.91 -10.08 -1.85
C SER A 57 -11.68 -11.48 -2.42
N GLY A 58 -11.31 -12.40 -1.54
CA GLY A 58 -11.02 -13.76 -1.95
C GLY A 58 -9.76 -13.83 -2.78
N THR A 59 -9.93 -14.14 -4.06
CA THR A 59 -8.80 -14.25 -4.97
C THR A 59 -8.59 -12.95 -5.74
N GLU A 60 -9.25 -11.89 -5.29
CA GLU A 60 -9.05 -10.56 -5.85
C GLU A 60 -8.54 -9.63 -4.76
N GLY A 61 -7.59 -8.78 -5.10
CA GLY A 61 -7.06 -7.84 -4.13
C GLY A 61 -6.79 -6.50 -4.77
N ALA A 62 -7.53 -5.49 -4.33
CA ALA A 62 -7.37 -4.14 -4.86
C ALA A 62 -6.60 -3.27 -3.88
N LEU A 63 -5.46 -2.76 -4.31
CA LEU A 63 -4.63 -1.91 -3.46
C LEU A 63 -4.96 -0.44 -3.68
N ASP A 64 -5.27 0.23 -2.58
CA ASP A 64 -5.66 1.63 -2.61
C ASP A 64 -4.75 2.42 -1.67
N SER A 65 -4.35 3.60 -2.11
CA SER A 65 -3.45 4.46 -1.33
C SER A 65 -2.11 3.77 -1.09
N LEU A 66 -1.21 3.95 -2.03
CA LEU A 66 0.17 3.48 -1.89
C LEU A 66 1.08 4.68 -1.71
N ARG A 67 1.56 4.88 -0.50
CA ARG A 67 2.33 6.07 -0.19
C ARG A 67 3.62 5.73 0.55
N VAL A 68 4.73 6.10 -0.06
CA VAL A 68 6.02 6.05 0.62
C VAL A 68 6.45 7.48 0.88
N ARG A 69 7.06 7.73 2.03
CA ARG A 69 7.39 9.09 2.40
C ARG A 69 8.72 9.53 1.76
N GLU A 70 8.98 10.84 1.81
CA GLU A 70 10.13 11.46 1.15
C GLU A 70 11.44 10.74 1.42
N VAL A 71 11.61 10.28 2.66
CA VAL A 71 12.86 9.69 3.11
C VAL A 71 13.22 8.42 2.33
N THR A 72 12.21 7.72 1.84
CA THR A 72 12.43 6.39 1.30
C THR A 72 12.58 6.40 -0.22
N ARG A 73 12.89 7.55 -0.80
CA ARG A 73 13.10 7.64 -2.23
C ARG A 73 14.52 7.16 -2.57
N ARG A 74 14.67 5.85 -2.72
CA ARG A 74 15.98 5.25 -2.91
C ARG A 74 15.98 4.22 -4.03
N ARG A 75 15.63 2.98 -3.67
CA ARG A 75 15.79 1.82 -4.54
C ARG A 75 15.55 0.55 -3.72
N GLY A 76 14.36 0.02 -3.84
CA GLY A 76 14.06 -1.23 -3.19
C GLY A 76 12.78 -1.18 -2.38
N VAL A 77 12.85 -0.50 -1.23
CA VAL A 77 11.77 -0.51 -0.23
C VAL A 77 10.36 -0.47 -0.82
N GLY A 78 10.08 0.51 -1.68
CA GLY A 78 8.75 0.60 -2.29
C GLY A 78 8.35 -0.67 -3.03
N GLN A 79 9.14 -1.04 -4.03
CA GLN A 79 8.85 -2.24 -4.81
C GLN A 79 8.93 -3.49 -3.94
N TYR A 80 9.84 -3.47 -2.98
CA TYR A 80 9.99 -4.57 -2.03
C TYR A 80 8.73 -4.73 -1.20
N LEU A 81 8.11 -3.61 -0.82
CA LEU A 81 6.86 -3.63 -0.10
C LEU A 81 5.82 -4.43 -0.86
N LEU A 82 5.67 -4.11 -2.15
CA LEU A 82 4.73 -4.86 -2.99
C LEU A 82 5.15 -6.32 -3.10
N GLU A 83 6.45 -6.56 -3.32
CA GLU A 83 6.96 -7.93 -3.44
C GLU A 83 6.67 -8.74 -2.18
N GLU A 84 6.87 -8.11 -1.02
CA GLU A 84 6.66 -8.77 0.26
C GLU A 84 5.21 -9.22 0.40
N VAL A 85 4.28 -8.35 0.01
CA VAL A 85 2.86 -8.65 0.11
C VAL A 85 2.49 -9.87 -0.74
N LEU A 86 3.01 -9.92 -1.96
CA LEU A 86 2.69 -11.01 -2.89
C LEU A 86 3.40 -12.31 -2.51
N ARG A 87 4.42 -12.20 -1.65
CA ARG A 87 5.10 -13.38 -1.14
C ARG A 87 4.49 -13.82 0.18
N ASN A 88 3.98 -12.86 0.93
CA ASN A 88 3.32 -13.14 2.20
C ASN A 88 1.96 -13.78 1.99
N ASN A 89 1.15 -13.15 1.14
CA ASN A 89 -0.18 -13.66 0.84
C ASN A 89 -0.09 -14.74 -0.22
N PRO A 90 -0.99 -15.74 -0.15
CA PRO A 90 -1.01 -16.87 -1.09
C PRO A 90 -1.38 -16.46 -2.51
N GLY A 91 -1.70 -17.46 -3.33
CA GLY A 91 -2.01 -17.21 -4.72
C GLY A 91 -3.29 -16.41 -4.92
N VAL A 92 -3.17 -15.09 -4.86
CA VAL A 92 -4.26 -14.21 -5.22
C VAL A 92 -4.26 -14.03 -6.74
N SER A 93 -5.39 -14.36 -7.35
CA SER A 93 -5.49 -14.34 -8.80
C SER A 93 -5.43 -12.93 -9.35
N CYS A 94 -6.35 -12.08 -8.91
CA CYS A 94 -6.49 -10.74 -9.47
C CYS A 94 -5.90 -9.68 -8.56
N TRP A 95 -4.75 -9.14 -8.94
CA TRP A 95 -4.17 -8.02 -8.23
C TRP A 95 -4.52 -6.71 -8.93
N TRP A 96 -5.36 -5.92 -8.29
CA TRP A 96 -5.75 -4.62 -8.81
C TRP A 96 -5.02 -3.52 -8.05
N MET A 97 -4.43 -2.59 -8.76
CA MET A 97 -3.79 -1.45 -8.11
C MET A 97 -4.29 -0.15 -8.74
N ALA A 98 -4.57 0.83 -7.89
CA ALA A 98 -5.09 2.11 -8.35
C ALA A 98 -4.19 3.25 -7.92
N ASP A 99 -4.42 4.44 -8.46
CA ASP A 99 -3.62 5.62 -8.13
C ASP A 99 -4.30 6.47 -7.07
N ALA A 100 -5.41 5.96 -6.55
CA ALA A 100 -6.15 6.67 -5.51
C ALA A 100 -5.29 6.83 -4.26
N GLY A 101 -5.13 8.07 -3.82
CA GLY A 101 -4.29 8.35 -2.67
C GLY A 101 -2.92 8.83 -3.10
N VAL A 102 -2.72 8.91 -4.41
CA VAL A 102 -1.46 9.36 -4.97
C VAL A 102 -1.67 10.67 -5.72
N GLU A 103 -0.89 11.69 -5.36
CA GLU A 103 -1.00 13.01 -5.98
C GLU A 103 -0.46 13.00 -7.40
N ASP A 104 0.47 12.10 -7.68
CA ASP A 104 1.12 12.07 -8.99
C ASP A 104 0.86 10.75 -9.69
N ARG A 105 -0.05 10.77 -10.66
CA ARG A 105 -0.41 9.57 -11.40
C ARG A 105 0.71 9.18 -12.36
N GLY A 106 1.48 10.17 -12.80
CA GLY A 106 2.58 9.90 -13.70
C GLY A 106 3.66 9.06 -13.05
N VAL A 107 4.11 9.48 -11.87
CA VAL A 107 5.10 8.73 -11.11
C VAL A 107 4.57 7.34 -10.78
N MET A 108 3.29 7.27 -10.43
CA MET A 108 2.67 6.00 -10.10
C MET A 108 2.69 5.06 -11.31
N THR A 109 2.39 5.60 -12.48
CA THR A 109 2.40 4.81 -13.71
C THR A 109 3.79 4.26 -13.99
N ALA A 110 4.80 5.12 -13.91
CA ALA A 110 6.18 4.73 -14.14
C ALA A 110 6.63 3.68 -13.14
N PHE A 111 6.23 3.88 -11.88
CA PHE A 111 6.56 2.95 -10.81
C PHE A 111 5.97 1.57 -11.06
N MET A 112 4.69 1.53 -11.42
CA MET A 112 3.99 0.28 -11.64
C MET A 112 4.59 -0.50 -12.80
N GLN A 113 4.84 0.20 -13.91
CA GLN A 113 5.37 -0.44 -15.10
C GLN A 113 6.80 -0.92 -14.87
N ALA A 114 7.53 -0.20 -14.01
CA ALA A 114 8.90 -0.57 -13.69
C ALA A 114 8.93 -1.78 -12.75
N LEU A 115 7.87 -1.94 -11.97
CA LEU A 115 7.77 -3.06 -11.04
C LEU A 115 7.27 -4.30 -11.77
N GLY A 116 6.17 -4.14 -12.50
CA GLY A 116 5.63 -5.24 -13.27
C GLY A 116 4.11 -5.28 -13.25
N PHE A 117 3.50 -4.12 -13.45
CA PHE A 117 2.04 -4.02 -13.49
C PHE A 117 1.58 -3.42 -14.81
N THR A 118 0.57 -4.03 -15.41
CA THR A 118 0.00 -3.53 -16.65
C THR A 118 -1.19 -2.62 -16.33
N THR A 119 -1.37 -1.57 -17.14
CA THR A 119 -2.46 -0.64 -16.90
C THR A 119 -3.65 -0.99 -17.80
N GLN A 120 -4.76 -1.35 -17.16
CA GLN A 120 -5.93 -1.83 -17.86
C GLN A 120 -7.20 -1.29 -17.20
N GLN A 121 -8.16 -0.91 -18.03
CA GLN A 121 -9.43 -0.36 -17.57
C GLN A 121 -9.23 0.85 -16.66
N GLY A 122 -8.17 1.59 -16.90
CA GLY A 122 -7.88 2.78 -16.10
C GLY A 122 -6.76 2.56 -15.11
N GLY A 123 -6.94 1.57 -14.25
CA GLY A 123 -5.95 1.30 -13.22
C GLY A 123 -4.91 0.30 -13.69
N TRP A 124 -4.40 -0.50 -12.77
CA TRP A 124 -3.41 -1.51 -13.09
C TRP A 124 -3.93 -2.88 -12.70
N GLU A 125 -3.96 -3.80 -13.65
CA GLU A 125 -4.46 -5.14 -13.41
C GLU A 125 -3.38 -6.17 -13.69
N LYS A 126 -3.06 -6.96 -12.66
CA LYS A 126 -2.16 -8.08 -12.83
C LYS A 126 -2.82 -9.35 -12.31
N CYS A 127 -3.41 -10.10 -13.21
CA CYS A 127 -4.10 -11.33 -12.84
C CYS A 127 -3.26 -12.54 -13.22
N GLY A 128 -2.97 -13.37 -12.23
CA GLY A 128 -2.18 -14.56 -12.47
C GLY A 128 -2.94 -15.84 -12.15
N MET A 1 19.54 -3.38 5.37
CA MET A 1 18.34 -2.64 5.80
C MET A 1 17.13 -3.56 5.80
N LYS A 2 16.69 -3.94 6.99
CA LYS A 2 15.56 -4.85 7.14
C LYS A 2 14.25 -4.07 7.23
N LEU A 3 13.35 -4.34 6.31
CA LEU A 3 12.06 -3.66 6.30
C LEU A 3 11.05 -4.43 7.14
N THR A 4 10.57 -3.81 8.21
CA THR A 4 9.61 -4.45 9.08
C THR A 4 8.19 -4.16 8.62
N ILE A 5 7.63 -5.05 7.81
CA ILE A 5 6.25 -4.90 7.36
C ILE A 5 5.30 -5.55 8.36
N ILE A 6 4.35 -4.77 8.84
CA ILE A 6 3.42 -5.23 9.85
C ILE A 6 1.99 -5.07 9.35
N ARG A 7 1.08 -5.88 9.90
CA ARG A 7 -0.33 -5.78 9.59
C ARG A 7 -1.01 -4.82 10.56
N LEU A 8 -1.72 -3.84 10.00
CA LEU A 8 -2.42 -2.88 10.81
C LEU A 8 -3.75 -3.47 11.29
N GLU A 9 -3.75 -3.93 12.53
CA GLU A 9 -4.90 -4.61 13.10
C GLU A 9 -5.71 -3.70 14.01
N LYS A 10 -5.10 -2.61 14.45
CA LYS A 10 -5.74 -1.72 15.40
C LYS A 10 -5.24 -0.29 15.24
N PHE A 11 -6.06 0.66 15.68
CA PHE A 11 -5.75 2.08 15.55
C PHE A 11 -5.66 2.74 16.91
N SER A 12 -4.46 3.11 17.32
CA SER A 12 -4.30 3.97 18.47
C SER A 12 -4.30 5.41 17.99
N ASP A 13 -4.60 6.35 18.88
CA ASP A 13 -4.59 7.76 18.50
C ASP A 13 -3.21 8.16 17.99
N GLN A 14 -2.19 7.61 18.62
CA GLN A 14 -0.80 7.88 18.23
C GLN A 14 -0.54 7.41 16.80
N ASP A 15 -0.82 6.14 16.54
CA ASP A 15 -0.60 5.56 15.22
C ASP A 15 -1.46 6.25 14.18
N ARG A 16 -2.68 6.60 14.57
CA ARG A 16 -3.65 7.20 13.66
C ARG A 16 -3.16 8.56 13.17
N ILE A 17 -2.49 9.29 14.06
CA ILE A 17 -1.92 10.59 13.69
C ILE A 17 -0.78 10.40 12.69
N ASP A 18 0.09 9.43 12.95
CA ASP A 18 1.22 9.19 12.05
C ASP A 18 0.73 8.70 10.69
N LEU A 19 -0.35 7.93 10.69
CA LEU A 19 -0.96 7.45 9.45
C LEU A 19 -1.48 8.63 8.62
N GLN A 20 -2.11 9.60 9.29
CA GLN A 20 -2.58 10.80 8.61
C GLN A 20 -1.39 11.65 8.17
N LYS A 21 -0.26 11.42 8.81
CA LYS A 21 0.98 12.12 8.50
C LYS A 21 1.71 11.42 7.36
N ILE A 22 1.27 10.20 7.04
CA ILE A 22 1.75 9.48 5.87
C ILE A 22 0.94 9.92 4.65
N TRP A 23 -0.33 10.23 4.88
CA TRP A 23 -1.19 10.77 3.83
C TRP A 23 -1.63 12.20 4.17
N PRO A 24 -0.72 13.18 4.09
CA PRO A 24 -1.04 14.57 4.41
C PRO A 24 -2.02 15.18 3.40
N GLU A 25 -1.75 14.95 2.13
CA GLU A 25 -2.60 15.44 1.06
C GLU A 25 -3.45 14.29 0.54
N TYR A 26 -4.39 13.88 1.36
CA TYR A 26 -5.31 12.80 1.04
C TYR A 26 -6.58 12.99 1.85
N SER A 27 -7.73 12.78 1.22
CA SER A 27 -9.00 12.90 1.91
C SER A 27 -9.17 11.76 2.93
N PRO A 28 -9.09 12.09 4.23
CA PRO A 28 -9.08 11.10 5.30
C PRO A 28 -10.29 10.18 5.28
N SER A 29 -10.04 8.88 5.23
CA SER A 29 -11.10 7.89 5.30
C SER A 29 -11.41 7.59 6.77
N SER A 30 -12.31 6.66 7.02
CA SER A 30 -12.71 6.33 8.37
C SER A 30 -11.56 5.62 9.10
N LEU A 31 -10.80 4.84 8.35
CA LEU A 31 -9.67 4.08 8.87
C LEU A 31 -10.15 3.01 9.85
N GLN A 32 -10.53 1.87 9.32
CA GLN A 32 -10.97 0.75 10.12
C GLN A 32 -10.40 -0.55 9.59
N VAL A 33 -10.13 -1.49 10.48
CA VAL A 33 -9.51 -2.76 10.11
C VAL A 33 -10.57 -3.82 9.85
N ASP A 34 -10.48 -4.43 8.67
CA ASP A 34 -11.38 -5.49 8.28
C ASP A 34 -10.58 -6.59 7.57
N ASP A 35 -11.13 -7.79 7.55
CA ASP A 35 -10.48 -8.91 6.86
C ASP A 35 -10.36 -8.63 5.36
N ASN A 36 -11.38 -7.98 4.81
CA ASN A 36 -11.36 -7.60 3.40
C ASN A 36 -10.65 -6.25 3.24
N HIS A 37 -11.03 -5.29 4.08
CA HIS A 37 -10.36 -3.99 4.10
C HIS A 37 -9.17 -4.04 5.04
N ARG A 38 -8.04 -4.51 4.53
CA ARG A 38 -6.88 -4.73 5.35
C ARG A 38 -5.79 -3.71 5.03
N ILE A 39 -5.01 -3.33 6.03
CA ILE A 39 -3.95 -2.36 5.82
C ILE A 39 -2.62 -2.92 6.32
N TYR A 40 -1.56 -2.67 5.56
CA TYR A 40 -0.22 -3.07 5.95
C TYR A 40 0.65 -1.83 6.11
N ALA A 41 1.67 -1.92 6.96
CA ALA A 41 2.49 -0.77 7.27
C ALA A 41 3.96 -1.14 7.29
N ALA A 42 4.75 -0.40 6.52
CA ALA A 42 6.18 -0.64 6.45
C ALA A 42 6.90 0.22 7.47
N ARG A 43 7.33 -0.41 8.54
CA ARG A 43 7.98 0.29 9.63
C ARG A 43 9.50 0.24 9.47
N PHE A 44 10.08 1.38 9.17
CA PHE A 44 11.53 1.49 8.98
C PHE A 44 12.09 2.47 10.00
N ASN A 45 13.20 2.10 10.63
CA ASN A 45 13.79 2.90 11.70
C ASN A 45 12.79 3.01 12.86
N GLU A 46 11.98 1.96 13.00
CA GLU A 46 10.94 1.86 14.02
C GLU A 46 9.84 2.90 13.81
N ARG A 47 9.76 3.46 12.62
CA ARG A 47 8.72 4.42 12.29
C ARG A 47 7.98 3.99 11.03
N LEU A 48 6.67 4.15 11.03
CA LEU A 48 5.85 3.81 9.86
C LEU A 48 6.24 4.72 8.71
N LEU A 49 6.94 4.17 7.73
CA LEU A 49 7.50 4.97 6.67
C LEU A 49 6.71 4.80 5.38
N ALA A 50 5.97 3.70 5.29
CA ALA A 50 5.14 3.43 4.12
C ALA A 50 3.82 2.80 4.54
N ALA A 51 2.72 3.28 3.97
CA ALA A 51 1.42 2.76 4.28
C ALA A 51 0.70 2.31 3.01
N VAL A 52 0.13 1.11 3.07
CA VAL A 52 -0.56 0.54 1.92
C VAL A 52 -1.81 -0.23 2.37
N ARG A 53 -2.93 0.03 1.71
CA ARG A 53 -4.15 -0.70 2.01
C ARG A 53 -4.40 -1.76 0.94
N VAL A 54 -5.13 -2.80 1.30
CA VAL A 54 -5.49 -3.84 0.36
C VAL A 54 -6.91 -4.33 0.63
N THR A 55 -7.73 -4.31 -0.41
CA THR A 55 -9.08 -4.83 -0.31
C THR A 55 -9.14 -6.21 -0.97
N LEU A 56 -9.28 -7.23 -0.14
CA LEU A 56 -9.41 -8.59 -0.63
C LEU A 56 -10.85 -8.88 -0.99
N SER A 57 -11.16 -8.72 -2.27
CA SER A 57 -12.50 -8.96 -2.77
C SER A 57 -12.64 -10.44 -3.13
N GLY A 58 -13.14 -11.21 -2.17
CA GLY A 58 -13.28 -12.65 -2.37
C GLY A 58 -11.94 -13.35 -2.34
N THR A 59 -11.43 -13.71 -3.50
CA THR A 59 -10.13 -14.36 -3.61
C THR A 59 -9.21 -13.51 -4.48
N GLU A 60 -9.63 -12.28 -4.73
CA GLU A 60 -8.85 -11.34 -5.53
C GLU A 60 -8.37 -10.19 -4.66
N GLY A 61 -7.31 -9.52 -5.08
CA GLY A 61 -6.73 -8.49 -4.26
C GLY A 61 -6.63 -7.16 -4.97
N ALA A 62 -7.25 -6.15 -4.41
CA ALA A 62 -7.14 -4.80 -4.93
C ALA A 62 -6.30 -3.97 -3.97
N LEU A 63 -5.33 -3.25 -4.49
CA LEU A 63 -4.48 -2.41 -3.65
C LEU A 63 -5.01 -0.99 -3.63
N ASP A 64 -5.36 -0.54 -2.43
CA ASP A 64 -5.88 0.79 -2.21
C ASP A 64 -4.72 1.80 -2.18
N SER A 65 -4.96 2.96 -1.55
CA SER A 65 -3.96 4.00 -1.41
C SER A 65 -2.62 3.44 -0.94
N LEU A 66 -1.60 3.60 -1.78
CA LEU A 66 -0.25 3.22 -1.46
C LEU A 66 0.64 4.46 -1.45
N ARG A 67 1.21 4.79 -0.31
CA ARG A 67 2.11 5.92 -0.23
C ARG A 67 3.25 5.67 0.73
N VAL A 68 4.47 5.79 0.21
CA VAL A 68 5.65 5.80 1.04
C VAL A 68 6.01 7.25 1.34
N ARG A 69 6.38 7.54 2.58
CA ARG A 69 6.76 8.88 2.98
C ARG A 69 7.91 9.36 2.08
N GLU A 70 7.81 10.61 1.64
CA GLU A 70 8.65 11.16 0.56
C GLU A 70 10.15 11.05 0.83
N VAL A 71 10.52 10.80 2.09
CA VAL A 71 11.91 10.64 2.45
C VAL A 71 12.53 9.38 1.82
N THR A 72 11.66 8.49 1.34
CA THR A 72 12.10 7.26 0.69
C THR A 72 11.85 7.31 -0.80
N ARG A 73 12.60 8.17 -1.48
CA ARG A 73 12.41 8.39 -2.91
C ARG A 73 13.35 7.49 -3.71
N ARG A 74 12.77 6.42 -4.27
CA ARG A 74 13.50 5.48 -5.12
C ARG A 74 14.64 4.80 -4.37
N ARG A 75 14.33 3.79 -3.57
CA ARG A 75 15.37 3.09 -2.82
C ARG A 75 15.07 1.59 -2.75
N GLY A 76 14.17 1.12 -3.62
CA GLY A 76 13.89 -0.30 -3.71
C GLY A 76 12.88 -0.78 -2.67
N VAL A 77 12.70 0.00 -1.61
CA VAL A 77 11.82 -0.36 -0.50
C VAL A 77 10.41 -0.75 -0.97
N GLY A 78 9.86 0.06 -1.87
CA GLY A 78 8.50 -0.19 -2.37
C GLY A 78 8.39 -1.51 -3.11
N GLN A 79 9.48 -1.95 -3.73
CA GLN A 79 9.49 -3.20 -4.49
C GLN A 79 9.35 -4.39 -3.55
N TYR A 80 10.24 -4.48 -2.57
CA TYR A 80 10.18 -5.55 -1.57
C TYR A 80 8.83 -5.54 -0.89
N LEU A 81 8.37 -4.34 -0.52
CA LEU A 81 7.10 -4.18 0.18
C LEU A 81 5.96 -4.87 -0.56
N LEU A 82 5.75 -4.46 -1.81
CA LEU A 82 4.65 -4.98 -2.60
C LEU A 82 4.83 -6.47 -2.89
N GLU A 83 6.05 -6.88 -3.18
CA GLU A 83 6.32 -8.30 -3.40
C GLU A 83 5.95 -9.10 -2.16
N GLU A 84 6.31 -8.58 -0.99
CA GLU A 84 6.02 -9.25 0.26
C GLU A 84 4.50 -9.35 0.49
N VAL A 85 3.77 -8.32 0.07
CA VAL A 85 2.31 -8.31 0.18
C VAL A 85 1.70 -9.42 -0.69
N LEU A 86 2.15 -9.49 -1.94
CA LEU A 86 1.68 -10.51 -2.87
C LEU A 86 2.12 -11.90 -2.43
N ARG A 87 3.24 -11.95 -1.72
CA ARG A 87 3.78 -13.21 -1.19
C ARG A 87 3.00 -13.65 0.05
N ASN A 88 2.56 -12.69 0.84
CA ASN A 88 1.87 -12.98 2.09
C ASN A 88 0.50 -13.59 1.84
N ASN A 89 -0.23 -13.02 0.89
CA ASN A 89 -1.55 -13.53 0.52
C ASN A 89 -1.41 -14.80 -0.32
N PRO A 90 -1.83 -15.94 0.23
CA PRO A 90 -1.62 -17.25 -0.37
C PRO A 90 -2.70 -17.66 -1.36
N GLY A 91 -3.41 -16.70 -1.91
CA GLY A 91 -4.48 -17.01 -2.84
C GLY A 91 -5.08 -15.79 -3.50
N VAL A 92 -4.35 -15.23 -4.46
CA VAL A 92 -4.87 -14.12 -5.27
C VAL A 92 -4.39 -14.30 -6.71
N SER A 93 -5.33 -14.23 -7.66
CA SER A 93 -4.99 -14.45 -9.05
C SER A 93 -4.81 -13.14 -9.83
N CYS A 94 -5.56 -12.12 -9.46
CA CYS A 94 -5.45 -10.83 -10.12
C CYS A 94 -5.31 -9.71 -9.10
N TRP A 95 -4.42 -8.77 -9.38
CA TRP A 95 -4.19 -7.63 -8.52
C TRP A 95 -4.56 -6.35 -9.25
N TRP A 96 -5.48 -5.59 -8.66
CA TRP A 96 -5.89 -4.31 -9.22
C TRP A 96 -5.48 -3.20 -8.28
N MET A 97 -4.68 -2.26 -8.75
CA MET A 97 -4.23 -1.17 -7.91
C MET A 97 -4.93 0.13 -8.31
N ALA A 98 -5.47 0.82 -7.32
CA ALA A 98 -6.17 2.07 -7.57
C ALA A 98 -5.30 3.26 -7.21
N ASP A 99 -5.43 4.34 -7.97
CA ASP A 99 -4.65 5.55 -7.73
C ASP A 99 -5.10 6.21 -6.43
N ALA A 100 -6.41 6.12 -6.17
CA ALA A 100 -6.99 6.59 -4.91
C ALA A 100 -6.82 8.10 -4.72
N GLY A 101 -6.57 8.82 -5.81
CA GLY A 101 -6.47 10.26 -5.71
C GLY A 101 -5.06 10.78 -5.89
N VAL A 102 -4.15 9.92 -6.36
CA VAL A 102 -2.80 10.35 -6.65
C VAL A 102 -2.73 10.93 -8.05
N GLU A 103 -2.35 12.20 -8.15
CA GLU A 103 -2.22 12.83 -9.45
C GLU A 103 -0.78 12.71 -9.95
N ASP A 104 0.07 12.16 -9.07
CA ASP A 104 1.42 11.77 -9.44
C ASP A 104 1.39 10.35 -10.00
N ARG A 105 0.20 9.90 -10.36
CA ARG A 105 -0.02 8.54 -10.83
C ARG A 105 0.84 8.20 -12.04
N GLY A 106 1.13 9.18 -12.87
CA GLY A 106 1.98 8.94 -14.04
C GLY A 106 3.39 8.57 -13.64
N VAL A 107 3.96 9.35 -12.72
CA VAL A 107 5.29 9.09 -12.18
C VAL A 107 5.28 7.74 -11.48
N MET A 108 4.22 7.52 -10.72
CA MET A 108 4.03 6.29 -9.98
C MET A 108 3.95 5.11 -10.94
N THR A 109 3.30 5.32 -12.08
CA THR A 109 3.18 4.27 -13.10
C THR A 109 4.55 3.85 -13.61
N ALA A 110 5.47 4.80 -13.74
CA ALA A 110 6.84 4.47 -14.12
C ALA A 110 7.42 3.47 -13.13
N PHE A 111 7.21 3.75 -11.85
CA PHE A 111 7.59 2.82 -10.77
C PHE A 111 6.81 1.51 -10.88
N MET A 112 5.51 1.61 -11.11
CA MET A 112 4.65 0.44 -11.18
C MET A 112 5.08 -0.50 -12.31
N GLN A 113 5.38 0.09 -13.47
CA GLN A 113 5.84 -0.69 -14.62
C GLN A 113 7.16 -1.39 -14.32
N ALA A 114 8.00 -0.73 -13.53
CA ALA A 114 9.28 -1.30 -13.14
C ALA A 114 9.09 -2.56 -12.31
N LEU A 115 8.02 -2.59 -11.52
CA LEU A 115 7.71 -3.76 -10.71
C LEU A 115 6.92 -4.78 -11.54
N GLY A 116 5.96 -4.30 -12.31
CA GLY A 116 5.19 -5.16 -13.17
C GLY A 116 3.69 -4.88 -13.14
N PHE A 117 3.34 -3.61 -12.96
CA PHE A 117 1.94 -3.20 -12.96
C PHE A 117 1.68 -2.22 -14.09
N THR A 118 0.83 -2.61 -15.03
CA THR A 118 0.48 -1.76 -16.16
C THR A 118 -0.88 -1.12 -15.97
N THR A 119 -0.99 0.17 -16.26
CA THR A 119 -2.26 0.87 -16.09
C THR A 119 -3.02 0.95 -17.41
N GLN A 120 -4.31 0.66 -17.35
CA GLN A 120 -5.16 0.72 -18.53
C GLN A 120 -6.51 1.32 -18.17
N GLN A 121 -7.32 0.53 -17.46
CA GLN A 121 -8.67 0.94 -17.11
C GLN A 121 -8.68 1.77 -15.82
N GLY A 122 -8.00 2.92 -15.85
CA GLY A 122 -8.02 3.83 -14.72
C GLY A 122 -7.03 3.43 -13.63
N GLY A 123 -6.88 2.13 -13.41
CA GLY A 123 -5.97 1.65 -12.39
C GLY A 123 -4.87 0.79 -12.97
N TRP A 124 -4.08 0.18 -12.10
CA TRP A 124 -3.00 -0.69 -12.52
C TRP A 124 -3.43 -2.14 -12.44
N GLU A 125 -3.28 -2.86 -13.54
CA GLU A 125 -3.75 -4.23 -13.64
C GLU A 125 -2.58 -5.20 -13.74
N LYS A 126 -2.52 -6.14 -12.81
CA LYS A 126 -1.52 -7.19 -12.85
C LYS A 126 -2.14 -8.54 -12.50
N CYS A 127 -1.61 -9.61 -13.07
CA CYS A 127 -2.04 -10.95 -12.72
C CYS A 127 -0.91 -11.66 -11.98
N GLY A 128 -1.28 -12.59 -11.09
CA GLY A 128 -0.27 -13.33 -10.35
C GLY A 128 0.18 -12.60 -9.09
N MET A 1 18.39 -4.88 3.82
CA MET A 1 17.65 -5.11 5.08
C MET A 1 16.17 -5.34 4.78
N LYS A 2 15.58 -6.32 5.44
CA LYS A 2 14.18 -6.64 5.21
C LYS A 2 13.28 -5.60 5.84
N LEU A 3 12.24 -5.21 5.12
CA LEU A 3 11.25 -4.29 5.64
C LEU A 3 10.35 -5.03 6.61
N THR A 4 10.35 -4.60 7.87
CA THR A 4 9.58 -5.26 8.91
C THR A 4 8.19 -4.66 9.01
N ILE A 5 7.24 -5.25 8.30
CA ILE A 5 5.91 -4.68 8.25
C ILE A 5 4.93 -5.51 9.06
N ILE A 6 3.91 -4.86 9.59
CA ILE A 6 2.90 -5.53 10.38
C ILE A 6 1.52 -5.12 9.88
N ARG A 7 0.54 -6.00 10.08
CA ARG A 7 -0.83 -5.68 9.71
C ARG A 7 -1.48 -4.88 10.82
N LEU A 8 -2.28 -3.89 10.43
CA LEU A 8 -2.91 -2.99 11.38
C LEU A 8 -4.20 -3.60 11.90
N GLU A 9 -4.07 -4.45 12.91
CA GLU A 9 -5.20 -5.14 13.50
C GLU A 9 -6.00 -4.20 14.41
N LYS A 10 -5.27 -3.51 15.28
CA LYS A 10 -5.88 -2.63 16.26
C LYS A 10 -5.39 -1.21 16.08
N PHE A 11 -6.16 -0.24 16.56
CA PHE A 11 -5.85 1.16 16.34
C PHE A 11 -5.61 1.87 17.67
N SER A 12 -4.36 2.13 17.98
CA SER A 12 -4.02 2.87 19.17
C SER A 12 -3.99 4.36 18.86
N ASP A 13 -4.16 5.18 19.89
CA ASP A 13 -4.17 6.64 19.73
C ASP A 13 -2.86 7.13 19.10
N GLN A 14 -1.74 6.73 19.68
CA GLN A 14 -0.43 7.17 19.18
C GLN A 14 -0.20 6.67 17.76
N ASP A 15 -0.71 5.47 17.47
CA ASP A 15 -0.59 4.91 16.13
C ASP A 15 -1.35 5.77 15.13
N ARG A 16 -2.57 6.18 15.50
CA ARG A 16 -3.40 7.00 14.61
C ARG A 16 -2.72 8.34 14.33
N ILE A 17 -2.02 8.86 15.32
CA ILE A 17 -1.31 10.13 15.17
C ILE A 17 -0.23 10.02 14.10
N ASP A 18 0.56 8.95 14.16
CA ASP A 18 1.63 8.75 13.20
C ASP A 18 1.06 8.38 11.84
N LEU A 19 -0.08 7.71 11.84
CA LEU A 19 -0.80 7.41 10.62
C LEU A 19 -1.27 8.70 9.94
N GLN A 20 -1.63 9.69 10.75
CA GLN A 20 -2.07 10.98 10.23
C GLN A 20 -0.88 11.80 9.75
N LYS A 21 0.31 11.44 10.21
CA LYS A 21 1.53 12.02 9.65
C LYS A 21 1.69 11.51 8.22
N ILE A 22 1.32 10.26 8.01
CA ILE A 22 1.35 9.65 6.69
C ILE A 22 0.19 10.18 5.84
N TRP A 23 -1.02 10.06 6.36
CA TRP A 23 -2.20 10.63 5.71
C TRP A 23 -2.59 11.92 6.42
N PRO A 24 -2.17 13.08 5.88
CA PRO A 24 -2.47 14.38 6.50
C PRO A 24 -3.96 14.61 6.67
N GLU A 25 -4.73 14.07 5.74
CA GLU A 25 -6.17 14.19 5.75
C GLU A 25 -6.81 12.91 5.24
N TYR A 26 -7.10 12.01 6.15
CA TYR A 26 -7.78 10.77 5.83
C TYR A 26 -9.24 10.85 6.24
N SER A 27 -10.05 9.91 5.77
CA SER A 27 -11.45 9.85 6.16
C SER A 27 -11.58 9.19 7.53
N PRO A 28 -12.30 9.85 8.46
CA PRO A 28 -12.45 9.36 9.83
C PRO A 28 -13.08 7.97 9.91
N SER A 29 -12.41 7.09 10.64
CA SER A 29 -12.89 5.73 10.90
C SER A 29 -12.86 4.85 9.65
N SER A 30 -12.39 5.38 8.53
CA SER A 30 -12.26 4.59 7.32
C SER A 30 -11.00 3.73 7.39
N LEU A 31 -10.19 3.97 8.40
CA LEU A 31 -9.00 3.18 8.65
C LEU A 31 -9.37 1.79 9.14
N GLN A 32 -10.57 1.67 9.68
CA GLN A 32 -11.03 0.42 10.29
C GLN A 32 -10.94 -0.76 9.32
N VAL A 33 -10.30 -1.82 9.78
CA VAL A 33 -10.06 -2.99 8.97
C VAL A 33 -11.01 -4.12 9.31
N ASP A 34 -11.04 -5.12 8.46
CA ASP A 34 -11.83 -6.32 8.66
C ASP A 34 -11.20 -7.45 7.86
N ASP A 35 -11.96 -8.49 7.53
CA ASP A 35 -11.41 -9.58 6.74
C ASP A 35 -11.22 -9.16 5.29
N ASN A 36 -12.05 -8.23 4.83
CA ASN A 36 -11.96 -7.74 3.46
C ASN A 36 -10.94 -6.61 3.36
N HIS A 37 -11.09 -5.60 4.19
CA HIS A 37 -10.19 -4.46 4.18
C HIS A 37 -9.06 -4.68 5.18
N ARG A 38 -7.85 -4.85 4.68
CA ARG A 38 -6.71 -5.05 5.55
C ARG A 38 -5.60 -4.05 5.22
N ILE A 39 -5.25 -3.24 6.20
CA ILE A 39 -4.21 -2.24 6.03
C ILE A 39 -2.90 -2.75 6.59
N TYR A 40 -1.84 -2.57 5.83
CA TYR A 40 -0.52 -3.02 6.25
C TYR A 40 0.39 -1.82 6.49
N ALA A 41 1.07 -1.84 7.62
CA ALA A 41 1.95 -0.75 7.99
C ALA A 41 3.40 -1.19 7.87
N ALA A 42 4.16 -0.46 7.08
CA ALA A 42 5.54 -0.81 6.81
C ALA A 42 6.46 -0.14 7.80
N ARG A 43 7.11 -0.93 8.62
CA ARG A 43 7.99 -0.41 9.66
C ARG A 43 9.45 -0.65 9.32
N PHE A 44 10.24 0.40 9.34
CA PHE A 44 11.65 0.29 9.07
C PHE A 44 12.43 0.26 10.38
N ASN A 45 12.49 -0.93 10.98
CA ASN A 45 13.18 -1.16 12.24
C ASN A 45 12.46 -0.49 13.41
N GLU A 46 12.46 0.83 13.46
CA GLU A 46 11.90 1.57 14.57
C GLU A 46 10.51 2.12 14.27
N ARG A 47 10.41 2.94 13.23
CA ARG A 47 9.17 3.67 12.96
C ARG A 47 8.53 3.19 11.67
N LEU A 48 7.31 3.68 11.42
CA LEU A 48 6.60 3.37 10.19
C LEU A 48 7.21 4.18 9.06
N LEU A 49 7.46 3.53 7.94
CA LEU A 49 8.05 4.20 6.78
C LEU A 49 7.04 4.31 5.65
N ALA A 50 6.05 3.42 5.67
CA ALA A 50 5.05 3.37 4.60
C ALA A 50 3.73 2.83 5.12
N ALA A 51 2.66 3.14 4.41
CA ALA A 51 1.34 2.64 4.75
C ALA A 51 0.54 2.36 3.48
N VAL A 52 -0.10 1.19 3.43
CA VAL A 52 -0.83 0.79 2.24
C VAL A 52 -2.14 0.10 2.63
N ARG A 53 -3.21 0.42 1.92
CA ARG A 53 -4.51 -0.20 2.17
C ARG A 53 -4.89 -1.12 1.02
N VAL A 54 -5.28 -2.35 1.36
CA VAL A 54 -5.69 -3.30 0.33
C VAL A 54 -6.99 -4.01 0.73
N THR A 55 -7.87 -4.19 -0.24
CA THR A 55 -9.13 -4.87 -0.02
C THR A 55 -9.12 -6.22 -0.75
N LEU A 56 -9.16 -7.29 0.02
CA LEU A 56 -9.15 -8.63 -0.54
C LEU A 56 -10.57 -9.07 -0.88
N SER A 57 -10.97 -8.83 -2.12
CA SER A 57 -12.33 -9.13 -2.55
C SER A 57 -12.33 -10.28 -3.55
N GLY A 58 -12.53 -11.49 -3.04
CA GLY A 58 -12.59 -12.67 -3.89
C GLY A 58 -11.26 -12.95 -4.55
N THR A 59 -11.19 -12.71 -5.85
CA THR A 59 -9.96 -12.93 -6.60
C THR A 59 -9.13 -11.66 -6.68
N GLU A 60 -9.76 -10.54 -6.37
CA GLU A 60 -9.13 -9.23 -6.55
C GLU A 60 -8.56 -8.70 -5.26
N GLY A 61 -7.26 -8.43 -5.28
CA GLY A 61 -6.65 -7.66 -4.23
C GLY A 61 -6.60 -6.21 -4.63
N ALA A 62 -7.57 -5.44 -4.15
CA ALA A 62 -7.72 -4.07 -4.59
C ALA A 62 -6.97 -3.12 -3.67
N LEU A 63 -5.87 -2.61 -4.18
CA LEU A 63 -4.99 -1.76 -3.41
C LEU A 63 -5.36 -0.30 -3.61
N ASP A 64 -5.73 0.36 -2.52
CA ASP A 64 -6.15 1.75 -2.55
C ASP A 64 -5.35 2.57 -1.56
N SER A 65 -4.76 3.65 -2.06
CA SER A 65 -3.95 4.57 -1.24
C SER A 65 -2.63 3.92 -0.84
N LEU A 66 -1.56 4.42 -1.45
CA LEU A 66 -0.21 3.97 -1.18
C LEU A 66 0.68 5.16 -0.88
N ARG A 67 1.10 5.30 0.36
CA ARG A 67 1.92 6.42 0.76
C ARG A 67 3.21 5.95 1.43
N VAL A 68 4.33 6.47 0.95
CA VAL A 68 5.62 6.25 1.57
C VAL A 68 6.21 7.62 1.92
N ARG A 69 7.08 7.68 2.92
CA ARG A 69 7.62 8.96 3.37
C ARG A 69 8.49 9.60 2.29
N GLU A 70 8.67 10.92 2.39
CA GLU A 70 9.29 11.74 1.36
C GLU A 70 10.62 11.17 0.87
N VAL A 71 11.41 10.63 1.80
CA VAL A 71 12.76 10.19 1.51
C VAL A 71 12.82 8.84 0.78
N THR A 72 11.72 8.44 0.15
CA THR A 72 11.67 7.17 -0.57
C THR A 72 11.45 7.40 -2.06
N ARG A 73 11.56 8.65 -2.48
CA ARG A 73 11.34 9.03 -3.87
C ARG A 73 12.30 8.28 -4.81
N ARG A 74 11.75 7.31 -5.54
CA ARG A 74 12.52 6.50 -6.49
C ARG A 74 13.72 5.83 -5.79
N ARG A 75 13.49 5.34 -4.58
CA ARG A 75 14.58 4.80 -3.77
C ARG A 75 14.46 3.27 -3.60
N GLY A 76 13.51 2.68 -4.30
CA GLY A 76 13.40 1.22 -4.31
C GLY A 76 12.54 0.66 -3.20
N VAL A 77 12.40 1.42 -2.11
CA VAL A 77 11.63 1.00 -0.95
C VAL A 77 10.20 0.59 -1.33
N GLY A 78 9.59 1.38 -2.21
CA GLY A 78 8.23 1.11 -2.65
C GLY A 78 8.06 -0.26 -3.26
N GLN A 79 9.05 -0.71 -4.03
CA GLN A 79 9.01 -2.01 -4.68
C GLN A 79 8.87 -3.13 -3.65
N TYR A 80 9.73 -3.10 -2.63
CA TYR A 80 9.79 -4.18 -1.66
C TYR A 80 8.51 -4.23 -0.83
N LEU A 81 7.93 -3.07 -0.56
CA LEU A 81 6.66 -3.00 0.15
C LEU A 81 5.59 -3.81 -0.59
N LEU A 82 5.48 -3.57 -1.89
CA LEU A 82 4.53 -4.30 -2.72
C LEU A 82 4.83 -5.78 -2.72
N GLU A 83 6.11 -6.12 -2.81
CA GLU A 83 6.53 -7.53 -2.78
C GLU A 83 6.08 -8.21 -1.50
N GLU A 84 6.29 -7.55 -0.36
CA GLU A 84 5.87 -8.10 0.93
C GLU A 84 4.35 -8.33 0.96
N VAL A 85 3.60 -7.37 0.44
CA VAL A 85 2.15 -7.48 0.38
C VAL A 85 1.72 -8.70 -0.43
N LEU A 86 2.24 -8.80 -1.65
CA LEU A 86 1.88 -9.89 -2.56
C LEU A 86 2.35 -11.23 -2.02
N ARG A 87 3.47 -11.22 -1.30
CA ARG A 87 4.04 -12.44 -0.74
C ARG A 87 3.28 -12.92 0.50
N ASN A 88 2.87 -11.98 1.35
CA ASN A 88 2.24 -12.31 2.62
C ASN A 88 0.82 -12.85 2.43
N ASN A 89 0.08 -12.28 1.51
CA ASN A 89 -1.31 -12.69 1.29
C ASN A 89 -1.37 -14.03 0.57
N PRO A 90 -2.19 -14.97 1.09
CA PRO A 90 -2.21 -16.36 0.64
C PRO A 90 -2.72 -16.57 -0.79
N GLY A 91 -4.00 -16.34 -1.01
CA GLY A 91 -4.60 -16.72 -2.27
C GLY A 91 -5.18 -15.55 -3.04
N VAL A 92 -4.34 -14.61 -3.40
CA VAL A 92 -4.76 -13.48 -4.22
C VAL A 92 -4.07 -13.54 -5.58
N SER A 93 -4.80 -13.95 -6.61
CA SER A 93 -4.23 -14.12 -7.93
C SER A 93 -4.17 -12.80 -8.68
N CYS A 94 -5.18 -11.95 -8.52
CA CYS A 94 -5.24 -10.69 -9.23
C CYS A 94 -5.00 -9.52 -8.28
N TRP A 95 -3.85 -8.90 -8.40
CA TRP A 95 -3.53 -7.71 -7.62
C TRP A 95 -3.80 -6.47 -8.44
N TRP A 96 -4.76 -5.68 -7.99
CA TRP A 96 -5.19 -4.50 -8.71
C TRP A 96 -4.87 -3.26 -7.92
N MET A 97 -4.16 -2.33 -8.52
CA MET A 97 -3.86 -1.07 -7.88
C MET A 97 -4.70 0.04 -8.50
N ALA A 98 -5.47 0.71 -7.67
CA ALA A 98 -6.46 1.67 -8.14
C ALA A 98 -5.87 3.07 -8.25
N ASP A 99 -6.66 3.99 -8.79
CA ASP A 99 -6.24 5.37 -8.99
C ASP A 99 -5.84 6.02 -7.68
N ALA A 100 -6.67 5.82 -6.65
CA ALA A 100 -6.42 6.34 -5.31
C ALA A 100 -6.36 7.87 -5.29
N GLY A 101 -6.88 8.49 -6.34
CA GLY A 101 -6.83 9.93 -6.47
C GLY A 101 -5.43 10.44 -6.78
N VAL A 102 -4.70 9.69 -7.59
CA VAL A 102 -3.37 10.10 -8.01
C VAL A 102 -3.38 10.55 -9.46
N GLU A 103 -3.19 11.85 -9.67
CA GLU A 103 -3.05 12.37 -11.02
C GLU A 103 -1.59 12.41 -11.44
N ASP A 104 -0.70 12.12 -10.49
CA ASP A 104 0.73 11.97 -10.77
C ASP A 104 0.99 10.62 -11.42
N ARG A 105 0.25 10.33 -12.48
CA ARG A 105 0.29 9.02 -13.09
C ARG A 105 1.59 8.82 -13.85
N GLY A 106 2.25 9.91 -14.22
CA GLY A 106 3.53 9.81 -14.89
C GLY A 106 4.55 9.12 -14.00
N VAL A 107 4.76 9.67 -12.81
CA VAL A 107 5.68 9.10 -11.84
C VAL A 107 5.23 7.69 -11.42
N MET A 108 3.92 7.52 -11.28
CA MET A 108 3.35 6.26 -10.83
C MET A 108 3.46 5.16 -11.89
N THR A 109 3.28 5.52 -13.15
CA THR A 109 3.37 4.55 -14.24
C THR A 109 4.79 3.98 -14.33
N ALA A 110 5.79 4.86 -14.30
CA ALA A 110 7.19 4.42 -14.33
C ALA A 110 7.47 3.47 -13.17
N PHE A 111 6.89 3.79 -12.03
CA PHE A 111 7.02 2.99 -10.82
C PHE A 111 6.42 1.59 -11.02
N MET A 112 5.17 1.53 -11.43
CA MET A 112 4.46 0.25 -11.54
C MET A 112 4.89 -0.53 -12.77
N GLN A 113 5.24 0.16 -13.85
CA GLN A 113 5.69 -0.49 -15.08
C GLN A 113 6.98 -1.25 -14.82
N ALA A 114 7.88 -0.63 -14.06
CA ALA A 114 9.14 -1.26 -13.69
C ALA A 114 8.92 -2.35 -12.65
N LEU A 115 7.85 -2.21 -11.88
CA LEU A 115 7.50 -3.20 -10.86
C LEU A 115 6.72 -4.36 -11.48
N GLY A 116 6.50 -4.29 -12.78
CA GLY A 116 5.84 -5.37 -13.50
C GLY A 116 4.34 -5.36 -13.33
N PHE A 117 3.72 -4.23 -13.64
CA PHE A 117 2.27 -4.13 -13.63
C PHE A 117 1.73 -3.98 -15.05
N THR A 118 0.71 -4.75 -15.36
CA THR A 118 0.05 -4.64 -16.64
C THR A 118 -1.00 -3.53 -16.59
N THR A 119 -1.16 -2.80 -17.66
CA THR A 119 -2.08 -1.67 -17.68
C THR A 119 -3.42 -2.08 -18.28
N GLN A 120 -4.42 -2.18 -17.43
CA GLN A 120 -5.78 -2.45 -17.88
C GLN A 120 -6.53 -1.13 -17.98
N GLN A 121 -7.64 -1.12 -18.68
CA GLN A 121 -8.44 0.09 -18.82
C GLN A 121 -9.18 0.39 -17.52
N GLY A 122 -8.58 1.25 -16.71
CA GLY A 122 -9.18 1.60 -15.43
C GLY A 122 -8.17 1.58 -14.30
N GLY A 123 -7.17 0.72 -14.41
CA GLY A 123 -6.18 0.60 -13.36
C GLY A 123 -5.07 -0.37 -13.71
N TRP A 124 -4.19 -0.64 -12.76
CA TRP A 124 -3.05 -1.50 -13.00
C TRP A 124 -3.29 -2.89 -12.40
N GLU A 125 -2.94 -3.92 -13.14
CA GLU A 125 -3.18 -5.29 -12.72
C GLU A 125 -1.89 -6.11 -12.75
N LYS A 126 -1.63 -6.82 -11.66
CA LYS A 126 -0.46 -7.69 -11.57
C LYS A 126 -0.89 -9.06 -11.04
N CYS A 127 -0.42 -10.12 -11.67
CA CYS A 127 -0.76 -11.46 -11.25
C CYS A 127 0.18 -11.94 -10.16
N GLY A 128 -0.37 -12.44 -9.07
CA GLY A 128 0.43 -12.94 -7.97
C GLY A 128 -0.13 -14.23 -7.40
N MET A 1 18.23 -5.68 4.55
CA MET A 1 17.58 -5.69 5.87
C MET A 1 16.09 -5.94 5.71
N LYS A 2 15.55 -6.82 6.55
CA LYS A 2 14.13 -7.14 6.49
C LYS A 2 13.30 -5.95 6.95
N LEU A 3 12.49 -5.43 6.05
CA LEU A 3 11.67 -4.27 6.35
C LEU A 3 10.49 -4.68 7.21
N THR A 4 10.19 -3.89 8.22
CA THR A 4 9.11 -4.21 9.13
C THR A 4 7.77 -3.77 8.54
N ILE A 5 7.16 -4.66 7.78
CA ILE A 5 5.82 -4.43 7.25
C ILE A 5 4.80 -5.13 8.15
N ILE A 6 4.09 -4.36 8.93
CA ILE A 6 3.23 -4.91 9.97
C ILE A 6 1.81 -5.07 9.49
N ARG A 7 1.15 -6.07 10.04
CA ARG A 7 -0.27 -6.29 9.83
C ARG A 7 -1.02 -5.57 10.93
N LEU A 8 -1.57 -4.41 10.60
CA LEU A 8 -2.20 -3.55 11.60
C LEU A 8 -3.54 -4.11 12.06
N GLU A 9 -3.49 -4.87 13.14
CA GLU A 9 -4.71 -5.36 13.79
C GLU A 9 -4.97 -4.53 15.03
N LYS A 10 -4.05 -3.61 15.29
CA LYS A 10 -4.10 -2.79 16.49
C LYS A 10 -3.90 -1.32 16.11
N PHE A 11 -4.88 -0.48 16.43
CA PHE A 11 -4.78 0.94 16.13
C PHE A 11 -4.96 1.78 17.39
N SER A 12 -3.84 2.24 17.95
CA SER A 12 -3.90 3.16 19.07
C SER A 12 -4.18 4.56 18.52
N ASP A 13 -4.69 5.45 19.36
CA ASP A 13 -5.02 6.81 18.93
C ASP A 13 -3.78 7.51 18.36
N GLN A 14 -2.62 7.23 18.96
CA GLN A 14 -1.37 7.83 18.51
C GLN A 14 -0.95 7.28 17.16
N ASP A 15 -1.20 5.99 16.93
CA ASP A 15 -0.87 5.35 15.66
C ASP A 15 -1.70 5.99 14.54
N ARG A 16 -2.95 6.29 14.87
CA ARG A 16 -3.87 6.90 13.92
C ARG A 16 -3.43 8.33 13.60
N ILE A 17 -2.76 8.96 14.56
CA ILE A 17 -2.22 10.30 14.35
C ILE A 17 -1.10 10.27 13.31
N ASP A 18 -0.24 9.26 13.38
CA ASP A 18 0.86 9.13 12.42
C ASP A 18 0.30 8.78 11.05
N LEU A 19 -0.81 8.03 11.03
CA LEU A 19 -1.53 7.77 9.78
C LEU A 19 -2.06 9.07 9.19
N GLN A 20 -2.53 9.96 10.07
CA GLN A 20 -3.06 11.26 9.67
C GLN A 20 -1.93 12.15 9.12
N LYS A 21 -0.71 11.83 9.52
CA LYS A 21 0.47 12.54 9.01
C LYS A 21 0.79 12.06 7.60
N ILE A 22 0.53 10.79 7.34
CA ILE A 22 0.77 10.20 6.02
C ILE A 22 -0.33 10.63 5.04
N TRP A 23 -1.56 10.68 5.53
CA TRP A 23 -2.68 11.10 4.72
C TRP A 23 -3.27 12.41 5.25
N PRO A 24 -2.77 13.56 4.76
CA PRO A 24 -3.27 14.88 5.18
C PRO A 24 -4.76 15.08 4.86
N GLU A 25 -5.25 14.39 3.84
CA GLU A 25 -6.63 14.49 3.44
C GLU A 25 -7.51 13.50 4.23
N TYR A 26 -6.89 12.77 5.13
CA TYR A 26 -7.58 11.74 5.87
C TYR A 26 -7.63 12.09 7.36
N SER A 27 -8.68 11.64 8.04
CA SER A 27 -8.83 11.90 9.46
C SER A 27 -8.81 10.58 10.24
N PRO A 28 -8.42 10.61 11.53
CA PRO A 28 -8.35 9.41 12.36
C PRO A 28 -9.73 8.74 12.52
N SER A 29 -9.96 7.70 11.74
CA SER A 29 -11.21 6.95 11.79
C SER A 29 -11.14 5.86 12.85
N SER A 30 -12.16 5.02 12.89
CA SER A 30 -12.13 3.81 13.71
C SER A 30 -11.16 2.80 13.09
N LEU A 31 -11.06 2.86 11.76
CA LEU A 31 -10.13 2.03 11.00
C LEU A 31 -10.52 0.56 11.05
N GLN A 32 -11.53 0.21 10.26
CA GLN A 32 -11.98 -1.18 10.16
C GLN A 32 -10.97 -1.98 9.36
N VAL A 33 -10.28 -2.88 10.03
CA VAL A 33 -9.21 -3.63 9.39
C VAL A 33 -9.43 -5.13 9.49
N ASP A 34 -8.90 -5.85 8.50
CA ASP A 34 -8.84 -7.31 8.50
C ASP A 34 -10.21 -7.95 8.23
N ASP A 35 -11.24 -7.11 8.18
CA ASP A 35 -12.58 -7.56 7.83
C ASP A 35 -12.57 -8.02 6.38
N ASN A 36 -11.69 -7.38 5.62
CA ASN A 36 -11.49 -7.63 4.20
C ASN A 36 -10.55 -6.56 3.68
N HIS A 37 -10.61 -5.41 4.33
CA HIS A 37 -9.67 -4.32 4.08
C HIS A 37 -8.44 -4.53 4.95
N ARG A 38 -7.30 -4.74 4.35
CA ARG A 38 -6.09 -4.98 5.12
C ARG A 38 -5.16 -3.79 5.02
N ILE A 39 -4.76 -3.27 6.17
CA ILE A 39 -3.85 -2.16 6.22
C ILE A 39 -2.49 -2.63 6.73
N TYR A 40 -1.52 -2.65 5.84
CA TYR A 40 -0.17 -3.02 6.20
C TYR A 40 0.70 -1.78 6.29
N ALA A 41 1.55 -1.71 7.30
CA ALA A 41 2.36 -0.52 7.52
C ALA A 41 3.82 -0.87 7.67
N ALA A 42 4.63 -0.31 6.79
CA ALA A 42 6.06 -0.51 6.84
C ALA A 42 6.71 0.62 7.61
N ARG A 43 7.14 0.32 8.83
CA ARG A 43 7.72 1.35 9.68
C ARG A 43 9.24 1.28 9.66
N PHE A 44 9.86 2.44 9.52
CA PHE A 44 11.30 2.55 9.51
C PHE A 44 11.71 3.42 10.69
N ASN A 45 12.51 2.85 11.60
CA ASN A 45 12.87 3.52 12.85
C ASN A 45 11.60 3.82 13.63
N GLU A 46 10.69 2.83 13.64
CA GLU A 46 9.44 2.86 14.40
C GLU A 46 8.36 3.74 13.76
N ARG A 47 8.79 4.75 13.01
CA ARG A 47 7.84 5.65 12.35
C ARG A 47 7.33 5.03 11.06
N LEU A 48 6.03 5.14 10.80
CA LEU A 48 5.42 4.50 9.64
C LEU A 48 5.86 5.17 8.34
N LEU A 49 6.86 4.58 7.69
CA LEU A 49 7.46 5.16 6.51
C LEU A 49 6.58 4.94 5.29
N ALA A 50 5.99 3.77 5.20
CA ALA A 50 5.14 3.42 4.07
C ALA A 50 3.81 2.84 4.54
N ALA A 51 2.71 3.42 4.06
CA ALA A 51 1.39 2.94 4.41
C ALA A 51 0.66 2.45 3.17
N VAL A 52 0.18 1.22 3.22
CA VAL A 52 -0.50 0.62 2.09
C VAL A 52 -1.83 -0.02 2.51
N ARG A 53 -2.90 0.35 1.82
CA ARG A 53 -4.21 -0.25 2.08
C ARG A 53 -4.58 -1.20 0.95
N VAL A 54 -4.93 -2.43 1.28
CA VAL A 54 -5.37 -3.37 0.27
C VAL A 54 -6.77 -3.89 0.58
N THR A 55 -7.70 -3.57 -0.28
CA THR A 55 -9.07 -4.03 -0.15
C THR A 55 -9.26 -5.34 -0.90
N LEU A 56 -9.42 -6.41 -0.16
CA LEU A 56 -9.61 -7.72 -0.75
C LEU A 56 -11.09 -8.01 -0.96
N SER A 57 -11.37 -8.86 -1.93
CA SER A 57 -12.71 -9.31 -2.20
C SER A 57 -12.69 -10.82 -2.45
N GLY A 58 -11.73 -11.47 -1.80
CA GLY A 58 -11.53 -12.90 -2.00
C GLY A 58 -10.39 -13.17 -2.94
N THR A 59 -10.71 -13.61 -4.15
CA THR A 59 -9.71 -13.86 -5.18
C THR A 59 -9.38 -12.58 -5.93
N GLU A 60 -10.06 -11.51 -5.56
CA GLU A 60 -9.82 -10.20 -6.14
C GLU A 60 -9.18 -9.30 -5.10
N GLY A 61 -8.06 -8.69 -5.46
CA GLY A 61 -7.37 -7.81 -4.54
C GLY A 61 -7.10 -6.45 -5.14
N ALA A 62 -7.75 -5.43 -4.59
CA ALA A 62 -7.57 -4.06 -5.08
C ALA A 62 -6.93 -3.19 -4.00
N LEU A 63 -5.76 -2.66 -4.30
CA LEU A 63 -5.05 -1.83 -3.35
C LEU A 63 -5.37 -0.37 -3.61
N ASP A 64 -5.82 0.31 -2.57
CA ASP A 64 -6.16 1.72 -2.67
C ASP A 64 -5.36 2.53 -1.66
N SER A 65 -4.83 3.65 -2.11
CA SER A 65 -4.04 4.55 -1.26
C SER A 65 -2.72 3.89 -0.85
N LEU A 66 -1.68 4.17 -1.63
CA LEU A 66 -0.34 3.72 -1.32
C LEU A 66 0.59 4.92 -1.24
N ARG A 67 1.03 5.25 -0.04
CA ARG A 67 1.86 6.43 0.15
C ARG A 67 3.09 6.11 0.98
N VAL A 68 4.25 6.29 0.36
CA VAL A 68 5.52 6.19 1.06
C VAL A 68 6.09 7.60 1.22
N ARG A 69 6.70 7.88 2.36
CA ARG A 69 7.23 9.21 2.62
C ARG A 69 8.34 9.57 1.62
N GLU A 70 8.46 10.87 1.36
CA GLU A 70 9.34 11.40 0.31
C GLU A 70 10.78 10.92 0.41
N VAL A 71 11.19 10.59 1.63
CA VAL A 71 12.58 10.18 1.88
C VAL A 71 12.84 8.75 1.35
N THR A 72 11.84 8.17 0.70
CA THR A 72 11.97 6.83 0.18
C THR A 72 11.88 6.83 -1.36
N ARG A 73 11.97 8.01 -1.96
CA ARG A 73 11.92 8.13 -3.41
C ARG A 73 13.14 7.48 -4.06
N ARG A 74 12.88 6.47 -4.87
CA ARG A 74 13.92 5.61 -5.46
C ARG A 74 14.86 5.10 -4.37
N ARG A 75 14.39 4.17 -3.58
CA ARG A 75 15.17 3.62 -2.49
C ARG A 75 15.01 2.11 -2.40
N GLY A 76 14.41 1.53 -3.45
CA GLY A 76 14.24 0.09 -3.52
C GLY A 76 13.09 -0.43 -2.68
N VAL A 77 12.84 0.24 -1.56
CA VAL A 77 11.82 -0.17 -0.59
C VAL A 77 10.47 -0.45 -1.24
N GLY A 78 10.08 0.41 -2.18
CA GLY A 78 8.79 0.24 -2.86
C GLY A 78 8.60 -1.14 -3.45
N GLN A 79 9.63 -1.66 -4.11
CA GLN A 79 9.54 -2.97 -4.74
C GLN A 79 9.37 -4.07 -3.69
N TYR A 80 10.13 -3.97 -2.62
CA TYR A 80 10.05 -4.94 -1.54
C TYR A 80 8.67 -4.91 -0.89
N LEU A 81 8.22 -3.71 -0.54
CA LEU A 81 6.95 -3.52 0.13
C LEU A 81 5.81 -4.26 -0.56
N LEU A 82 5.56 -3.93 -1.82
CA LEU A 82 4.44 -4.50 -2.56
C LEU A 82 4.62 -6.00 -2.76
N GLU A 83 5.82 -6.42 -3.11
CA GLU A 83 6.08 -7.82 -3.39
C GLU A 83 5.87 -8.67 -2.14
N GLU A 84 6.30 -8.14 -0.99
CA GLU A 84 6.13 -8.83 0.28
C GLU A 84 4.65 -9.05 0.58
N VAL A 85 3.83 -8.05 0.28
CA VAL A 85 2.38 -8.14 0.49
C VAL A 85 1.78 -9.24 -0.40
N LEU A 86 2.28 -9.35 -1.63
CA LEU A 86 1.80 -10.35 -2.57
C LEU A 86 2.22 -11.76 -2.14
N ARG A 87 3.30 -11.85 -1.37
CA ARG A 87 3.74 -13.12 -0.80
C ARG A 87 2.86 -13.49 0.39
N ASN A 88 2.47 -12.47 1.15
CA ASN A 88 1.70 -12.65 2.38
C ASN A 88 0.31 -13.17 2.08
N ASN A 89 -0.36 -12.56 1.12
CA ASN A 89 -1.71 -12.96 0.76
C ASN A 89 -1.69 -14.25 -0.04
N PRO A 90 -2.73 -15.09 0.12
CA PRO A 90 -2.84 -16.37 -0.59
C PRO A 90 -2.99 -16.19 -2.11
N GLY A 91 -3.38 -17.27 -2.79
CA GLY A 91 -3.55 -17.23 -4.23
C GLY A 91 -4.62 -16.25 -4.67
N VAL A 92 -4.20 -15.05 -5.03
CA VAL A 92 -5.10 -14.02 -5.52
C VAL A 92 -5.02 -13.92 -7.04
N SER A 93 -3.78 -13.81 -7.53
CA SER A 93 -3.47 -13.73 -8.96
C SER A 93 -3.90 -12.39 -9.56
N CYS A 94 -5.14 -11.99 -9.33
CA CYS A 94 -5.65 -10.76 -9.87
C CYS A 94 -5.38 -9.59 -8.91
N TRP A 95 -4.20 -9.01 -9.03
CA TRP A 95 -3.83 -7.87 -8.21
C TRP A 95 -4.10 -6.58 -8.95
N TRP A 96 -4.94 -5.74 -8.35
CA TRP A 96 -5.33 -4.49 -8.97
C TRP A 96 -4.88 -3.31 -8.11
N MET A 97 -4.30 -2.32 -8.76
CA MET A 97 -3.88 -1.10 -8.09
C MET A 97 -4.83 0.03 -8.46
N ALA A 98 -5.60 0.48 -7.49
CA ALA A 98 -6.64 1.47 -7.73
C ALA A 98 -6.09 2.88 -7.58
N ASP A 99 -6.69 3.81 -8.33
CA ASP A 99 -6.29 5.21 -8.27
C ASP A 99 -6.68 5.81 -6.94
N ALA A 100 -7.99 5.87 -6.69
CA ALA A 100 -8.54 6.45 -5.47
C ALA A 100 -8.16 7.93 -5.34
N GLY A 101 -7.73 8.53 -6.44
CA GLY A 101 -7.38 9.93 -6.44
C GLY A 101 -5.90 10.18 -6.66
N VAL A 102 -5.16 9.15 -7.08
CA VAL A 102 -3.75 9.31 -7.40
C VAL A 102 -3.57 10.14 -8.67
N GLU A 103 -3.18 11.40 -8.48
CA GLU A 103 -2.95 12.29 -9.60
C GLU A 103 -1.49 12.19 -10.05
N ASP A 104 -0.68 11.51 -9.24
CA ASP A 104 0.72 11.27 -9.56
C ASP A 104 0.83 10.06 -10.50
N ARG A 105 0.01 10.05 -11.53
CA ARG A 105 -0.10 8.90 -12.43
C ARG A 105 1.23 8.61 -13.13
N GLY A 106 1.93 9.65 -13.54
CA GLY A 106 3.17 9.47 -14.28
C GLY A 106 4.24 8.78 -13.46
N VAL A 107 4.50 9.32 -12.28
CA VAL A 107 5.52 8.76 -11.39
C VAL A 107 5.14 7.35 -10.96
N MET A 108 3.87 7.15 -10.61
CA MET A 108 3.39 5.85 -10.17
C MET A 108 3.48 4.81 -11.28
N THR A 109 3.18 5.21 -12.51
CA THR A 109 3.25 4.29 -13.64
C THR A 109 4.67 3.76 -13.83
N ALA A 110 5.65 4.66 -13.72
CA ALA A 110 7.06 4.27 -13.85
C ALA A 110 7.43 3.23 -12.78
N PHE A 111 7.01 3.50 -11.55
CA PHE A 111 7.24 2.59 -10.45
C PHE A 111 6.52 1.26 -10.66
N MET A 112 5.25 1.36 -11.08
CA MET A 112 4.44 0.16 -11.32
C MET A 112 5.04 -0.70 -12.43
N GLN A 113 5.45 -0.07 -13.53
CA GLN A 113 6.03 -0.81 -14.65
C GLN A 113 7.32 -1.50 -14.25
N ALA A 114 8.09 -0.86 -13.37
CA ALA A 114 9.32 -1.45 -12.86
C ALA A 114 9.03 -2.67 -12.01
N LEU A 115 7.87 -2.68 -11.36
CA LEU A 115 7.47 -3.79 -10.52
C LEU A 115 6.56 -4.76 -11.29
N GLY A 116 6.51 -4.59 -12.61
CA GLY A 116 5.77 -5.50 -13.45
C GLY A 116 4.27 -5.28 -13.39
N PHE A 117 3.84 -4.06 -13.71
CA PHE A 117 2.43 -3.74 -13.77
C PHE A 117 2.07 -3.14 -15.12
N THR A 118 0.83 -3.30 -15.52
CA THR A 118 0.33 -2.68 -16.74
C THR A 118 -0.95 -1.90 -16.44
N THR A 119 -1.16 -0.79 -17.13
CA THR A 119 -2.35 0.00 -16.90
C THR A 119 -3.41 -0.35 -17.94
N GLN A 120 -4.59 -0.73 -17.48
CA GLN A 120 -5.62 -1.25 -18.36
C GLN A 120 -7.02 -0.78 -17.95
N GLN A 121 -7.57 0.14 -18.73
CA GLN A 121 -8.97 0.52 -18.64
C GLN A 121 -9.37 1.02 -17.25
N GLY A 122 -8.45 1.72 -16.60
CA GLY A 122 -8.73 2.27 -15.29
C GLY A 122 -7.48 2.57 -14.51
N GLY A 123 -6.96 1.56 -13.83
CA GLY A 123 -5.77 1.74 -13.03
C GLY A 123 -4.66 0.81 -13.48
N TRP A 124 -3.96 0.22 -12.52
CA TRP A 124 -2.87 -0.68 -12.82
C TRP A 124 -3.23 -2.11 -12.44
N GLU A 125 -2.83 -3.07 -13.25
CA GLU A 125 -3.15 -4.47 -13.03
C GLU A 125 -1.90 -5.32 -13.06
N LYS A 126 -1.86 -6.32 -12.20
CA LYS A 126 -0.80 -7.32 -12.21
C LYS A 126 -1.44 -8.70 -12.12
N CYS A 127 -1.75 -9.27 -13.27
CA CYS A 127 -2.42 -10.57 -13.33
C CYS A 127 -1.40 -11.70 -13.28
N GLY A 128 -1.20 -12.26 -12.09
CA GLY A 128 -0.27 -13.35 -11.92
C GLY A 128 0.26 -13.45 -10.51
N MET A 1 18.44 -7.22 4.23
CA MET A 1 17.93 -6.36 5.32
C MET A 1 16.52 -6.79 5.70
N LYS A 2 16.06 -6.33 6.86
CA LYS A 2 14.72 -6.65 7.32
C LYS A 2 13.91 -5.38 7.56
N LEU A 3 12.95 -5.13 6.68
CA LEU A 3 12.03 -4.02 6.87
C LEU A 3 10.87 -4.46 7.74
N THR A 4 10.76 -3.88 8.91
CA THR A 4 9.76 -4.29 9.88
C THR A 4 8.42 -3.62 9.58
N ILE A 5 7.59 -4.31 8.83
CA ILE A 5 6.28 -3.77 8.49
C ILE A 5 5.19 -4.60 9.15
N ILE A 6 4.09 -3.94 9.47
CA ILE A 6 2.99 -4.59 10.15
C ILE A 6 1.68 -4.22 9.50
N ARG A 7 0.75 -5.16 9.46
CA ARG A 7 -0.57 -4.90 8.92
C ARG A 7 -1.50 -4.48 10.05
N LEU A 8 -2.37 -3.53 9.77
CA LEU A 8 -3.26 -2.99 10.79
C LEU A 8 -4.32 -4.01 11.19
N GLU A 9 -4.06 -4.69 12.30
CA GLU A 9 -5.02 -5.60 12.89
C GLU A 9 -5.90 -4.83 13.86
N LYS A 10 -5.25 -3.96 14.63
CA LYS A 10 -5.91 -3.15 15.63
C LYS A 10 -5.38 -1.74 15.56
N PHE A 11 -6.25 -0.75 15.72
CA PHE A 11 -5.84 0.64 15.58
C PHE A 11 -5.57 1.27 16.93
N SER A 12 -4.31 1.23 17.34
CA SER A 12 -3.89 1.96 18.52
C SER A 12 -3.87 3.46 18.20
N ASP A 13 -4.31 4.28 19.14
CA ASP A 13 -4.39 5.72 18.93
C ASP A 13 -3.02 6.30 18.61
N GLN A 14 -2.01 5.83 19.33
CA GLN A 14 -0.64 6.29 19.10
C GLN A 14 -0.18 5.96 17.68
N ASP A 15 -0.55 4.77 17.20
CA ASP A 15 -0.19 4.36 15.85
C ASP A 15 -1.00 5.13 14.82
N ARG A 16 -2.22 5.50 15.19
CA ARG A 16 -3.06 6.32 14.30
C ARG A 16 -2.49 7.72 14.18
N ILE A 17 -1.85 8.20 15.24
CA ILE A 17 -1.15 9.47 15.20
C ILE A 17 0.09 9.37 14.32
N ASP A 18 0.74 8.21 14.38
CA ASP A 18 1.92 7.94 13.57
C ASP A 18 1.54 7.91 12.08
N LEU A 19 0.39 7.29 11.79
CA LEU A 19 -0.15 7.27 10.44
C LEU A 19 -0.43 8.69 9.95
N GLN A 20 -0.85 9.56 10.86
CA GLN A 20 -1.11 10.95 10.53
C GLN A 20 0.21 11.67 10.23
N LYS A 21 1.30 11.16 10.80
CA LYS A 21 2.62 11.69 10.52
C LYS A 21 3.06 11.30 9.11
N ILE A 22 2.53 10.17 8.63
CA ILE A 22 2.77 9.73 7.26
C ILE A 22 2.03 10.63 6.28
N TRP A 23 0.78 10.95 6.61
CA TRP A 23 -0.06 11.74 5.72
C TRP A 23 -0.39 13.10 6.33
N PRO A 24 0.47 14.12 6.11
CA PRO A 24 0.17 15.49 6.53
C PRO A 24 -0.73 16.17 5.50
N GLU A 25 -0.91 15.50 4.38
CA GLU A 25 -1.70 16.02 3.26
C GLU A 25 -3.07 15.38 3.24
N TYR A 26 -3.35 14.62 4.30
CA TYR A 26 -4.59 13.86 4.39
C TYR A 26 -5.27 14.14 5.73
N SER A 27 -6.56 14.40 5.67
CA SER A 27 -7.33 14.67 6.88
C SER A 27 -7.49 13.38 7.68
N PRO A 28 -7.02 13.38 8.94
CA PRO A 28 -7.06 12.20 9.80
C PRO A 28 -8.47 11.64 9.98
N SER A 29 -8.72 10.50 9.34
CA SER A 29 -9.99 9.82 9.46
C SER A 29 -10.01 8.96 10.72
N SER A 30 -11.14 8.30 10.98
CA SER A 30 -11.26 7.38 12.08
C SER A 30 -10.26 6.23 11.94
N LEU A 31 -9.92 5.93 10.68
CA LEU A 31 -9.00 4.84 10.35
C LEU A 31 -9.59 3.49 10.74
N GLN A 32 -10.18 2.82 9.76
CA GLN A 32 -10.90 1.59 10.01
C GLN A 32 -10.47 0.51 9.02
N VAL A 33 -10.52 -0.72 9.47
CA VAL A 33 -10.21 -1.87 8.63
C VAL A 33 -11.28 -2.95 8.77
N ASP A 34 -11.09 -4.04 8.07
CA ASP A 34 -11.96 -5.20 8.15
C ASP A 34 -11.10 -6.43 7.93
N ASP A 35 -11.71 -7.58 7.76
CA ASP A 35 -10.95 -8.80 7.52
C ASP A 35 -10.56 -8.89 6.05
N ASN A 36 -11.36 -8.25 5.21
CA ASN A 36 -11.05 -8.18 3.78
C ASN A 36 -10.35 -6.87 3.44
N HIS A 37 -10.61 -5.84 4.22
CA HIS A 37 -10.06 -4.51 3.96
C HIS A 37 -8.98 -4.18 4.98
N ARG A 38 -7.72 -4.42 4.63
CA ARG A 38 -6.63 -4.20 5.56
C ARG A 38 -5.67 -3.13 5.07
N ILE A 39 -4.81 -2.66 5.96
CA ILE A 39 -3.83 -1.63 5.63
C ILE A 39 -2.45 -2.09 6.08
N TYR A 40 -1.45 -1.90 5.23
CA TYR A 40 -0.07 -2.24 5.57
C TYR A 40 0.70 -0.99 5.99
N ALA A 41 1.36 -1.08 7.13
CA ALA A 41 2.18 0.01 7.62
C ALA A 41 3.65 -0.40 7.61
N ALA A 42 4.43 0.28 6.81
CA ALA A 42 5.85 -0.02 6.69
C ALA A 42 6.66 0.82 7.67
N ARG A 43 7.26 0.16 8.65
CA ARG A 43 7.94 0.89 9.73
C ARG A 43 9.45 0.68 9.69
N PHE A 44 10.18 1.78 9.67
CA PHE A 44 11.63 1.72 9.71
C PHE A 44 12.07 1.94 11.15
N ASN A 45 12.09 0.85 11.91
CA ASN A 45 12.42 0.85 13.34
C ASN A 45 11.39 1.64 14.14
N GLU A 46 11.49 2.96 14.08
CA GLU A 46 10.64 3.84 14.86
C GLU A 46 9.62 4.55 13.99
N ARG A 47 10.03 4.94 12.80
CA ARG A 47 9.22 5.80 11.96
C ARG A 47 8.48 5.00 10.90
N LEU A 48 7.18 5.24 10.79
CA LEU A 48 6.42 4.70 9.68
C LEU A 48 6.85 5.40 8.40
N LEU A 49 7.43 4.62 7.49
CA LEU A 49 8.08 5.16 6.32
C LEU A 49 7.14 5.10 5.11
N ALA A 50 6.22 4.15 5.13
CA ALA A 50 5.28 3.97 4.04
C ALA A 50 3.98 3.35 4.54
N ALA A 51 2.92 3.53 3.78
CA ALA A 51 1.63 2.94 4.11
C ALA A 51 0.85 2.66 2.84
N VAL A 52 0.10 1.56 2.83
CA VAL A 52 -0.64 1.16 1.64
C VAL A 52 -1.93 0.42 2.02
N ARG A 53 -2.99 0.65 1.25
CA ARG A 53 -4.26 -0.04 1.48
C ARG A 53 -4.40 -1.26 0.58
N VAL A 54 -5.07 -2.29 1.08
CA VAL A 54 -5.34 -3.47 0.29
C VAL A 54 -6.75 -4.03 0.60
N THR A 55 -7.58 -4.11 -0.42
CA THR A 55 -8.94 -4.60 -0.27
C THR A 55 -9.08 -5.96 -0.95
N LEU A 56 -9.22 -7.01 -0.17
CA LEU A 56 -9.33 -8.36 -0.69
C LEU A 56 -10.78 -8.71 -0.97
N SER A 57 -11.09 -8.89 -2.24
CA SER A 57 -12.44 -9.23 -2.66
C SER A 57 -12.45 -10.61 -3.29
N GLY A 58 -12.58 -11.63 -2.45
CA GLY A 58 -12.53 -13.00 -2.94
C GLY A 58 -11.13 -13.38 -3.41
N THR A 59 -10.97 -13.49 -4.72
CA THR A 59 -9.66 -13.77 -5.31
C THR A 59 -9.08 -12.51 -5.93
N GLU A 60 -9.82 -11.42 -5.83
CA GLU A 60 -9.42 -10.14 -6.38
C GLU A 60 -8.82 -9.27 -5.29
N GLY A 61 -7.74 -8.58 -5.60
CA GLY A 61 -7.11 -7.71 -4.64
C GLY A 61 -7.08 -6.28 -5.13
N ALA A 62 -7.89 -5.44 -4.53
CA ALA A 62 -7.95 -4.03 -4.91
C ALA A 62 -7.00 -3.23 -4.03
N LEU A 63 -5.88 -2.85 -4.60
CA LEU A 63 -4.85 -2.13 -3.86
C LEU A 63 -4.87 -0.66 -4.24
N ASP A 64 -4.94 0.19 -3.23
CA ASP A 64 -5.02 1.63 -3.44
C ASP A 64 -4.32 2.37 -2.31
N SER A 65 -4.26 3.69 -2.43
CA SER A 65 -3.67 4.56 -1.41
C SER A 65 -2.26 4.08 -1.02
N LEU A 66 -1.28 4.42 -1.84
CA LEU A 66 0.10 4.08 -1.56
C LEU A 66 0.94 5.36 -1.47
N ARG A 67 1.57 5.58 -0.33
CA ARG A 67 2.43 6.72 -0.16
C ARG A 67 3.67 6.35 0.64
N VAL A 68 4.83 6.61 0.06
CA VAL A 68 6.08 6.46 0.76
C VAL A 68 6.67 7.84 0.97
N ARG A 69 7.36 8.04 2.08
CA ARG A 69 7.95 9.34 2.37
C ARG A 69 8.95 9.72 1.27
N GLU A 70 8.91 11.00 0.89
CA GLU A 70 9.65 11.51 -0.27
C GLU A 70 11.14 11.15 -0.24
N VAL A 71 11.69 11.03 0.95
CA VAL A 71 13.11 10.72 1.10
C VAL A 71 13.41 9.27 0.73
N THR A 72 12.38 8.44 0.69
CA THR A 72 12.54 7.02 0.42
C THR A 72 12.34 6.72 -1.07
N ARG A 73 12.16 7.77 -1.84
CA ARG A 73 11.98 7.65 -3.28
C ARG A 73 13.31 7.27 -3.95
N ARG A 74 13.24 6.30 -4.87
CA ARG A 74 14.44 5.80 -5.57
C ARG A 74 15.34 5.03 -4.61
N ARG A 75 14.72 4.18 -3.77
CA ARG A 75 15.49 3.40 -2.80
C ARG A 75 15.05 1.95 -2.75
N GLY A 76 14.09 1.57 -3.59
CA GLY A 76 13.65 0.18 -3.67
C GLY A 76 12.74 -0.24 -2.52
N VAL A 77 12.66 0.57 -1.47
CA VAL A 77 11.84 0.27 -0.30
C VAL A 77 10.37 0.07 -0.70
N GLY A 78 9.87 0.95 -1.55
CA GLY A 78 8.49 0.84 -2.01
C GLY A 78 8.22 -0.49 -2.70
N GLN A 79 9.19 -0.96 -3.48
CA GLN A 79 9.08 -2.24 -4.17
C GLN A 79 8.96 -3.38 -3.16
N TYR A 80 9.84 -3.35 -2.16
CA TYR A 80 9.88 -4.38 -1.14
C TYR A 80 8.53 -4.49 -0.43
N LEU A 81 7.93 -3.34 -0.13
CA LEU A 81 6.62 -3.29 0.52
C LEU A 81 5.59 -4.05 -0.30
N LEU A 82 5.52 -3.76 -1.60
CA LEU A 82 4.58 -4.43 -2.49
C LEU A 82 4.87 -5.92 -2.58
N GLU A 83 6.15 -6.27 -2.63
CA GLU A 83 6.56 -7.67 -2.74
C GLU A 83 6.19 -8.43 -1.49
N GLU A 84 6.30 -7.79 -0.32
CA GLU A 84 5.93 -8.41 0.95
C GLU A 84 4.45 -8.77 0.98
N VAL A 85 3.62 -7.89 0.43
CA VAL A 85 2.18 -8.13 0.36
C VAL A 85 1.88 -9.39 -0.45
N LEU A 86 2.39 -9.43 -1.67
CA LEU A 86 2.16 -10.57 -2.56
C LEU A 86 3.00 -11.77 -2.13
N ARG A 87 3.84 -11.58 -1.13
CA ARG A 87 4.68 -12.64 -0.58
C ARG A 87 3.86 -13.51 0.38
N ASN A 88 3.16 -12.85 1.29
CA ASN A 88 2.35 -13.57 2.29
C ASN A 88 0.95 -13.83 1.74
N ASN A 89 0.68 -13.24 0.58
CA ASN A 89 -0.57 -13.46 -0.16
C ASN A 89 -0.93 -14.94 -0.24
N PRO A 90 -2.11 -15.30 0.29
CA PRO A 90 -2.60 -16.68 0.30
C PRO A 90 -3.04 -17.17 -1.08
N GLY A 91 -4.04 -16.52 -1.66
CA GLY A 91 -4.58 -16.96 -2.93
C GLY A 91 -5.24 -15.86 -3.73
N VAL A 92 -4.70 -14.65 -3.63
CA VAL A 92 -5.20 -13.53 -4.42
C VAL A 92 -4.30 -13.31 -5.63
N SER A 93 -4.80 -13.67 -6.80
CA SER A 93 -3.97 -13.61 -8.00
C SER A 93 -4.44 -12.53 -8.96
N CYS A 94 -5.64 -12.00 -8.75
CA CYS A 94 -6.15 -10.93 -9.58
C CYS A 94 -6.05 -9.59 -8.87
N TRP A 95 -4.97 -8.87 -9.12
CA TRP A 95 -4.72 -7.62 -8.42
C TRP A 95 -5.17 -6.43 -9.25
N TRP A 96 -6.15 -5.72 -8.72
CA TRP A 96 -6.63 -4.50 -9.34
C TRP A 96 -6.10 -3.31 -8.56
N MET A 97 -5.25 -2.52 -9.18
CA MET A 97 -4.62 -1.40 -8.52
C MET A 97 -5.24 -0.10 -9.04
N ALA A 98 -5.77 0.70 -8.12
CA ALA A 98 -6.51 1.89 -8.50
C ALA A 98 -5.94 3.13 -7.83
N ASP A 99 -6.39 4.29 -8.29
CA ASP A 99 -5.91 5.57 -7.78
C ASP A 99 -6.44 5.83 -6.37
N ALA A 100 -7.75 6.04 -6.27
CA ALA A 100 -8.43 6.31 -5.00
C ALA A 100 -7.91 7.58 -4.33
N GLY A 101 -7.28 8.44 -5.13
CA GLY A 101 -6.71 9.66 -4.58
C GLY A 101 -5.34 9.94 -5.17
N VAL A 102 -4.72 8.89 -5.72
CA VAL A 102 -3.43 9.03 -6.39
C VAL A 102 -3.57 9.84 -7.68
N GLU A 103 -3.18 11.11 -7.61
CA GLU A 103 -3.16 11.96 -8.78
C GLU A 103 -1.79 11.93 -9.44
N ASP A 104 -0.80 11.45 -8.69
CA ASP A 104 0.56 11.29 -9.20
C ASP A 104 0.67 10.01 -10.03
N ARG A 105 -0.20 9.89 -11.02
CA ARG A 105 -0.25 8.70 -11.87
C ARG A 105 1.06 8.49 -12.60
N GLY A 106 1.58 9.56 -13.19
CA GLY A 106 2.82 9.46 -13.95
C GLY A 106 3.96 8.87 -13.13
N VAL A 107 4.16 9.42 -11.93
CA VAL A 107 5.24 8.97 -11.06
C VAL A 107 5.06 7.50 -10.67
N MET A 108 3.84 7.12 -10.29
CA MET A 108 3.59 5.77 -9.81
C MET A 108 3.47 4.77 -10.95
N THR A 109 3.15 5.25 -12.16
CA THR A 109 3.12 4.37 -13.33
C THR A 109 4.52 3.90 -13.66
N ALA A 110 5.50 4.80 -13.54
CA ALA A 110 6.90 4.44 -13.74
C ALA A 110 7.35 3.47 -12.66
N PHE A 111 6.87 3.72 -11.44
CA PHE A 111 7.13 2.84 -10.30
C PHE A 111 6.61 1.43 -10.59
N MET A 112 5.35 1.35 -10.99
CA MET A 112 4.70 0.06 -11.23
C MET A 112 5.25 -0.61 -12.47
N GLN A 113 5.73 0.18 -13.41
CA GLN A 113 6.36 -0.34 -14.61
C GLN A 113 7.66 -1.07 -14.26
N ALA A 114 8.35 -0.55 -13.24
CA ALA A 114 9.57 -1.17 -12.76
C ALA A 114 9.26 -2.47 -12.00
N LEU A 115 8.12 -2.49 -11.33
CA LEU A 115 7.69 -3.67 -10.59
C LEU A 115 6.98 -4.66 -11.51
N GLY A 116 6.80 -4.26 -12.76
CA GLY A 116 6.24 -5.16 -13.75
C GLY A 116 4.73 -5.31 -13.65
N PHE A 117 4.04 -4.20 -13.41
CA PHE A 117 2.59 -4.21 -13.41
C PHE A 117 2.05 -3.85 -14.78
N THR A 118 0.95 -4.47 -15.16
CA THR A 118 0.33 -4.21 -16.43
C THR A 118 -0.75 -3.14 -16.33
N THR A 119 -0.87 -2.33 -17.37
CA THR A 119 -1.82 -1.23 -17.38
C THR A 119 -3.10 -1.62 -18.12
N GLN A 120 -4.23 -1.17 -17.58
CA GLN A 120 -5.52 -1.43 -18.22
C GLN A 120 -6.20 -0.11 -18.54
N GLN A 121 -7.48 -0.15 -18.87
CA GLN A 121 -8.22 1.06 -19.18
C GLN A 121 -8.74 1.74 -17.91
N GLY A 122 -7.99 2.72 -17.42
CA GLY A 122 -8.41 3.46 -16.25
C GLY A 122 -7.91 2.84 -14.97
N GLY A 123 -6.64 2.44 -14.95
CA GLY A 123 -6.06 1.86 -13.76
C GLY A 123 -5.09 0.75 -14.07
N TRP A 124 -4.64 0.05 -13.06
CA TRP A 124 -3.66 -1.03 -13.22
C TRP A 124 -4.27 -2.35 -12.81
N GLU A 125 -3.81 -3.43 -13.44
CA GLU A 125 -4.32 -4.76 -13.14
C GLU A 125 -3.29 -5.81 -13.52
N LYS A 126 -3.04 -6.74 -12.61
CA LYS A 126 -2.12 -7.83 -12.89
C LYS A 126 -2.70 -9.14 -12.36
N CYS A 127 -2.65 -10.17 -13.20
CA CYS A 127 -3.21 -11.47 -12.83
C CYS A 127 -2.11 -12.53 -12.86
N GLY A 128 -1.79 -13.07 -11.69
CA GLY A 128 -0.76 -14.08 -11.58
C GLY A 128 -0.16 -14.15 -10.20
N MET A 1 19.15 -4.24 9.67
CA MET A 1 18.00 -3.35 9.41
C MET A 1 17.04 -4.01 8.42
N LYS A 2 15.83 -4.27 8.88
CA LYS A 2 14.83 -4.94 8.06
C LYS A 2 13.59 -4.07 7.90
N LEU A 3 12.86 -4.29 6.83
CA LEU A 3 11.57 -3.64 6.65
C LEU A 3 10.51 -4.48 7.35
N THR A 4 10.17 -4.07 8.55
CA THR A 4 9.25 -4.84 9.37
C THR A 4 7.82 -4.43 9.09
N ILE A 5 7.21 -5.09 8.13
CA ILE A 5 5.84 -4.79 7.77
C ILE A 5 4.87 -5.72 8.48
N ILE A 6 3.87 -5.13 9.11
CA ILE A 6 2.90 -5.86 9.89
C ILE A 6 1.50 -5.46 9.46
N ARG A 7 0.54 -6.35 9.65
CA ARG A 7 -0.84 -6.00 9.40
C ARG A 7 -1.36 -5.14 10.55
N LEU A 8 -1.66 -3.89 10.25
CA LEU A 8 -2.05 -2.93 11.27
C LEU A 8 -3.50 -3.16 11.67
N GLU A 9 -3.68 -3.81 12.81
CA GLU A 9 -5.00 -4.19 13.27
C GLU A 9 -5.35 -3.45 14.56
N LYS A 10 -4.34 -2.93 15.23
CA LYS A 10 -4.55 -2.20 16.47
C LYS A 10 -4.15 -0.74 16.29
N PHE A 11 -5.14 0.14 16.37
CA PHE A 11 -4.92 1.57 16.16
C PHE A 11 -5.01 2.33 17.47
N SER A 12 -3.87 2.68 18.04
CA SER A 12 -3.85 3.49 19.25
C SER A 12 -3.95 4.96 18.86
N ASP A 13 -4.14 5.82 19.86
CA ASP A 13 -4.22 7.26 19.61
C ASP A 13 -2.93 7.77 18.97
N GLN A 14 -1.81 7.16 19.31
CA GLN A 14 -0.53 7.51 18.72
C GLN A 14 -0.51 7.15 17.25
N ASP A 15 -0.86 5.90 16.94
CA ASP A 15 -0.89 5.43 15.56
C ASP A 15 -1.86 6.24 14.73
N ARG A 16 -2.97 6.61 15.37
CA ARG A 16 -3.97 7.47 14.75
C ARG A 16 -3.31 8.77 14.26
N ILE A 17 -2.52 9.38 15.13
CA ILE A 17 -1.84 10.62 14.79
C ILE A 17 -0.81 10.40 13.68
N ASP A 18 -0.04 9.32 13.78
CA ASP A 18 0.97 9.00 12.77
C ASP A 18 0.33 8.83 11.40
N LEU A 19 -0.69 7.98 11.32
CA LEU A 19 -1.36 7.71 10.06
C LEU A 19 -2.07 8.95 9.52
N GLN A 20 -2.65 9.72 10.43
CA GLN A 20 -3.39 10.93 10.05
C GLN A 20 -2.41 12.04 9.64
N LYS A 21 -1.13 11.83 9.91
CA LYS A 21 -0.11 12.77 9.48
C LYS A 21 0.55 12.27 8.20
N ILE A 22 0.57 10.94 8.02
CA ILE A 22 1.01 10.34 6.77
C ILE A 22 0.04 10.73 5.67
N TRP A 23 -1.24 10.56 5.95
CA TRP A 23 -2.28 11.11 5.11
C TRP A 23 -2.92 12.29 5.82
N PRO A 24 -2.40 13.50 5.58
CA PRO A 24 -2.71 14.70 6.38
C PRO A 24 -4.18 15.12 6.38
N GLU A 25 -5.00 14.42 5.60
CA GLU A 25 -6.42 14.71 5.53
C GLU A 25 -7.25 13.43 5.61
N TYR A 26 -6.63 12.38 6.14
CA TYR A 26 -7.30 11.10 6.31
C TYR A 26 -8.15 11.13 7.57
N SER A 27 -9.44 10.85 7.43
CA SER A 27 -10.34 10.84 8.57
C SER A 27 -9.96 9.75 9.56
N PRO A 28 -9.75 10.10 10.84
CA PRO A 28 -9.37 9.14 11.88
C PRO A 28 -10.40 8.03 12.06
N SER A 29 -11.67 8.37 11.82
CA SER A 29 -12.75 7.41 11.95
C SER A 29 -12.71 6.38 10.82
N SER A 30 -11.90 6.66 9.80
CA SER A 30 -11.74 5.75 8.69
C SER A 30 -10.62 4.74 8.97
N LEU A 31 -10.07 4.80 10.18
CA LEU A 31 -9.09 3.81 10.60
C LEU A 31 -9.79 2.56 11.11
N GLN A 32 -10.10 1.67 10.19
CA GLN A 32 -10.79 0.43 10.52
C GLN A 32 -10.15 -0.72 9.77
N VAL A 33 -9.79 -1.76 10.49
CA VAL A 33 -9.19 -2.93 9.86
C VAL A 33 -10.17 -4.08 9.83
N ASP A 34 -10.30 -4.68 8.68
CA ASP A 34 -11.20 -5.81 8.49
C ASP A 34 -10.44 -6.93 7.79
N ASP A 35 -11.09 -8.05 7.55
CA ASP A 35 -10.47 -9.09 6.74
C ASP A 35 -10.74 -8.79 5.27
N ASN A 36 -11.61 -7.82 5.04
CA ASN A 36 -11.88 -7.34 3.69
C ASN A 36 -11.00 -6.12 3.39
N HIS A 37 -10.76 -5.33 4.42
CA HIS A 37 -9.90 -4.16 4.30
C HIS A 37 -8.72 -4.27 5.24
N ARG A 38 -7.57 -4.66 4.71
CA ARG A 38 -6.39 -4.84 5.54
C ARG A 38 -5.38 -3.73 5.27
N ILE A 39 -4.92 -3.09 6.32
CA ILE A 39 -3.90 -2.06 6.19
C ILE A 39 -2.56 -2.63 6.64
N TYR A 40 -1.61 -2.69 5.72
CA TYR A 40 -0.29 -3.20 6.02
C TYR A 40 0.66 -2.04 6.30
N ALA A 41 1.30 -2.08 7.45
CA ALA A 41 2.19 -1.01 7.86
C ALA A 41 3.63 -1.48 7.82
N ALA A 42 4.41 -0.90 6.91
CA ALA A 42 5.82 -1.24 6.78
C ALA A 42 6.66 -0.31 7.63
N ARG A 43 7.10 -0.79 8.77
CA ARG A 43 7.92 0.03 9.67
C ARG A 43 9.39 -0.37 9.57
N PHE A 44 10.24 0.62 9.37
CA PHE A 44 11.66 0.38 9.21
C PHE A 44 12.39 0.79 10.47
N ASN A 45 13.16 -0.15 11.04
CA ASN A 45 13.90 0.05 12.28
C ASN A 45 12.95 0.13 13.48
N GLU A 46 12.01 1.06 13.43
CA GLU A 46 11.06 1.22 14.51
C GLU A 46 9.76 1.86 14.01
N ARG A 47 9.88 2.91 13.21
CA ARG A 47 8.72 3.71 12.85
C ARG A 47 8.28 3.43 11.42
N LEU A 48 7.05 3.82 11.10
CA LEU A 48 6.46 3.55 9.79
C LEU A 48 7.26 4.21 8.66
N LEU A 49 7.53 3.44 7.62
CA LEU A 49 8.22 3.93 6.44
C LEU A 49 7.27 3.97 5.26
N ALA A 50 6.31 3.04 5.26
CA ALA A 50 5.33 2.95 4.18
C ALA A 50 4.01 2.40 4.70
N ALA A 51 2.91 2.84 4.12
CA ALA A 51 1.59 2.38 4.51
C ALA A 51 0.75 2.05 3.29
N VAL A 52 0.19 0.86 3.25
CA VAL A 52 -0.61 0.42 2.11
C VAL A 52 -1.94 -0.19 2.58
N ARG A 53 -3.02 0.22 1.93
CA ARG A 53 -4.34 -0.30 2.25
C ARG A 53 -4.83 -1.19 1.11
N VAL A 54 -5.22 -2.41 1.41
CA VAL A 54 -5.65 -3.34 0.37
C VAL A 54 -7.10 -3.80 0.59
N THR A 55 -7.87 -3.79 -0.49
CA THR A 55 -9.23 -4.28 -0.47
C THR A 55 -9.29 -5.68 -1.07
N LEU A 56 -9.49 -6.67 -0.22
CA LEU A 56 -9.52 -8.06 -0.66
C LEU A 56 -10.95 -8.51 -0.90
N SER A 57 -11.19 -9.12 -2.05
CA SER A 57 -12.50 -9.62 -2.40
C SER A 57 -12.37 -11.01 -3.03
N GLY A 58 -12.57 -12.03 -2.21
CA GLY A 58 -12.48 -13.41 -2.67
C GLY A 58 -11.05 -13.80 -3.01
N THR A 59 -10.80 -14.02 -4.29
CA THR A 59 -9.48 -14.44 -4.75
C THR A 59 -8.78 -13.28 -5.47
N GLU A 60 -9.34 -12.09 -5.33
CA GLU A 60 -8.80 -10.92 -5.97
C GLU A 60 -8.56 -9.81 -4.94
N GLY A 61 -7.63 -8.93 -5.24
CA GLY A 61 -7.33 -7.85 -4.34
C GLY A 61 -7.05 -6.55 -5.07
N ALA A 62 -7.66 -5.48 -4.61
CA ALA A 62 -7.43 -4.17 -5.18
C ALA A 62 -6.89 -3.23 -4.10
N LEU A 63 -5.77 -2.60 -4.37
CA LEU A 63 -5.12 -1.78 -3.37
C LEU A 63 -5.56 -0.32 -3.51
N ASP A 64 -6.22 0.18 -2.48
CA ASP A 64 -6.73 1.54 -2.47
C ASP A 64 -5.92 2.40 -1.51
N SER A 65 -5.29 3.43 -2.05
CA SER A 65 -4.51 4.39 -1.27
C SER A 65 -3.18 3.78 -0.78
N LEU A 66 -2.10 4.23 -1.40
CA LEU A 66 -0.75 3.80 -1.05
C LEU A 66 0.14 5.02 -0.91
N ARG A 67 0.89 5.09 0.18
CA ARG A 67 1.84 6.18 0.37
C ARG A 67 3.09 5.68 1.10
N VAL A 68 4.24 6.01 0.54
CA VAL A 68 5.51 5.73 1.19
C VAL A 68 6.08 7.05 1.70
N ARG A 69 6.95 7.00 2.70
CA ARG A 69 7.67 8.18 3.16
C ARG A 69 8.37 8.82 1.96
N GLU A 70 8.13 10.10 1.75
CA GLU A 70 8.53 10.78 0.52
C GLU A 70 10.04 10.67 0.27
N VAL A 71 10.83 10.62 1.34
CA VAL A 71 12.28 10.55 1.20
C VAL A 71 12.75 9.10 0.96
N THR A 72 11.82 8.24 0.56
CA THR A 72 12.13 6.85 0.30
C THR A 72 12.01 6.54 -1.20
N ARG A 73 11.98 7.60 -2.00
CA ARG A 73 11.83 7.45 -3.44
C ARG A 73 13.13 6.98 -4.08
N ARG A 74 13.00 6.03 -5.02
CA ARG A 74 14.12 5.48 -5.78
C ARG A 74 15.02 4.58 -4.91
N ARG A 75 14.45 3.97 -3.88
CA ARG A 75 15.23 3.12 -2.99
C ARG A 75 14.67 1.71 -2.87
N GLY A 76 13.88 1.30 -3.85
CA GLY A 76 13.41 -0.09 -3.92
C GLY A 76 12.29 -0.43 -2.96
N VAL A 77 12.21 0.30 -1.84
CA VAL A 77 11.23 0.02 -0.78
C VAL A 77 9.81 -0.11 -1.33
N GLY A 78 9.41 0.83 -2.17
CA GLY A 78 8.07 0.78 -2.75
C GLY A 78 7.80 -0.49 -3.52
N GLN A 79 8.77 -0.89 -4.35
CA GLN A 79 8.64 -2.09 -5.17
C GLN A 79 8.59 -3.33 -4.28
N TYR A 80 9.44 -3.35 -3.26
CA TYR A 80 9.49 -4.48 -2.36
C TYR A 80 8.21 -4.57 -1.53
N LEU A 81 7.73 -3.42 -1.06
CA LEU A 81 6.49 -3.33 -0.30
C LEU A 81 5.37 -4.10 -0.99
N LEU A 82 5.17 -3.80 -2.27
CA LEU A 82 4.13 -4.45 -3.05
C LEU A 82 4.34 -5.96 -3.12
N GLU A 83 5.54 -6.38 -3.51
CA GLU A 83 5.80 -7.81 -3.69
C GLU A 83 5.89 -8.55 -2.35
N GLU A 84 6.05 -7.81 -1.27
CA GLU A 84 5.99 -8.37 0.07
C GLU A 84 4.55 -8.78 0.37
N VAL A 85 3.61 -7.92 0.01
CA VAL A 85 2.19 -8.22 0.19
C VAL A 85 1.77 -9.38 -0.71
N LEU A 86 2.28 -9.36 -1.95
CA LEU A 86 1.99 -10.42 -2.92
C LEU A 86 2.62 -11.75 -2.48
N ARG A 87 3.62 -11.67 -1.62
CA ARG A 87 4.25 -12.86 -1.06
C ARG A 87 3.43 -13.36 0.13
N ASN A 88 2.98 -12.42 0.96
CA ASN A 88 2.19 -12.73 2.15
C ASN A 88 0.87 -13.38 1.77
N ASN A 89 0.26 -12.89 0.70
CA ASN A 89 -0.99 -13.44 0.21
C ASN A 89 -0.83 -13.99 -1.21
N PRO A 90 -0.23 -15.18 -1.36
CA PRO A 90 0.01 -15.78 -2.67
C PRO A 90 -1.21 -16.51 -3.23
N GLY A 91 -2.31 -16.46 -2.47
CA GLY A 91 -3.53 -17.11 -2.88
C GLY A 91 -4.44 -16.18 -3.64
N VAL A 92 -3.92 -15.02 -3.99
CA VAL A 92 -4.68 -14.02 -4.75
C VAL A 92 -4.14 -13.97 -6.18
N SER A 93 -5.04 -14.11 -7.14
CA SER A 93 -4.65 -14.17 -8.55
C SER A 93 -4.51 -12.78 -9.15
N CYS A 94 -5.54 -11.96 -9.02
CA CYS A 94 -5.57 -10.65 -9.66
C CYS A 94 -5.31 -9.55 -8.64
N TRP A 95 -4.20 -8.84 -8.85
CA TRP A 95 -3.87 -7.70 -8.00
C TRP A 95 -4.08 -6.41 -8.77
N TRP A 96 -5.07 -5.62 -8.35
CA TRP A 96 -5.39 -4.38 -9.02
C TRP A 96 -4.90 -3.20 -8.18
N MET A 97 -4.29 -2.23 -8.84
CA MET A 97 -3.83 -1.02 -8.16
C MET A 97 -4.74 0.15 -8.54
N ALA A 98 -5.39 0.75 -7.55
CA ALA A 98 -6.35 1.81 -7.81
C ALA A 98 -5.69 3.19 -7.81
N ASP A 99 -6.20 4.06 -8.68
CA ASP A 99 -5.72 5.44 -8.76
C ASP A 99 -6.34 6.28 -7.66
N ALA A 100 -7.65 6.52 -7.78
CA ALA A 100 -8.43 7.21 -6.75
C ALA A 100 -8.00 8.66 -6.55
N GLY A 101 -7.38 9.25 -7.56
CA GLY A 101 -7.04 10.66 -7.50
C GLY A 101 -5.54 10.90 -7.48
N VAL A 102 -4.81 10.13 -8.28
CA VAL A 102 -3.38 10.34 -8.40
C VAL A 102 -3.07 11.36 -9.50
N GLU A 103 -2.56 12.52 -9.09
CA GLU A 103 -2.24 13.58 -10.03
C GLU A 103 -0.87 13.33 -10.67
N ASP A 104 0.03 12.72 -9.91
CA ASP A 104 1.35 12.37 -10.42
C ASP A 104 1.29 11.00 -11.08
N ARG A 105 0.38 10.85 -12.04
CA ARG A 105 0.16 9.58 -12.70
C ARG A 105 1.38 9.16 -13.52
N GLY A 106 2.10 10.15 -14.04
CA GLY A 106 3.30 9.86 -14.81
C GLY A 106 4.33 9.08 -14.01
N VAL A 107 4.72 9.63 -12.86
CA VAL A 107 5.68 8.97 -11.98
C VAL A 107 5.13 7.64 -11.48
N MET A 108 3.85 7.61 -11.12
CA MET A 108 3.23 6.41 -10.58
C MET A 108 3.19 5.29 -11.62
N THR A 109 2.94 5.65 -12.87
CA THR A 109 2.91 4.65 -13.94
C THR A 109 4.30 4.07 -14.17
N ALA A 110 5.31 4.93 -14.15
CA ALA A 110 6.69 4.49 -14.28
C ALA A 110 7.06 3.54 -13.15
N PHE A 111 6.57 3.87 -11.96
CA PHE A 111 6.75 3.03 -10.79
C PHE A 111 6.10 1.66 -10.98
N MET A 112 4.85 1.68 -11.45
CA MET A 112 4.08 0.45 -11.67
C MET A 112 4.74 -0.42 -12.72
N GLN A 113 5.20 0.20 -13.81
CA GLN A 113 5.83 -0.54 -14.89
C GLN A 113 7.11 -1.23 -14.42
N ALA A 114 7.87 -0.56 -13.57
CA ALA A 114 9.10 -1.12 -13.03
C ALA A 114 8.80 -2.22 -12.01
N LEU A 115 7.60 -2.18 -11.46
CA LEU A 115 7.17 -3.17 -10.47
C LEU A 115 6.46 -4.34 -11.17
N GLY A 116 6.33 -4.23 -12.48
CA GLY A 116 5.73 -5.31 -13.26
C GLY A 116 4.22 -5.25 -13.29
N PHE A 117 3.67 -4.05 -13.26
CA PHE A 117 2.22 -3.87 -13.36
C PHE A 117 1.83 -3.50 -14.78
N THR A 118 0.74 -4.07 -15.24
CA THR A 118 0.23 -3.80 -16.57
C THR A 118 -0.74 -2.63 -16.52
N THR A 119 -0.72 -1.81 -17.56
CA THR A 119 -1.61 -0.65 -17.62
C THR A 119 -2.85 -0.98 -18.44
N GLN A 120 -4.00 -0.96 -17.80
CA GLN A 120 -5.25 -1.27 -18.47
C GLN A 120 -6.33 -0.28 -18.05
N GLN A 121 -7.39 -0.21 -18.84
CA GLN A 121 -8.52 0.69 -18.61
C GLN A 121 -8.98 0.67 -17.15
N GLY A 122 -8.68 1.73 -16.42
CA GLY A 122 -9.15 1.84 -15.05
C GLY A 122 -8.03 1.98 -14.04
N GLY A 123 -6.83 1.55 -14.41
CA GLY A 123 -5.71 1.62 -13.48
C GLY A 123 -4.59 0.67 -13.85
N TRP A 124 -4.11 -0.07 -12.86
CA TRP A 124 -2.99 -0.99 -13.07
C TRP A 124 -3.36 -2.40 -12.62
N GLU A 125 -2.94 -3.40 -13.38
CA GLU A 125 -3.31 -4.79 -13.13
C GLU A 125 -2.05 -5.65 -13.10
N LYS A 126 -1.95 -6.53 -12.10
CA LYS A 126 -0.87 -7.50 -12.06
C LYS A 126 -1.40 -8.87 -11.64
N CYS A 127 -1.76 -9.68 -12.62
CA CYS A 127 -2.22 -11.03 -12.38
C CYS A 127 -1.02 -11.97 -12.15
N GLY A 128 -1.09 -12.75 -11.09
CA GLY A 128 -0.03 -13.68 -10.79
C GLY A 128 -0.46 -15.12 -10.99
N MET A 1 18.77 -4.11 4.93
CA MET A 1 17.75 -3.54 5.83
C MET A 1 16.44 -4.31 5.72
N LYS A 2 16.00 -4.89 6.82
CA LYS A 2 14.72 -5.57 6.87
C LYS A 2 13.62 -4.59 7.24
N LEU A 3 12.50 -4.66 6.53
CA LEU A 3 11.40 -3.74 6.75
C LEU A 3 10.36 -4.36 7.68
N THR A 4 10.02 -3.64 8.73
CA THR A 4 9.03 -4.13 9.67
C THR A 4 7.63 -3.70 9.25
N ILE A 5 6.92 -4.58 8.56
CA ILE A 5 5.56 -4.30 8.14
C ILE A 5 4.59 -5.05 9.03
N ILE A 6 3.62 -4.33 9.56
CA ILE A 6 2.61 -4.92 10.42
C ILE A 6 1.22 -4.52 9.95
N ARG A 7 0.25 -5.36 10.22
CA ARG A 7 -1.13 -5.04 9.88
C ARG A 7 -1.67 -4.03 10.88
N LEU A 8 -2.27 -2.96 10.36
CA LEU A 8 -2.84 -1.91 11.19
C LEU A 8 -4.17 -2.39 11.79
N GLU A 9 -4.10 -3.47 12.54
CA GLU A 9 -5.27 -4.03 13.18
C GLU A 9 -5.43 -3.44 14.58
N LYS A 10 -4.37 -2.79 15.03
CA LYS A 10 -4.38 -2.12 16.32
C LYS A 10 -4.29 -0.62 16.12
N PHE A 11 -5.39 0.07 16.36
CA PHE A 11 -5.42 1.52 16.20
C PHE A 11 -5.02 2.21 17.49
N SER A 12 -3.72 2.32 17.67
CA SER A 12 -3.16 3.03 18.81
C SER A 12 -3.07 4.52 18.47
N ASP A 13 -3.19 5.37 19.49
CA ASP A 13 -3.04 6.81 19.29
C ASP A 13 -1.69 7.13 18.69
N GLN A 14 -0.68 6.35 19.09
CA GLN A 14 0.66 6.46 18.53
C GLN A 14 0.60 6.39 17.00
N ASP A 15 0.02 5.30 16.49
CA ASP A 15 -0.07 5.06 15.07
C ASP A 15 -1.01 6.06 14.39
N ARG A 16 -2.13 6.36 15.04
CA ARG A 16 -3.14 7.24 14.44
C ARG A 16 -2.58 8.64 14.18
N ILE A 17 -1.75 9.13 15.10
CA ILE A 17 -1.13 10.44 14.91
C ILE A 17 -0.08 10.38 13.79
N ASP A 18 0.70 9.30 13.78
CA ASP A 18 1.73 9.11 12.77
C ASP A 18 1.10 8.98 11.38
N LEU A 19 -0.09 8.37 11.34
CA LEU A 19 -0.85 8.28 10.10
C LEU A 19 -1.26 9.66 9.61
N GLN A 20 -1.62 10.54 10.55
CA GLN A 20 -1.99 11.92 10.20
C GLN A 20 -0.76 12.74 9.85
N LYS A 21 0.42 12.19 10.12
CA LYS A 21 1.66 12.80 9.66
C LYS A 21 1.98 12.31 8.24
N ILE A 22 1.44 11.16 7.88
CA ILE A 22 1.55 10.64 6.51
C ILE A 22 0.54 11.36 5.61
N TRP A 23 -0.68 11.47 6.10
CA TRP A 23 -1.72 12.21 5.42
C TRP A 23 -1.99 13.52 6.17
N PRO A 24 -1.56 14.66 5.59
CA PRO A 24 -1.60 15.99 6.24
C PRO A 24 -2.82 16.21 7.14
N GLU A 25 -4.00 16.06 6.58
CA GLU A 25 -5.23 16.13 7.36
C GLU A 25 -6.27 15.16 6.80
N TYR A 26 -6.20 13.94 7.26
CA TYR A 26 -7.05 12.87 6.78
C TYR A 26 -8.23 12.62 7.73
N SER A 27 -9.41 12.43 7.14
CA SER A 27 -10.61 12.17 7.92
C SER A 27 -10.61 10.74 8.46
N PRO A 28 -10.72 10.60 9.80
CA PRO A 28 -10.64 9.29 10.47
C PRO A 28 -11.89 8.44 10.25
N SER A 29 -12.88 9.00 9.58
CA SER A 29 -14.13 8.32 9.31
C SER A 29 -13.92 7.11 8.40
N SER A 30 -12.94 7.21 7.52
CA SER A 30 -12.68 6.16 6.54
C SER A 30 -11.63 5.17 7.05
N LEU A 31 -11.19 5.34 8.29
CA LEU A 31 -10.25 4.42 8.90
C LEU A 31 -10.98 3.19 9.43
N GLN A 32 -11.17 2.21 8.56
CA GLN A 32 -11.84 0.97 8.93
C GLN A 32 -11.09 -0.22 8.36
N VAL A 33 -10.40 -0.93 9.24
CA VAL A 33 -9.68 -2.14 8.85
C VAL A 33 -10.49 -3.38 9.18
N ASP A 34 -10.55 -4.32 8.26
CA ASP A 34 -11.25 -5.56 8.48
C ASP A 34 -10.53 -6.70 7.76
N ASP A 35 -11.12 -7.88 7.76
CA ASP A 35 -10.50 -9.05 7.15
C ASP A 35 -10.36 -8.88 5.64
N ASN A 36 -11.16 -7.99 5.08
CA ASN A 36 -11.10 -7.69 3.65
C ASN A 36 -10.19 -6.49 3.41
N HIS A 37 -10.48 -5.37 4.06
CA HIS A 37 -9.64 -4.18 3.93
C HIS A 37 -8.48 -4.27 4.89
N ARG A 38 -7.32 -4.69 4.40
CA ARG A 38 -6.16 -4.87 5.25
C ARG A 38 -5.12 -3.80 4.97
N ILE A 39 -4.78 -3.03 6.00
CA ILE A 39 -3.78 -1.99 5.85
C ILE A 39 -2.44 -2.48 6.36
N TYR A 40 -1.48 -2.58 5.45
CA TYR A 40 -0.12 -2.94 5.80
C TYR A 40 0.69 -1.69 6.02
N ALA A 41 1.27 -1.57 7.19
CA ALA A 41 2.05 -0.40 7.54
C ALA A 41 3.52 -0.75 7.59
N ALA A 42 4.30 -0.04 6.81
CA ALA A 42 5.73 -0.27 6.75
C ALA A 42 6.43 0.62 7.75
N ARG A 43 6.77 0.03 8.89
CA ARG A 43 7.35 0.76 9.99
C ARG A 43 8.86 0.67 9.93
N PHE A 44 9.51 1.80 9.73
CA PHE A 44 10.96 1.82 9.63
C PHE A 44 11.54 2.21 10.98
N ASN A 45 11.77 1.18 11.78
CA ASN A 45 12.37 1.32 13.12
C ASN A 45 11.40 1.96 14.11
N GLU A 46 11.05 3.22 13.88
CA GLU A 46 10.22 3.96 14.83
C GLU A 46 8.80 4.20 14.32
N ARG A 47 8.67 4.75 13.10
CA ARG A 47 7.37 5.18 12.61
C ARG A 47 7.04 4.58 11.25
N LEU A 48 5.83 4.82 10.79
CA LEU A 48 5.34 4.24 9.55
C LEU A 48 5.73 5.11 8.37
N LEU A 49 6.63 4.61 7.53
CA LEU A 49 7.08 5.36 6.36
C LEU A 49 6.17 5.10 5.17
N ALA A 50 5.62 3.89 5.11
CA ALA A 50 4.76 3.51 4.01
C ALA A 50 3.43 2.97 4.53
N ALA A 51 2.34 3.46 3.96
CA ALA A 51 1.02 2.98 4.31
C ALA A 51 0.28 2.50 3.06
N VAL A 52 -0.02 1.21 3.01
CA VAL A 52 -0.69 0.64 1.86
C VAL A 52 -1.95 -0.13 2.28
N ARG A 53 -3.03 0.05 1.53
CA ARG A 53 -4.28 -0.63 1.80
C ARG A 53 -4.59 -1.64 0.72
N VAL A 54 -4.62 -2.90 1.08
CA VAL A 54 -4.99 -3.95 0.14
C VAL A 54 -6.38 -4.48 0.48
N THR A 55 -7.34 -4.12 -0.35
CA THR A 55 -8.71 -4.57 -0.17
C THR A 55 -8.91 -5.91 -0.87
N LEU A 56 -9.03 -6.97 -0.07
CA LEU A 56 -9.24 -8.30 -0.61
C LEU A 56 -10.72 -8.50 -0.94
N SER A 57 -11.01 -8.46 -2.23
CA SER A 57 -12.36 -8.66 -2.71
C SER A 57 -12.49 -10.06 -3.28
N GLY A 58 -13.16 -10.93 -2.55
CA GLY A 58 -13.24 -12.33 -2.93
C GLY A 58 -11.90 -13.01 -2.74
N THR A 59 -11.13 -13.11 -3.81
CA THR A 59 -9.78 -13.67 -3.74
C THR A 59 -8.78 -12.71 -4.38
N GLU A 60 -9.25 -11.56 -4.82
CA GLU A 60 -8.40 -10.62 -5.53
C GLU A 60 -8.03 -9.44 -4.64
N GLY A 61 -6.79 -8.99 -4.76
CA GLY A 61 -6.32 -7.91 -3.92
C GLY A 61 -6.31 -6.58 -4.65
N ALA A 62 -7.17 -5.68 -4.23
CA ALA A 62 -7.24 -4.35 -4.81
C ALA A 62 -6.62 -3.32 -3.87
N LEU A 63 -5.50 -2.77 -4.28
CA LEU A 63 -4.79 -1.79 -3.46
C LEU A 63 -5.22 -0.39 -3.84
N ASP A 64 -5.94 0.26 -2.95
CA ASP A 64 -6.53 1.56 -3.23
C ASP A 64 -5.66 2.70 -2.71
N SER A 65 -5.01 2.49 -1.59
CA SER A 65 -4.20 3.53 -0.98
C SER A 65 -2.76 3.08 -0.84
N LEU A 66 -1.85 3.89 -1.38
CA LEU A 66 -0.42 3.62 -1.26
C LEU A 66 0.35 4.93 -1.17
N ARG A 67 0.76 5.29 0.03
CA ARG A 67 1.51 6.52 0.24
C ARG A 67 2.76 6.26 1.08
N VAL A 68 3.91 6.43 0.46
CA VAL A 68 5.17 6.38 1.16
C VAL A 68 5.77 7.79 1.19
N ARG A 69 6.28 8.21 2.33
CA ARG A 69 6.75 9.58 2.45
C ARG A 69 8.21 9.76 2.02
N GLU A 70 8.70 10.99 2.19
CA GLU A 70 9.94 11.48 1.59
C GLU A 70 11.17 10.62 1.90
N VAL A 71 11.17 9.92 3.03
CA VAL A 71 12.34 9.15 3.44
C VAL A 71 12.64 8.00 2.48
N THR A 72 11.60 7.47 1.86
CA THR A 72 11.74 6.28 1.03
C THR A 72 11.82 6.66 -0.45
N ARG A 73 12.40 7.81 -0.73
CA ARG A 73 12.52 8.33 -2.09
C ARG A 73 13.42 7.44 -2.95
N ARG A 74 12.78 6.55 -3.73
CA ARG A 74 13.46 5.75 -4.76
C ARG A 74 14.67 5.00 -4.20
N ARG A 75 14.41 3.88 -3.55
CA ARG A 75 15.48 3.10 -2.92
C ARG A 75 15.29 1.60 -3.18
N GLY A 76 14.13 1.09 -2.85
CA GLY A 76 13.87 -0.33 -2.99
C GLY A 76 12.77 -0.80 -2.07
N VAL A 77 12.53 -0.03 -1.02
CA VAL A 77 11.47 -0.33 -0.05
C VAL A 77 10.11 -0.46 -0.74
N GLY A 78 9.81 0.45 -1.67
CA GLY A 78 8.55 0.38 -2.39
C GLY A 78 8.33 -0.95 -3.07
N GLN A 79 9.34 -1.42 -3.81
CA GLN A 79 9.27 -2.72 -4.47
C GLN A 79 9.08 -3.83 -3.43
N TYR A 80 9.95 -3.85 -2.43
CA TYR A 80 9.93 -4.90 -1.42
C TYR A 80 8.59 -4.94 -0.70
N LEU A 81 8.06 -3.77 -0.37
CA LEU A 81 6.77 -3.67 0.30
C LEU A 81 5.71 -4.44 -0.49
N LEU A 82 5.59 -4.14 -1.77
CA LEU A 82 4.58 -4.77 -2.61
C LEU A 82 4.90 -6.23 -2.86
N GLU A 83 6.16 -6.52 -3.19
CA GLU A 83 6.56 -7.89 -3.48
C GLU A 83 6.39 -8.78 -2.26
N GLU A 84 6.57 -8.22 -1.07
CA GLU A 84 6.34 -8.95 0.17
C GLU A 84 4.86 -9.26 0.34
N VAL A 85 4.01 -8.29 0.01
CA VAL A 85 2.56 -8.50 0.07
C VAL A 85 2.12 -9.57 -0.94
N LEU A 86 2.65 -9.48 -2.15
CA LEU A 86 2.34 -10.43 -3.21
C LEU A 86 2.96 -11.80 -2.92
N ARG A 87 3.97 -11.81 -2.07
CA ARG A 87 4.64 -13.05 -1.67
C ARG A 87 3.91 -13.68 -0.49
N ASN A 88 3.30 -12.85 0.34
CA ASN A 88 2.54 -13.30 1.49
C ASN A 88 1.34 -14.13 1.04
N ASN A 89 0.54 -13.57 0.16
CA ASN A 89 -0.63 -14.27 -0.35
C ASN A 89 -0.53 -14.48 -1.85
N PRO A 90 -0.15 -15.70 -2.28
CA PRO A 90 -0.07 -16.06 -3.69
C PRO A 90 -1.43 -16.45 -4.27
N GLY A 91 -2.44 -16.52 -3.40
CA GLY A 91 -3.76 -16.92 -3.82
C GLY A 91 -4.56 -15.79 -4.41
N VAL A 92 -3.95 -15.05 -5.33
CA VAL A 92 -4.59 -13.95 -6.01
C VAL A 92 -4.28 -14.02 -7.50
N SER A 93 -5.29 -13.84 -8.34
CA SER A 93 -5.07 -13.92 -9.78
C SER A 93 -4.87 -12.53 -10.37
N CYS A 94 -5.53 -11.54 -9.80
CA CYS A 94 -5.41 -10.17 -10.27
C CYS A 94 -5.13 -9.21 -9.13
N TRP A 95 -3.94 -8.61 -9.16
CA TRP A 95 -3.60 -7.57 -8.21
C TRP A 95 -3.98 -6.21 -8.80
N TRP A 96 -4.96 -5.58 -8.19
CA TRP A 96 -5.54 -4.37 -8.72
C TRP A 96 -4.92 -3.14 -8.07
N MET A 97 -4.44 -2.23 -8.89
CA MET A 97 -3.92 -0.96 -8.42
C MET A 97 -4.90 0.14 -8.78
N ALA A 98 -5.46 0.76 -7.74
CA ALA A 98 -6.57 1.69 -7.93
C ALA A 98 -6.12 3.14 -7.91
N ASP A 99 -7.07 4.02 -8.20
CA ASP A 99 -6.83 5.45 -8.24
C ASP A 99 -7.88 6.16 -7.40
N ALA A 100 -7.52 6.38 -6.16
CA ALA A 100 -8.35 7.15 -5.24
C ALA A 100 -7.97 8.63 -5.26
N GLY A 101 -7.42 9.08 -6.38
CA GLY A 101 -6.98 10.46 -6.49
C GLY A 101 -5.47 10.55 -6.55
N VAL A 102 -4.88 9.72 -7.38
CA VAL A 102 -3.43 9.66 -7.52
C VAL A 102 -2.92 10.81 -8.37
N GLU A 103 -2.43 11.86 -7.70
CA GLU A 103 -1.83 13.00 -8.39
C GLU A 103 -0.48 12.60 -8.98
N ASP A 104 0.20 11.70 -8.29
CA ASP A 104 1.51 11.21 -8.72
C ASP A 104 1.35 10.15 -9.81
N ARG A 105 0.51 10.48 -10.78
CA ARG A 105 0.11 9.55 -11.83
C ARG A 105 1.30 9.03 -12.62
N GLY A 106 2.06 9.94 -13.20
CA GLY A 106 3.17 9.56 -14.06
C GLY A 106 4.24 8.79 -13.31
N VAL A 107 4.56 9.26 -12.11
CA VAL A 107 5.57 8.62 -11.27
C VAL A 107 5.21 7.16 -10.99
N MET A 108 3.95 6.93 -10.61
CA MET A 108 3.50 5.59 -10.29
C MET A 108 3.38 4.73 -11.55
N THR A 109 3.04 5.36 -12.66
CA THR A 109 2.97 4.65 -13.93
C THR A 109 4.32 4.04 -14.27
N ALA A 110 5.38 4.83 -14.07
CA ALA A 110 6.74 4.37 -14.32
C ALA A 110 7.11 3.24 -13.36
N PHE A 111 6.70 3.38 -12.10
CA PHE A 111 6.98 2.38 -11.08
C PHE A 111 6.25 1.07 -11.37
N MET A 112 4.94 1.16 -11.58
CA MET A 112 4.11 -0.02 -11.82
C MET A 112 4.61 -0.81 -13.01
N GLN A 113 4.84 -0.14 -14.13
CA GLN A 113 5.27 -0.81 -15.34
C GLN A 113 6.66 -1.43 -15.17
N ALA A 114 7.49 -0.79 -14.36
CA ALA A 114 8.83 -1.30 -14.10
C ALA A 114 8.79 -2.52 -13.18
N LEU A 115 7.80 -2.56 -12.30
CA LEU A 115 7.66 -3.66 -11.36
C LEU A 115 6.84 -4.79 -11.97
N GLY A 116 6.22 -4.52 -13.12
CA GLY A 116 5.49 -5.54 -13.83
C GLY A 116 4.01 -5.52 -13.56
N PHE A 117 3.45 -4.33 -13.41
CA PHE A 117 2.00 -4.18 -13.26
C PHE A 117 1.38 -3.78 -14.57
N THR A 118 0.76 -4.74 -15.25
CA THR A 118 0.08 -4.46 -16.50
C THR A 118 -1.07 -3.49 -16.30
N THR A 119 -1.28 -2.62 -17.27
CA THR A 119 -2.28 -1.58 -17.15
C THR A 119 -3.58 -1.95 -17.86
N GLN A 120 -4.70 -1.69 -17.20
CA GLN A 120 -6.02 -1.99 -17.76
C GLN A 120 -6.44 -0.92 -18.77
N GLN A 121 -5.49 -0.08 -19.15
CA GLN A 121 -5.76 1.09 -19.98
C GLN A 121 -6.67 2.06 -19.21
N GLY A 122 -6.54 2.01 -17.89
CA GLY A 122 -7.28 2.88 -17.01
C GLY A 122 -6.72 2.79 -15.61
N GLY A 123 -6.85 1.62 -15.02
CA GLY A 123 -6.17 1.32 -13.76
C GLY A 123 -5.06 0.32 -13.99
N TRP A 124 -4.49 -0.23 -12.93
CA TRP A 124 -3.45 -1.23 -13.08
C TRP A 124 -3.93 -2.58 -12.55
N GLU A 125 -3.50 -3.65 -13.19
CA GLU A 125 -3.88 -5.00 -12.79
C GLU A 125 -2.76 -5.98 -13.12
N LYS A 126 -2.17 -6.56 -12.11
CA LYS A 126 -1.11 -7.54 -12.31
C LYS A 126 -1.68 -8.95 -12.24
N CYS A 127 -1.70 -9.63 -13.37
CA CYS A 127 -2.24 -10.98 -13.44
C CYS A 127 -1.16 -12.02 -13.13
N GLY A 128 -1.10 -12.44 -11.88
CA GLY A 128 -0.11 -13.43 -11.46
C GLY A 128 1.20 -12.80 -11.03
N MET A 1 18.78 -3.43 9.39
CA MET A 1 17.31 -3.27 9.60
C MET A 1 16.56 -3.66 8.34
N LYS A 2 15.44 -4.34 8.52
CA LYS A 2 14.58 -4.71 7.41
C LYS A 2 13.29 -3.91 7.46
N LEU A 3 12.54 -3.90 6.38
CA LEU A 3 11.26 -3.23 6.34
C LEU A 3 10.20 -4.14 6.94
N THR A 4 9.86 -3.91 8.20
CA THR A 4 8.87 -4.72 8.88
C THR A 4 7.47 -4.24 8.54
N ILE A 5 6.85 -4.88 7.57
CA ILE A 5 5.50 -4.51 7.18
C ILE A 5 4.48 -5.51 7.72
N ILE A 6 3.53 -4.99 8.47
CA ILE A 6 2.47 -5.81 9.05
C ILE A 6 1.12 -5.17 8.76
N ARG A 7 0.06 -5.82 9.19
CA ARG A 7 -1.27 -5.27 9.00
C ARG A 7 -1.70 -4.49 10.24
N LEU A 8 -2.46 -3.44 10.04
CA LEU A 8 -2.96 -2.63 11.14
C LEU A 8 -4.09 -3.35 11.87
N GLU A 9 -3.74 -3.99 12.97
CA GLU A 9 -4.71 -4.65 13.83
C GLU A 9 -4.90 -3.83 15.10
N LYS A 10 -3.88 -3.05 15.41
CA LYS A 10 -3.81 -2.32 16.66
C LYS A 10 -3.61 -0.85 16.39
N PHE A 11 -4.49 -0.02 16.92
CA PHE A 11 -4.41 1.42 16.70
C PHE A 11 -4.25 2.15 18.04
N SER A 12 -3.00 2.39 18.43
CA SER A 12 -2.74 3.16 19.63
C SER A 12 -2.78 4.65 19.31
N ASP A 13 -2.68 5.48 20.33
CA ASP A 13 -2.75 6.93 20.16
C ASP A 13 -1.62 7.45 19.28
N GLN A 14 -0.38 7.10 19.64
CA GLN A 14 0.77 7.56 18.89
C GLN A 14 0.85 6.84 17.54
N ASP A 15 0.28 5.64 17.48
CA ASP A 15 0.18 4.91 16.23
C ASP A 15 -0.67 5.70 15.26
N ARG A 16 -1.77 6.27 15.76
CA ARG A 16 -2.61 7.14 14.97
C ARG A 16 -1.84 8.40 14.58
N ILE A 17 -1.05 8.91 15.53
CA ILE A 17 -0.28 10.14 15.30
C ILE A 17 0.67 9.99 14.12
N ASP A 18 1.34 8.84 14.02
CA ASP A 18 2.29 8.61 12.94
C ASP A 18 1.55 8.50 11.60
N LEU A 19 0.40 7.85 11.62
CA LEU A 19 -0.47 7.78 10.45
C LEU A 19 -1.00 9.17 10.11
N GLN A 20 -1.18 9.98 11.15
CA GLN A 20 -1.68 11.34 10.99
C GLN A 20 -0.56 12.27 10.53
N LYS A 21 0.67 11.76 10.55
CA LYS A 21 1.79 12.45 9.93
C LYS A 21 1.80 12.16 8.45
N ILE A 22 1.33 10.96 8.09
CA ILE A 22 1.14 10.58 6.70
C ILE A 22 -0.05 11.34 6.12
N TRP A 23 -1.15 11.36 6.87
CA TRP A 23 -2.34 12.11 6.48
C TRP A 23 -2.63 13.18 7.52
N PRO A 24 -2.18 14.42 7.27
CA PRO A 24 -2.32 15.54 8.23
C PRO A 24 -3.75 15.82 8.64
N GLU A 25 -4.69 15.47 7.77
CA GLU A 25 -6.10 15.66 8.04
C GLU A 25 -6.89 14.49 7.48
N TYR A 26 -7.00 13.44 8.28
CA TYR A 26 -7.66 12.22 7.84
C TYR A 26 -8.78 11.81 8.80
N SER A 27 -9.98 11.69 8.26
CA SER A 27 -11.09 11.14 9.01
C SER A 27 -11.11 9.62 8.84
N PRO A 28 -11.39 8.87 9.93
CA PRO A 28 -11.38 7.41 9.91
C PRO A 28 -12.30 6.82 8.84
N SER A 29 -11.73 6.48 7.70
CA SER A 29 -12.49 5.90 6.61
C SER A 29 -12.15 4.42 6.45
N SER A 30 -10.88 4.15 6.18
CA SER A 30 -10.43 2.78 6.00
C SER A 30 -9.82 2.25 7.29
N LEU A 31 -9.78 3.09 8.32
CA LEU A 31 -9.21 2.70 9.62
C LEU A 31 -10.00 1.55 10.22
N GLN A 32 -11.23 1.38 9.76
CA GLN A 32 -12.00 0.21 10.09
C GLN A 32 -11.47 -0.98 9.31
N VAL A 33 -10.63 -1.78 9.97
CA VAL A 33 -9.98 -2.89 9.30
C VAL A 33 -10.79 -4.15 9.44
N ASP A 34 -10.65 -5.02 8.47
CA ASP A 34 -11.44 -6.23 8.37
C ASP A 34 -10.63 -7.28 7.63
N ASP A 35 -11.12 -8.51 7.58
CA ASP A 35 -10.44 -9.55 6.85
C ASP A 35 -10.47 -9.25 5.35
N ASN A 36 -11.52 -8.55 4.92
CA ASN A 36 -11.65 -8.12 3.53
C ASN A 36 -11.01 -6.75 3.31
N HIS A 37 -11.07 -5.90 4.34
CA HIS A 37 -10.51 -4.55 4.26
C HIS A 37 -9.21 -4.48 5.04
N ARG A 38 -8.08 -4.57 4.35
CA ARG A 38 -6.80 -4.65 5.04
C ARG A 38 -5.94 -3.43 4.75
N ILE A 39 -5.27 -2.95 5.77
CA ILE A 39 -4.28 -1.90 5.61
C ILE A 39 -2.92 -2.42 6.07
N TYR A 40 -1.98 -2.50 5.15
CA TYR A 40 -0.64 -2.95 5.48
C TYR A 40 0.28 -1.76 5.66
N ALA A 41 0.99 -1.73 6.76
CA ALA A 41 1.85 -0.62 7.09
C ALA A 41 3.30 -1.07 7.18
N ALA A 42 4.13 -0.47 6.36
CA ALA A 42 5.54 -0.80 6.32
C ALA A 42 6.32 0.11 7.25
N ARG A 43 6.76 -0.46 8.36
CA ARG A 43 7.48 0.33 9.36
C ARG A 43 8.98 0.17 9.18
N PHE A 44 9.67 1.29 9.19
CA PHE A 44 11.11 1.29 9.11
C PHE A 44 11.67 1.51 10.50
N ASN A 45 12.18 0.42 11.10
CA ASN A 45 12.69 0.43 12.46
C ASN A 45 11.54 0.54 13.47
N GLU A 46 10.81 1.65 13.42
CA GLU A 46 9.77 1.91 14.40
C GLU A 46 8.49 2.44 13.75
N ARG A 47 8.59 3.56 13.03
CA ARG A 47 7.40 4.23 12.51
C ARG A 47 7.10 3.82 11.08
N LEU A 48 5.90 4.17 10.63
CA LEU A 48 5.39 3.70 9.35
C LEU A 48 5.75 4.66 8.22
N LEU A 49 6.70 4.26 7.40
CA LEU A 49 7.16 5.12 6.31
C LEU A 49 6.39 4.84 5.03
N ALA A 50 5.69 3.71 4.99
CA ALA A 50 4.91 3.34 3.82
C ALA A 50 3.54 2.79 4.23
N ALA A 51 2.49 3.37 3.69
CA ALA A 51 1.13 2.92 3.98
C ALA A 51 0.40 2.57 2.71
N VAL A 52 -0.21 1.38 2.68
CA VAL A 52 -0.94 0.93 1.51
C VAL A 52 -2.30 0.32 1.91
N ARG A 53 -3.33 0.71 1.19
CA ARG A 53 -4.67 0.16 1.42
C ARG A 53 -4.98 -0.93 0.42
N VAL A 54 -5.52 -2.05 0.89
CA VAL A 54 -5.88 -3.14 -0.01
C VAL A 54 -7.21 -3.79 0.38
N THR A 55 -8.11 -3.87 -0.57
CA THR A 55 -9.39 -4.53 -0.38
C THR A 55 -9.42 -5.84 -1.15
N LEU A 56 -9.50 -6.94 -0.43
CA LEU A 56 -9.49 -8.25 -1.05
C LEU A 56 -10.90 -8.64 -1.47
N SER A 57 -11.14 -8.60 -2.77
CA SER A 57 -12.41 -8.97 -3.35
C SER A 57 -12.37 -10.45 -3.76
N GLY A 58 -11.87 -11.28 -2.86
CA GLY A 58 -11.74 -12.69 -3.15
C GLY A 58 -10.44 -13.01 -3.86
N THR A 59 -10.53 -13.29 -5.15
CA THR A 59 -9.36 -13.60 -5.95
C THR A 59 -8.67 -12.32 -6.42
N GLU A 60 -9.40 -11.21 -6.36
CA GLU A 60 -8.92 -9.92 -6.82
C GLU A 60 -8.57 -9.03 -5.63
N GLY A 61 -7.31 -8.64 -5.54
CA GLY A 61 -6.89 -7.74 -4.49
C GLY A 61 -6.75 -6.33 -5.01
N ALA A 62 -7.59 -5.43 -4.53
CA ALA A 62 -7.60 -4.06 -4.99
C ALA A 62 -6.84 -3.14 -4.04
N LEU A 63 -5.65 -2.75 -4.43
CA LEU A 63 -4.84 -1.83 -3.65
C LEU A 63 -5.05 -0.41 -4.13
N ASP A 64 -5.67 0.41 -3.31
CA ASP A 64 -5.88 1.81 -3.63
C ASP A 64 -5.16 2.69 -2.61
N SER A 65 -4.53 3.73 -3.10
CA SER A 65 -3.76 4.65 -2.27
C SER A 65 -2.50 3.98 -1.71
N LEU A 66 -1.42 4.11 -2.46
CA LEU A 66 -0.11 3.70 -2.00
C LEU A 66 0.71 4.94 -1.71
N ARG A 67 1.00 5.20 -0.45
CA ARG A 67 1.70 6.41 -0.08
C ARG A 67 2.92 6.10 0.78
N VAL A 68 4.08 6.19 0.17
CA VAL A 68 5.33 6.08 0.88
C VAL A 68 5.89 7.48 1.10
N ARG A 69 6.54 7.70 2.24
CA ARG A 69 7.00 9.04 2.60
C ARG A 69 8.01 9.60 1.61
N GLU A 70 8.07 10.93 1.58
CA GLU A 70 8.74 11.71 0.53
C GLU A 70 10.15 11.22 0.19
N VAL A 71 10.91 10.87 1.22
CA VAL A 71 12.33 10.55 1.05
C VAL A 71 12.54 9.19 0.39
N THR A 72 11.49 8.38 0.32
CA THR A 72 11.61 7.02 -0.17
C THR A 72 11.47 6.93 -1.68
N ARG A 73 12.36 7.62 -2.39
CA ARG A 73 12.37 7.57 -3.84
C ARG A 73 13.66 6.94 -4.36
N ARG A 74 13.53 5.97 -5.26
CA ARG A 74 14.66 5.25 -5.84
C ARG A 74 15.58 4.70 -4.75
N ARG A 75 15.01 3.93 -3.83
CA ARG A 75 15.76 3.43 -2.70
C ARG A 75 15.47 1.95 -2.44
N GLY A 76 14.83 1.29 -3.40
CA GLY A 76 14.58 -0.14 -3.29
C GLY A 76 13.35 -0.49 -2.46
N VAL A 77 13.11 0.29 -1.42
CA VAL A 77 12.03 0.02 -0.46
C VAL A 77 10.69 -0.22 -1.15
N GLY A 78 10.38 0.58 -2.17
CA GLY A 78 9.12 0.44 -2.88
C GLY A 78 8.89 -0.94 -3.45
N GLN A 79 9.92 -1.49 -4.09
CA GLN A 79 9.84 -2.82 -4.69
C GLN A 79 9.65 -3.87 -3.61
N TYR A 80 10.52 -3.81 -2.60
CA TYR A 80 10.47 -4.72 -1.46
C TYR A 80 9.08 -4.71 -0.82
N LEU A 81 8.53 -3.50 -0.70
CA LEU A 81 7.22 -3.28 -0.12
C LEU A 81 6.14 -4.14 -0.79
N LEU A 82 5.86 -3.86 -2.05
CA LEU A 82 4.77 -4.53 -2.74
C LEU A 82 5.02 -6.02 -2.89
N GLU A 83 6.26 -6.39 -3.21
CA GLU A 83 6.58 -7.79 -3.43
C GLU A 83 6.35 -8.63 -2.17
N GLU A 84 6.65 -8.08 -1.00
CA GLU A 84 6.45 -8.82 0.24
C GLU A 84 4.95 -8.95 0.53
N VAL A 85 4.17 -7.97 0.13
CA VAL A 85 2.72 -8.05 0.25
C VAL A 85 2.19 -9.22 -0.59
N LEU A 86 2.70 -9.32 -1.82
CA LEU A 86 2.31 -10.42 -2.72
C LEU A 86 2.84 -11.76 -2.21
N ARG A 87 3.82 -11.72 -1.32
CA ARG A 87 4.33 -12.93 -0.68
C ARG A 87 3.43 -13.35 0.47
N ASN A 88 2.97 -12.38 1.25
CA ASN A 88 2.19 -12.66 2.44
C ASN A 88 0.73 -12.95 2.12
N ASN A 89 0.22 -12.36 1.06
CA ASN A 89 -1.15 -12.63 0.63
C ASN A 89 -1.19 -13.87 -0.26
N PRO A 90 -1.90 -14.91 0.18
CA PRO A 90 -1.91 -16.22 -0.47
C PRO A 90 -2.89 -16.31 -1.64
N GLY A 91 -4.18 -16.39 -1.33
CA GLY A 91 -5.18 -16.67 -2.34
C GLY A 91 -5.59 -15.45 -3.14
N VAL A 92 -4.61 -14.77 -3.71
CA VAL A 92 -4.89 -13.62 -4.57
C VAL A 92 -4.24 -13.84 -5.92
N SER A 93 -5.05 -13.95 -6.95
CA SER A 93 -4.55 -14.21 -8.30
C SER A 93 -4.60 -12.97 -9.18
N CYS A 94 -5.49 -12.04 -8.85
CA CYS A 94 -5.61 -10.82 -9.62
C CYS A 94 -5.27 -9.62 -8.76
N TRP A 95 -4.09 -9.04 -8.99
CA TRP A 95 -3.66 -7.87 -8.25
C TRP A 95 -4.04 -6.60 -9.01
N TRP A 96 -4.97 -5.86 -8.45
CA TRP A 96 -5.44 -4.63 -9.05
C TRP A 96 -4.99 -3.46 -8.20
N MET A 97 -4.27 -2.53 -8.80
CA MET A 97 -3.79 -1.37 -8.07
C MET A 97 -4.37 -0.11 -8.67
N ALA A 98 -5.16 0.61 -7.88
CA ALA A 98 -5.93 1.75 -8.38
C ALA A 98 -5.20 3.07 -8.16
N ASP A 99 -5.40 4.00 -9.09
CA ASP A 99 -4.78 5.32 -9.00
C ASP A 99 -5.78 6.34 -8.46
N ALA A 100 -6.87 5.84 -7.89
CA ALA A 100 -7.92 6.70 -7.34
C ALA A 100 -7.36 7.64 -6.29
N GLY A 101 -6.72 7.08 -5.27
CA GLY A 101 -6.11 7.88 -4.24
C GLY A 101 -4.62 8.07 -4.46
N VAL A 102 -4.24 8.37 -5.69
CA VAL A 102 -2.84 8.59 -6.04
C VAL A 102 -2.68 9.82 -6.93
N GLU A 103 -2.26 10.93 -6.34
CA GLU A 103 -2.04 12.16 -7.10
C GLU A 103 -0.86 12.01 -8.05
N ASP A 104 0.21 11.38 -7.57
CA ASP A 104 1.40 11.16 -8.38
C ASP A 104 1.25 9.91 -9.23
N ARG A 105 0.22 9.92 -10.07
CA ARG A 105 -0.09 8.78 -10.93
C ARG A 105 1.03 8.52 -11.92
N GLY A 106 1.62 9.58 -12.47
CA GLY A 106 2.66 9.44 -13.48
C GLY A 106 3.87 8.68 -12.97
N VAL A 107 4.42 9.15 -11.86
CA VAL A 107 5.58 8.49 -11.25
C VAL A 107 5.25 7.05 -10.88
N MET A 108 4.06 6.86 -10.31
CA MET A 108 3.63 5.54 -9.88
C MET A 108 3.39 4.62 -11.08
N THR A 109 3.05 5.20 -12.22
CA THR A 109 2.88 4.44 -13.45
C THR A 109 4.18 3.76 -13.84
N ALA A 110 5.25 4.55 -13.91
CA ALA A 110 6.57 4.03 -14.25
C ALA A 110 7.05 3.07 -13.18
N PHE A 111 6.72 3.38 -11.93
CA PHE A 111 7.06 2.54 -10.79
C PHE A 111 6.42 1.16 -10.91
N MET A 112 5.10 1.13 -11.03
CA MET A 112 4.38 -0.13 -11.05
C MET A 112 4.68 -0.93 -12.32
N GLN A 113 4.92 -0.22 -13.42
CA GLN A 113 5.26 -0.89 -14.67
C GLN A 113 6.58 -1.64 -14.52
N ALA A 114 7.52 -1.04 -13.79
CA ALA A 114 8.81 -1.67 -13.51
C ALA A 114 8.61 -2.90 -12.64
N LEU A 115 7.58 -2.87 -11.79
CA LEU A 115 7.23 -4.03 -10.97
C LEU A 115 6.35 -5.01 -11.75
N GLY A 116 6.09 -4.71 -13.02
CA GLY A 116 5.40 -5.64 -13.88
C GLY A 116 3.89 -5.47 -13.88
N PHE A 117 3.41 -4.28 -13.51
CA PHE A 117 1.97 -4.02 -13.53
C PHE A 117 1.57 -3.40 -14.86
N THR A 118 0.48 -3.91 -15.43
CA THR A 118 0.00 -3.45 -16.72
C THR A 118 -0.99 -2.29 -16.54
N THR A 119 -0.98 -1.34 -17.46
CA THR A 119 -1.89 -0.20 -17.38
C THR A 119 -3.11 -0.44 -18.27
N GLN A 120 -4.29 -0.49 -17.67
CA GLN A 120 -5.50 -0.77 -18.42
C GLN A 120 -6.54 0.33 -18.26
N GLN A 121 -7.44 0.13 -17.30
CA GLN A 121 -8.52 1.07 -17.04
C GLN A 121 -8.96 0.93 -15.60
N GLY A 122 -8.93 2.03 -14.87
CA GLY A 122 -9.22 1.98 -13.44
C GLY A 122 -7.97 1.70 -12.64
N GLY A 123 -6.83 1.78 -13.29
CA GLY A 123 -5.57 1.59 -12.62
C GLY A 123 -4.70 0.54 -13.29
N TRP A 124 -3.86 -0.09 -12.48
CA TRP A 124 -2.95 -1.11 -12.95
C TRP A 124 -3.49 -2.49 -12.60
N GLU A 125 -3.15 -3.47 -13.42
CA GLU A 125 -3.55 -4.85 -13.15
C GLU A 125 -2.37 -5.79 -13.35
N LYS A 126 -2.19 -6.70 -12.41
CA LYS A 126 -1.23 -7.77 -12.55
C LYS A 126 -1.86 -9.08 -12.07
N CYS A 127 -2.43 -9.81 -12.99
CA CYS A 127 -3.09 -11.07 -12.69
C CYS A 127 -2.20 -12.24 -13.08
N GLY A 128 -2.21 -13.29 -12.26
CA GLY A 128 -1.43 -14.46 -12.55
C GLY A 128 -1.00 -15.18 -11.28
N MET A 1 18.29 -6.96 4.92
CA MET A 1 17.21 -6.10 5.47
C MET A 1 15.86 -6.48 4.86
N LYS A 2 14.95 -6.95 5.70
CA LYS A 2 13.59 -7.19 5.26
C LYS A 2 12.66 -6.18 5.90
N LEU A 3 11.76 -5.62 5.10
CA LEU A 3 10.83 -4.62 5.57
C LEU A 3 9.71 -5.29 6.38
N THR A 4 9.56 -4.86 7.62
CA THR A 4 8.54 -5.44 8.47
C THR A 4 7.23 -4.66 8.36
N ILE A 5 6.18 -5.35 7.98
CA ILE A 5 4.88 -4.74 7.80
C ILE A 5 3.88 -5.32 8.78
N ILE A 6 3.23 -4.46 9.53
CA ILE A 6 2.24 -4.89 10.51
C ILE A 6 0.85 -4.63 9.96
N ARG A 7 -0.10 -5.43 10.38
CA ARG A 7 -1.48 -5.25 9.98
C ARG A 7 -2.21 -4.45 11.05
N LEU A 8 -2.49 -3.20 10.74
CA LEU A 8 -3.16 -2.32 11.68
C LEU A 8 -4.64 -2.66 11.74
N GLU A 9 -4.96 -3.64 12.56
CA GLU A 9 -6.32 -4.07 12.74
C GLU A 9 -7.03 -3.17 13.74
N LYS A 10 -6.22 -2.57 14.62
CA LYS A 10 -6.70 -1.69 15.67
C LYS A 10 -5.65 -0.62 15.93
N PHE A 11 -6.04 0.64 15.80
CA PHE A 11 -5.07 1.73 15.90
C PHE A 11 -5.01 2.26 17.32
N SER A 12 -3.80 2.45 17.82
CA SER A 12 -3.61 3.18 19.06
C SER A 12 -3.75 4.67 18.77
N ASP A 13 -3.72 5.50 19.80
CA ASP A 13 -3.86 6.94 19.59
C ASP A 13 -2.67 7.48 18.81
N GLN A 14 -1.47 7.07 19.19
CA GLN A 14 -0.26 7.48 18.49
C GLN A 14 -0.27 6.97 17.06
N ASP A 15 -0.73 5.72 16.89
CA ASP A 15 -0.81 5.09 15.58
C ASP A 15 -1.66 5.93 14.65
N ARG A 16 -2.85 6.30 15.11
CA ARG A 16 -3.79 7.05 14.29
C ARG A 16 -3.25 8.45 14.00
N ILE A 17 -2.45 8.98 14.92
CA ILE A 17 -1.86 10.30 14.74
C ILE A 17 -0.73 10.26 13.70
N ASP A 18 0.07 9.19 13.71
CA ASP A 18 1.13 9.04 12.71
C ASP A 18 0.51 8.77 11.35
N LEU A 19 -0.60 8.04 11.35
CA LEU A 19 -1.38 7.83 10.13
C LEU A 19 -1.95 9.14 9.63
N GLN A 20 -2.28 10.04 10.56
CA GLN A 20 -2.79 11.36 10.22
C GLN A 20 -1.69 12.23 9.61
N LYS A 21 -0.45 11.90 9.92
CA LYS A 21 0.69 12.56 9.28
C LYS A 21 0.78 12.13 7.82
N ILE A 22 0.49 10.84 7.60
CA ILE A 22 0.49 10.28 6.25
C ILE A 22 -0.75 10.74 5.48
N TRP A 23 -1.90 10.73 6.14
CA TRP A 23 -3.14 11.21 5.54
C TRP A 23 -3.72 12.33 6.38
N PRO A 24 -3.34 13.59 6.09
CA PRO A 24 -3.78 14.75 6.87
C PRO A 24 -5.29 14.94 6.80
N GLU A 25 -5.85 14.72 5.62
CA GLU A 25 -7.26 14.91 5.39
C GLU A 25 -7.83 13.72 4.62
N TYR A 26 -8.15 12.66 5.35
CA TYR A 26 -8.66 11.44 4.75
C TYR A 26 -9.96 11.04 5.45
N SER A 27 -10.84 10.36 4.73
CA SER A 27 -12.11 9.92 5.27
C SER A 27 -11.93 8.94 6.43
N PRO A 28 -12.39 9.32 7.63
CA PRO A 28 -12.23 8.53 8.86
C PRO A 28 -12.93 7.18 8.78
N SER A 29 -14.09 7.13 8.13
CA SER A 29 -14.86 5.91 8.01
C SER A 29 -14.15 4.89 7.11
N SER A 30 -13.27 5.38 6.25
CA SER A 30 -12.53 4.52 5.34
C SER A 30 -11.38 3.84 6.07
N LEU A 31 -11.15 4.25 7.31
CA LEU A 31 -10.12 3.65 8.15
C LEU A 31 -10.67 2.39 8.83
N GLN A 32 -11.78 1.88 8.33
CA GLN A 32 -12.38 0.67 8.85
C GLN A 32 -11.53 -0.53 8.43
N VAL A 33 -11.16 -1.34 9.39
CA VAL A 33 -10.29 -2.49 9.16
C VAL A 33 -11.04 -3.79 9.37
N ASP A 34 -11.06 -4.62 8.34
CA ASP A 34 -11.79 -5.87 8.37
C ASP A 34 -11.05 -6.89 7.50
N ASP A 35 -11.66 -8.04 7.26
CA ASP A 35 -11.04 -9.06 6.42
C ASP A 35 -11.01 -8.59 4.97
N ASN A 36 -12.02 -7.80 4.60
CA ASN A 36 -12.14 -7.28 3.25
C ASN A 36 -11.31 -6.00 3.07
N HIS A 37 -10.76 -5.48 4.16
CA HIS A 37 -9.98 -4.25 4.08
C HIS A 37 -8.95 -4.20 5.19
N ARG A 38 -7.73 -4.59 4.87
CA ARG A 38 -6.66 -4.62 5.86
C ARG A 38 -5.62 -3.56 5.55
N ILE A 39 -5.19 -2.85 6.58
CA ILE A 39 -4.19 -1.82 6.42
C ILE A 39 -2.82 -2.33 6.86
N TYR A 40 -1.88 -2.35 5.93
CA TYR A 40 -0.53 -2.78 6.23
C TYR A 40 0.38 -1.59 6.41
N ALA A 41 1.05 -1.56 7.55
CA ALA A 41 1.97 -0.49 7.87
C ALA A 41 3.40 -0.98 7.80
N ALA A 42 4.18 -0.37 6.91
CA ALA A 42 5.55 -0.77 6.70
C ALA A 42 6.47 0.05 7.59
N ARG A 43 7.12 -0.61 8.54
CA ARG A 43 7.95 0.09 9.50
C ARG A 43 9.42 -0.18 9.25
N PHE A 44 10.20 0.88 9.23
CA PHE A 44 11.63 0.77 9.05
C PHE A 44 12.31 0.83 10.41
N ASN A 45 12.73 -0.32 10.91
CA ASN A 45 13.40 -0.46 12.21
C ASN A 45 12.40 -0.30 13.37
N GLU A 46 11.50 0.66 13.26
CA GLU A 46 10.46 0.87 14.27
C GLU A 46 9.29 1.67 13.70
N ARG A 47 9.60 2.86 13.18
CA ARG A 47 8.57 3.81 12.77
C ARG A 47 8.10 3.53 11.35
N LEU A 48 6.87 3.92 11.07
CA LEU A 48 6.25 3.63 9.78
C LEU A 48 6.89 4.46 8.68
N LEU A 49 7.42 3.79 7.66
CA LEU A 49 8.05 4.49 6.56
C LEU A 49 7.14 4.45 5.33
N ALA A 50 6.15 3.57 5.37
CA ALA A 50 5.20 3.45 4.26
C ALA A 50 3.87 2.90 4.77
N ALA A 51 2.79 3.28 4.11
CA ALA A 51 1.47 2.82 4.49
C ALA A 51 0.67 2.41 3.27
N VAL A 52 0.17 1.19 3.28
CA VAL A 52 -0.60 0.65 2.17
C VAL A 52 -1.85 -0.06 2.69
N ARG A 53 -2.97 0.14 2.01
CA ARG A 53 -4.21 -0.50 2.41
C ARG A 53 -4.70 -1.39 1.29
N VAL A 54 -5.10 -2.61 1.63
CA VAL A 54 -5.56 -3.56 0.63
C VAL A 54 -7.00 -4.00 0.92
N THR A 55 -7.84 -3.84 -0.09
CA THR A 55 -9.20 -4.31 -0.03
C THR A 55 -9.28 -5.73 -0.56
N LEU A 56 -9.21 -6.70 0.35
CA LEU A 56 -9.24 -8.10 -0.03
C LEU A 56 -10.66 -8.56 -0.31
N SER A 57 -11.06 -8.47 -1.55
CA SER A 57 -12.40 -8.85 -1.96
C SER A 57 -12.41 -10.30 -2.42
N GLY A 58 -12.53 -11.22 -1.47
CA GLY A 58 -12.50 -12.63 -1.79
C GLY A 58 -11.11 -13.07 -2.21
N THR A 59 -10.91 -13.21 -3.52
CA THR A 59 -9.61 -13.56 -4.05
C THR A 59 -9.03 -12.41 -4.86
N GLU A 60 -9.72 -11.27 -4.81
CA GLU A 60 -9.30 -10.08 -5.53
C GLU A 60 -8.61 -9.10 -4.59
N GLY A 61 -7.30 -8.92 -4.77
CA GLY A 61 -6.56 -8.02 -3.92
C GLY A 61 -6.44 -6.64 -4.54
N ALA A 62 -7.34 -5.75 -4.19
CA ALA A 62 -7.34 -4.40 -4.72
C ALA A 62 -6.73 -3.43 -3.71
N LEU A 63 -5.69 -2.72 -4.12
CA LEU A 63 -5.04 -1.78 -3.22
C LEU A 63 -5.62 -0.39 -3.42
N ASP A 64 -6.20 0.14 -2.35
CA ASP A 64 -6.99 1.36 -2.42
C ASP A 64 -6.21 2.58 -1.92
N SER A 65 -5.08 2.37 -1.27
CA SER A 65 -4.28 3.48 -0.78
C SER A 65 -2.81 3.07 -0.62
N LEU A 66 -1.92 3.92 -1.11
CA LEU A 66 -0.48 3.67 -1.02
C LEU A 66 0.29 4.99 -0.91
N ARG A 67 0.95 5.18 0.23
CA ARG A 67 1.84 6.34 0.40
C ARG A 67 3.11 5.91 1.12
N VAL A 68 4.25 6.34 0.60
CA VAL A 68 5.52 6.14 1.28
C VAL A 68 5.95 7.48 1.89
N ARG A 69 6.71 7.42 2.97
CA ARG A 69 7.09 8.64 3.69
C ARG A 69 8.12 9.44 2.89
N GLU A 70 8.15 10.75 3.15
CA GLU A 70 8.90 11.73 2.36
C GLU A 70 10.31 11.27 1.98
N VAL A 71 11.06 10.75 2.93
CA VAL A 71 12.47 10.45 2.74
C VAL A 71 12.72 9.12 2.01
N THR A 72 11.77 8.69 1.20
CA THR A 72 11.89 7.41 0.50
C THR A 72 11.72 7.58 -1.01
N ARG A 73 12.10 8.76 -1.51
CA ARG A 73 11.95 9.06 -2.93
C ARG A 73 12.89 8.19 -3.77
N ARG A 74 12.31 7.23 -4.51
CA ARG A 74 13.08 6.36 -5.39
C ARG A 74 14.17 5.62 -4.62
N ARG A 75 13.82 5.15 -3.43
CA ARG A 75 14.79 4.58 -2.53
C ARG A 75 14.62 3.07 -2.42
N GLY A 76 13.95 2.47 -3.40
CA GLY A 76 13.82 1.03 -3.46
C GLY A 76 12.73 0.46 -2.55
N VAL A 77 12.65 1.02 -1.34
CA VAL A 77 11.70 0.54 -0.31
C VAL A 77 10.29 0.34 -0.87
N GLY A 78 9.79 1.31 -1.62
CA GLY A 78 8.45 1.22 -2.18
C GLY A 78 8.23 -0.03 -3.02
N GLN A 79 9.22 -0.37 -3.84
CA GLN A 79 9.12 -1.53 -4.71
C GLN A 79 9.15 -2.82 -3.90
N TYR A 80 9.98 -2.82 -2.86
CA TYR A 80 10.08 -3.99 -1.99
C TYR A 80 8.79 -4.17 -1.20
N LEU A 81 8.20 -3.06 -0.76
CA LEU A 81 6.94 -3.08 -0.03
C LEU A 81 5.87 -3.84 -0.80
N LEU A 82 5.60 -3.42 -2.03
CA LEU A 82 4.59 -4.06 -2.85
C LEU A 82 4.91 -5.52 -3.10
N GLU A 83 6.16 -5.80 -3.44
CA GLU A 83 6.57 -7.15 -3.77
C GLU A 83 6.52 -8.07 -2.54
N GLU A 84 6.88 -7.54 -1.38
CA GLU A 84 6.88 -8.30 -0.13
C GLU A 84 5.47 -8.82 0.16
N VAL A 85 4.48 -7.94 0.04
CA VAL A 85 3.09 -8.31 0.29
C VAL A 85 2.61 -9.37 -0.71
N LEU A 86 2.90 -9.13 -1.99
CA LEU A 86 2.49 -10.05 -3.04
C LEU A 86 3.24 -11.38 -2.96
N ARG A 87 4.45 -11.34 -2.44
CA ARG A 87 5.26 -12.54 -2.27
C ARG A 87 4.74 -13.34 -1.08
N ASN A 88 4.19 -12.62 -0.10
CA ASN A 88 3.64 -13.24 1.10
C ASN A 88 2.30 -13.87 0.80
N ASN A 89 1.56 -13.25 -0.12
CA ASN A 89 0.26 -13.75 -0.53
C ASN A 89 0.29 -14.15 -2.01
N PRO A 90 0.99 -15.24 -2.36
CA PRO A 90 1.16 -15.65 -3.74
C PRO A 90 -0.06 -16.39 -4.27
N GLY A 91 -1.00 -16.68 -3.38
CA GLY A 91 -2.21 -17.37 -3.76
C GLY A 91 -3.18 -16.47 -4.49
N VAL A 92 -2.94 -15.17 -4.41
CA VAL A 92 -3.80 -14.20 -5.06
C VAL A 92 -3.34 -13.95 -6.48
N SER A 93 -4.16 -14.36 -7.45
CA SER A 93 -3.84 -14.20 -8.84
C SER A 93 -4.34 -12.86 -9.38
N CYS A 94 -5.34 -12.30 -8.72
CA CYS A 94 -5.94 -11.05 -9.16
C CYS A 94 -5.55 -9.88 -8.24
N TRP A 95 -4.57 -9.10 -8.66
CA TRP A 95 -4.18 -7.90 -7.93
C TRP A 95 -4.59 -6.66 -8.70
N TRP A 96 -5.32 -5.78 -8.04
CA TRP A 96 -5.79 -4.55 -8.65
C TRP A 96 -5.17 -3.34 -7.96
N MET A 97 -4.58 -2.46 -8.74
CA MET A 97 -3.96 -1.26 -8.21
C MET A 97 -4.80 -0.04 -8.57
N ALA A 98 -5.26 0.68 -7.56
CA ALA A 98 -6.04 1.89 -7.77
C ALA A 98 -5.34 3.10 -7.20
N ASP A 99 -5.44 4.22 -7.88
CA ASP A 99 -4.83 5.46 -7.40
C ASP A 99 -5.78 6.18 -6.45
N ALA A 100 -7.08 6.09 -6.75
CA ALA A 100 -8.13 6.67 -5.90
C ALA A 100 -7.99 8.17 -5.75
N GLY A 101 -7.31 8.80 -6.69
CA GLY A 101 -7.12 10.24 -6.64
C GLY A 101 -5.67 10.65 -6.72
N VAL A 102 -4.89 9.92 -7.52
CA VAL A 102 -3.50 10.28 -7.73
C VAL A 102 -3.34 10.98 -9.07
N GLU A 103 -2.75 12.16 -9.03
CA GLU A 103 -2.57 12.95 -10.23
C GLU A 103 -1.32 12.52 -10.98
N ASP A 104 -0.28 12.15 -10.24
CA ASP A 104 0.97 11.76 -10.87
C ASP A 104 0.94 10.32 -11.31
N ARG A 105 0.11 10.04 -12.29
CA ARG A 105 0.04 8.71 -12.86
C ARG A 105 1.29 8.43 -13.68
N GLY A 106 2.00 9.50 -14.04
CA GLY A 106 3.24 9.35 -14.77
C GLY A 106 4.29 8.63 -13.96
N VAL A 107 4.62 9.18 -12.80
CA VAL A 107 5.63 8.59 -11.94
C VAL A 107 5.18 7.21 -11.44
N MET A 108 3.93 7.10 -11.03
CA MET A 108 3.44 5.84 -10.46
C MET A 108 3.31 4.75 -11.52
N THR A 109 3.01 5.12 -12.76
CA THR A 109 2.96 4.14 -13.84
C THR A 109 4.36 3.63 -14.16
N ALA A 110 5.33 4.54 -14.21
CA ALA A 110 6.72 4.15 -14.44
C ALA A 110 7.21 3.24 -13.31
N PHE A 111 6.78 3.56 -12.10
CA PHE A 111 7.09 2.76 -10.92
C PHE A 111 6.53 1.35 -11.05
N MET A 112 5.24 1.26 -11.35
CA MET A 112 4.56 -0.04 -11.39
C MET A 112 4.91 -0.85 -12.62
N GLN A 113 5.12 -0.16 -13.74
CA GLN A 113 5.45 -0.84 -14.99
C GLN A 113 6.89 -1.36 -14.97
N ALA A 114 7.72 -0.75 -14.13
CA ALA A 114 9.09 -1.24 -13.94
C ALA A 114 9.14 -2.28 -12.83
N LEU A 115 8.10 -2.30 -11.99
CA LEU A 115 7.98 -3.31 -10.94
C LEU A 115 7.44 -4.60 -11.55
N GLY A 116 6.29 -4.49 -12.21
CA GLY A 116 5.69 -5.65 -12.84
C GLY A 116 4.18 -5.60 -12.82
N PHE A 117 3.62 -4.46 -13.19
CA PHE A 117 2.19 -4.29 -13.25
C PHE A 117 1.76 -3.90 -14.67
N THR A 118 0.62 -4.42 -15.09
CA THR A 118 0.06 -4.06 -16.37
C THR A 118 -0.67 -2.74 -16.25
N THR A 119 -0.26 -1.76 -17.04
CA THR A 119 -0.80 -0.42 -16.91
C THR A 119 -1.92 -0.18 -17.91
N GLN A 120 -3.05 0.33 -17.42
CA GLN A 120 -4.22 0.53 -18.24
C GLN A 120 -4.76 1.94 -18.08
N GLN A 121 -5.80 2.26 -18.85
CA GLN A 121 -6.42 3.56 -18.78
C GLN A 121 -7.41 3.61 -17.61
N GLY A 122 -6.90 3.97 -16.45
CA GLY A 122 -7.74 4.06 -15.27
C GLY A 122 -7.15 3.32 -14.08
N GLY A 123 -6.79 2.06 -14.29
CA GLY A 123 -6.23 1.28 -13.22
C GLY A 123 -5.02 0.49 -13.64
N TRP A 124 -4.44 -0.24 -12.70
CA TRP A 124 -3.30 -1.11 -12.98
C TRP A 124 -3.61 -2.51 -12.46
N GLU A 125 -3.21 -3.54 -13.20
CA GLU A 125 -3.49 -4.91 -12.79
C GLU A 125 -2.25 -5.77 -12.80
N LYS A 126 -2.21 -6.78 -11.93
CA LYS A 126 -1.15 -7.78 -11.96
C LYS A 126 -1.76 -9.16 -11.80
N CYS A 127 -1.51 -10.02 -12.77
CA CYS A 127 -2.03 -11.38 -12.73
C CYS A 127 -0.91 -12.37 -13.00
N GLY A 128 -0.52 -13.11 -11.98
CA GLY A 128 0.51 -14.12 -12.13
C GLY A 128 0.39 -15.21 -11.10
#